data_3RCI
# 
_entry.id   3RCI 
# 
_audit_conform.dict_name       mmcif_pdbx.dic 
_audit_conform.dict_version    5.379 
_audit_conform.dict_location   http://mmcif.pdb.org/dictionaries/ascii/mmcif_pdbx.dic 
# 
loop_
_database_2.database_id 
_database_2.database_code 
_database_2.pdbx_database_accession 
_database_2.pdbx_DOI 
PDB   3RCI         pdb_00003rci 10.2210/pdb3rci/pdb 
RCSB  RCSB064762   ?            ?                   
WWPDB D_1000064762 ?            ?                   
# 
loop_
_pdbx_database_related.db_name 
_pdbx_database_related.db_id 
_pdbx_database_related.details 
_pdbx_database_related.content_type 
PDB 3R49 . unspecified 
PDB 3R4G . unspecified 
PDB 3R54 . unspecified 
PDB 3R56 . unspecified 
PDB 3R57 . unspecified 
PDB 3R59 . unspecified 
PDB 3RCF . unspecified 
PDB 3RCG . unspecified 
PDB 3RCK . unspecified 
PDB 3RCL . unspecified 
PDB 3RD9 . unspecified 
PDB 3RDA . unspecified 
PDB 3RDB . unspecified 
PDB 3RDC . unspecified 
PDB 3RDD . unspecified 
# 
_pdbx_database_status.status_code                     REL 
_pdbx_database_status.entry_id                        3RCI 
_pdbx_database_status.recvd_initial_deposition_date   2011-03-31 
_pdbx_database_status.deposit_site                    RCSB 
_pdbx_database_status.process_site                    RCSB 
_pdbx_database_status.status_code_sf                  REL 
_pdbx_database_status.status_code_mr                  ? 
_pdbx_database_status.SG_entry                        ? 
_pdbx_database_status.status_code_cs                  ? 
_pdbx_database_status.methods_development_category    ? 
_pdbx_database_status.pdb_format_compatible           Y 
_pdbx_database_status.status_code_nmr_data            ? 
# 
loop_
_audit_author.name 
_audit_author.pdbx_ordinal 
'Colliandre, L.'     1 
'Ahmed-Belkacem, H.' 2 
'Bessin, Y.'         3 
'Pawlotsky, J.M.'    4 
'Guichou, J.F.'      5 
# 
_citation.id                        primary 
_citation.title                     
'Fragment-based discovery of a new family of non-peptidic small-molecule cyclophilin inhibitors with potent antiviral activities.' 
_citation.journal_abbrev            'Nat Commun' 
_citation.journal_volume            7 
_citation.page_first                12777 
_citation.page_last                 12777 
_citation.year                      2016 
_citation.journal_id_ASTM           ? 
_citation.country                   UK 
_citation.journal_id_ISSN           2041-1723 
_citation.journal_id_CSD            ? 
_citation.book_publisher            ? 
_citation.pdbx_database_id_PubMed   27652979 
_citation.pdbx_database_id_DOI      10.1038/ncomms12777 
# 
loop_
_citation_author.citation_id 
_citation_author.name 
_citation_author.ordinal 
_citation_author.identifier_ORCID 
primary 'Ahmed-Belkacem, A.' 1  ? 
primary 'Colliandre, L.'     2  ? 
primary 'Ahnou, N.'          3  ? 
primary 'Nevers, Q.'         4  ? 
primary 'Gelin, M.'          5  ? 
primary 'Bessin, Y.'         6  ? 
primary 'Brillet, R.'        7  ? 
primary 'Cala, O.'           8  ? 
primary 'Douguet, D.'        9  ? 
primary 'Bourguet, W.'       10 ? 
primary 'Krimm, I.'          11 ? 
primary 'Pawlotsky, J.M.'    12 ? 
primary 'Guichou, J.F.'      13 ? 
# 
_cell.entry_id           3RCI 
_cell.length_a           57.154 
_cell.length_b           57.154 
_cell.length_c           87.657 
_cell.angle_alpha        90.00 
_cell.angle_beta         90.00 
_cell.angle_gamma        90.00 
_cell.Z_PDB              8 
_cell.pdbx_unique_axis   ? 
_cell.length_a_esd       ? 
_cell.length_b_esd       ? 
_cell.length_c_esd       ? 
_cell.angle_alpha_esd    ? 
_cell.angle_beta_esd     ? 
_cell.angle_gamma_esd    ? 
# 
_symmetry.entry_id                         3RCI 
_symmetry.space_group_name_H-M             'P 41 21 2' 
_symmetry.pdbx_full_space_group_name_H-M   ? 
_symmetry.cell_setting                     ? 
_symmetry.Int_Tables_number                92 
_symmetry.space_group_name_Hall            ? 
# 
loop_
_entity.id 
_entity.type 
_entity.src_method 
_entity.pdbx_description 
_entity.formula_weight 
_entity.pdbx_number_of_molecules 
_entity.pdbx_ec 
_entity.pdbx_mutation 
_entity.pdbx_fragment 
_entity.details 
1 polymer     man 'Peptidyl-prolyl cis-trans isomerase F, mitochondrial' 17870.400 1   5.2.1.8 K175I 'UNP residues 43-207' ? 
2 non-polymer syn 5-methyl-1,2-oxazol-3-amine                            98.103    4   ?       ?     ?                     ? 
3 water       nat water                                                  18.015    279 ?       ?     ?                     ? 
# 
_entity_name_com.entity_id   1 
_entity_name_com.name        'PPIase F, Cyclophilin F, Rotamase F' 
# 
_entity_poly.entity_id                      1 
_entity_poly.type                           'polypeptide(L)' 
_entity_poly.nstd_linkage                   no 
_entity_poly.nstd_monomer                   no 
_entity_poly.pdbx_seq_one_letter_code       
;MSGNPLVYLDVDANGKPLGRVVLELKADVVPKTAENFRALCTGEKGFGYKGSTFHRVIPSFMCQAGDFTNHNGTGGKSIY
GSRFPDENFTLKHVGPGVLSMANAGPNTNGSQFFICTIKTDWLDGKHVVFGHVIEGMDVVKKIESFGSKSGRTSKKIVIT
DCGQLS
;
_entity_poly.pdbx_seq_one_letter_code_can   
;MSGNPLVYLDVDANGKPLGRVVLELKADVVPKTAENFRALCTGEKGFGYKGSTFHRVIPSFMCQAGDFTNHNGTGGKSIY
GSRFPDENFTLKHVGPGVLSMANAGPNTNGSQFFICTIKTDWLDGKHVVFGHVIEGMDVVKKIESFGSKSGRTSKKIVIT
DCGQLS
;
_entity_poly.pdbx_strand_id                 X 
_entity_poly.pdbx_target_identifier         ? 
# 
loop_
_entity_poly_seq.entity_id 
_entity_poly_seq.num 
_entity_poly_seq.mon_id 
_entity_poly_seq.hetero 
1 1   MET n 
1 2   SER n 
1 3   GLY n 
1 4   ASN n 
1 5   PRO n 
1 6   LEU n 
1 7   VAL n 
1 8   TYR n 
1 9   LEU n 
1 10  ASP n 
1 11  VAL n 
1 12  ASP n 
1 13  ALA n 
1 14  ASN n 
1 15  GLY n 
1 16  LYS n 
1 17  PRO n 
1 18  LEU n 
1 19  GLY n 
1 20  ARG n 
1 21  VAL n 
1 22  VAL n 
1 23  LEU n 
1 24  GLU n 
1 25  LEU n 
1 26  LYS n 
1 27  ALA n 
1 28  ASP n 
1 29  VAL n 
1 30  VAL n 
1 31  PRO n 
1 32  LYS n 
1 33  THR n 
1 34  ALA n 
1 35  GLU n 
1 36  ASN n 
1 37  PHE n 
1 38  ARG n 
1 39  ALA n 
1 40  LEU n 
1 41  CYS n 
1 42  THR n 
1 43  GLY n 
1 44  GLU n 
1 45  LYS n 
1 46  GLY n 
1 47  PHE n 
1 48  GLY n 
1 49  TYR n 
1 50  LYS n 
1 51  GLY n 
1 52  SER n 
1 53  THR n 
1 54  PHE n 
1 55  HIS n 
1 56  ARG n 
1 57  VAL n 
1 58  ILE n 
1 59  PRO n 
1 60  SER n 
1 61  PHE n 
1 62  MET n 
1 63  CYS n 
1 64  GLN n 
1 65  ALA n 
1 66  GLY n 
1 67  ASP n 
1 68  PHE n 
1 69  THR n 
1 70  ASN n 
1 71  HIS n 
1 72  ASN n 
1 73  GLY n 
1 74  THR n 
1 75  GLY n 
1 76  GLY n 
1 77  LYS n 
1 78  SER n 
1 79  ILE n 
1 80  TYR n 
1 81  GLY n 
1 82  SER n 
1 83  ARG n 
1 84  PHE n 
1 85  PRO n 
1 86  ASP n 
1 87  GLU n 
1 88  ASN n 
1 89  PHE n 
1 90  THR n 
1 91  LEU n 
1 92  LYS n 
1 93  HIS n 
1 94  VAL n 
1 95  GLY n 
1 96  PRO n 
1 97  GLY n 
1 98  VAL n 
1 99  LEU n 
1 100 SER n 
1 101 MET n 
1 102 ALA n 
1 103 ASN n 
1 104 ALA n 
1 105 GLY n 
1 106 PRO n 
1 107 ASN n 
1 108 THR n 
1 109 ASN n 
1 110 GLY n 
1 111 SER n 
1 112 GLN n 
1 113 PHE n 
1 114 PHE n 
1 115 ILE n 
1 116 CYS n 
1 117 THR n 
1 118 ILE n 
1 119 LYS n 
1 120 THR n 
1 121 ASP n 
1 122 TRP n 
1 123 LEU n 
1 124 ASP n 
1 125 GLY n 
1 126 LYS n 
1 127 HIS n 
1 128 VAL n 
1 129 VAL n 
1 130 PHE n 
1 131 GLY n 
1 132 HIS n 
1 133 VAL n 
1 134 ILE n 
1 135 GLU n 
1 136 GLY n 
1 137 MET n 
1 138 ASP n 
1 139 VAL n 
1 140 VAL n 
1 141 LYS n 
1 142 LYS n 
1 143 ILE n 
1 144 GLU n 
1 145 SER n 
1 146 PHE n 
1 147 GLY n 
1 148 SER n 
1 149 LYS n 
1 150 SER n 
1 151 GLY n 
1 152 ARG n 
1 153 THR n 
1 154 SER n 
1 155 LYS n 
1 156 LYS n 
1 157 ILE n 
1 158 VAL n 
1 159 ILE n 
1 160 THR n 
1 161 ASP n 
1 162 CYS n 
1 163 GLY n 
1 164 GLN n 
1 165 LEU n 
1 166 SER n 
# 
_entity_src_gen.entity_id                          1 
_entity_src_gen.pdbx_src_id                        1 
_entity_src_gen.pdbx_alt_source_flag               sample 
_entity_src_gen.pdbx_seq_type                      ? 
_entity_src_gen.pdbx_beg_seq_num                   ? 
_entity_src_gen.pdbx_end_seq_num                   ? 
_entity_src_gen.gene_src_common_name               human 
_entity_src_gen.gene_src_genus                     ? 
_entity_src_gen.pdbx_gene_src_gene                 'PPIF, CYP3' 
_entity_src_gen.gene_src_species                   ? 
_entity_src_gen.gene_src_strain                    ? 
_entity_src_gen.gene_src_tissue                    ? 
_entity_src_gen.gene_src_tissue_fraction           ? 
_entity_src_gen.gene_src_details                   ? 
_entity_src_gen.pdbx_gene_src_fragment             ? 
_entity_src_gen.pdbx_gene_src_scientific_name      'Homo sapiens' 
_entity_src_gen.pdbx_gene_src_ncbi_taxonomy_id     9606 
_entity_src_gen.pdbx_gene_src_variant              ? 
_entity_src_gen.pdbx_gene_src_cell_line            ? 
_entity_src_gen.pdbx_gene_src_atcc                 ? 
_entity_src_gen.pdbx_gene_src_organ                ? 
_entity_src_gen.pdbx_gene_src_organelle            ? 
_entity_src_gen.pdbx_gene_src_cell                 ? 
_entity_src_gen.pdbx_gene_src_cellular_location    ? 
_entity_src_gen.host_org_common_name               ? 
_entity_src_gen.pdbx_host_org_scientific_name      'Escherichia coli' 
_entity_src_gen.pdbx_host_org_ncbi_taxonomy_id     562 
_entity_src_gen.host_org_genus                     ? 
_entity_src_gen.pdbx_host_org_gene                 ? 
_entity_src_gen.pdbx_host_org_organ                ? 
_entity_src_gen.host_org_species                   ? 
_entity_src_gen.pdbx_host_org_tissue               ? 
_entity_src_gen.pdbx_host_org_tissue_fraction      ? 
_entity_src_gen.pdbx_host_org_strain               ? 
_entity_src_gen.pdbx_host_org_variant              ? 
_entity_src_gen.pdbx_host_org_cell_line            ? 
_entity_src_gen.pdbx_host_org_atcc                 ? 
_entity_src_gen.pdbx_host_org_culture_collection   ? 
_entity_src_gen.pdbx_host_org_cell                 ? 
_entity_src_gen.pdbx_host_org_organelle            ? 
_entity_src_gen.pdbx_host_org_cellular_location    ? 
_entity_src_gen.pdbx_host_org_vector_type          ? 
_entity_src_gen.pdbx_host_org_vector               ? 
_entity_src_gen.host_org_details                   ? 
_entity_src_gen.expression_system_id               ? 
_entity_src_gen.plasmid_name                       ? 
_entity_src_gen.plasmid_details                    ? 
_entity_src_gen.pdbx_description                   ? 
# 
_struct_ref.id                         1 
_struct_ref.db_name                    UNP 
_struct_ref.db_code                    PPIF_HUMAN 
_struct_ref.pdbx_db_accession          P30405 
_struct_ref.entity_id                  1 
_struct_ref.pdbx_seq_one_letter_code   
;SGNPLVYLDVDANGKPLGRVVLELKADVVPKTAENFRALCTGEKGFGYKGSTFHRVIPSFMCQAGDFTNHNGTGGKSIYG
SRFPDENFTLKHVGPGVLSMANAGPNTNGSQFFICTIKTDWLDGKHVVFGHVKEGMDVVKKIESFGSKSGRTSKKIVITD
CGQLS
;
_struct_ref.pdbx_align_begin           43 
_struct_ref.pdbx_db_isoform            ? 
# 
_struct_ref_seq.align_id                      1 
_struct_ref_seq.ref_id                        1 
_struct_ref_seq.pdbx_PDB_id_code              3RCI 
_struct_ref_seq.pdbx_strand_id                X 
_struct_ref_seq.seq_align_beg                 2 
_struct_ref_seq.pdbx_seq_align_beg_ins_code   ? 
_struct_ref_seq.seq_align_end                 166 
_struct_ref_seq.pdbx_seq_align_end_ins_code   ? 
_struct_ref_seq.pdbx_db_accession             P30405 
_struct_ref_seq.db_align_beg                  43 
_struct_ref_seq.pdbx_db_align_beg_ins_code    ? 
_struct_ref_seq.db_align_end                  207 
_struct_ref_seq.pdbx_db_align_end_ins_code    ? 
_struct_ref_seq.pdbx_auth_seq_align_beg       43 
_struct_ref_seq.pdbx_auth_seq_align_end       207 
# 
loop_
_struct_ref_seq_dif.align_id 
_struct_ref_seq_dif.pdbx_pdb_id_code 
_struct_ref_seq_dif.mon_id 
_struct_ref_seq_dif.pdbx_pdb_strand_id 
_struct_ref_seq_dif.seq_num 
_struct_ref_seq_dif.pdbx_pdb_ins_code 
_struct_ref_seq_dif.pdbx_seq_db_name 
_struct_ref_seq_dif.pdbx_seq_db_accession_code 
_struct_ref_seq_dif.db_mon_id 
_struct_ref_seq_dif.pdbx_seq_db_seq_num 
_struct_ref_seq_dif.details 
_struct_ref_seq_dif.pdbx_auth_seq_num 
_struct_ref_seq_dif.pdbx_ordinal 
1 3RCI MET X 1   ? UNP P30405 ?   ?   'initiating methionine' 42  1 
1 3RCI ILE X 134 ? UNP P30405 LYS 175 'engineered mutation'   175 2 
# 
loop_
_chem_comp.id 
_chem_comp.type 
_chem_comp.mon_nstd_flag 
_chem_comp.name 
_chem_comp.pdbx_synonyms 
_chem_comp.formula 
_chem_comp.formula_weight 
ALA 'L-peptide linking' y ALANINE                     ? 'C3 H7 N O2'     89.093  
ARG 'L-peptide linking' y ARGININE                    ? 'C6 H15 N4 O2 1' 175.209 
ASN 'L-peptide linking' y ASPARAGINE                  ? 'C4 H8 N2 O3'    132.118 
ASP 'L-peptide linking' y 'ASPARTIC ACID'             ? 'C4 H7 N O4'     133.103 
CYS 'L-peptide linking' y CYSTEINE                    ? 'C3 H7 N O2 S'   121.158 
GLN 'L-peptide linking' y GLUTAMINE                   ? 'C5 H10 N2 O3'   146.144 
GLU 'L-peptide linking' y 'GLUTAMIC ACID'             ? 'C5 H9 N O4'     147.129 
GLY 'peptide linking'   y GLYCINE                     ? 'C2 H5 N O2'     75.067  
HIS 'L-peptide linking' y HISTIDINE                   ? 'C6 H10 N3 O2 1' 156.162 
HOH non-polymer         . WATER                       ? 'H2 O'           18.015  
ILE 'L-peptide linking' y ISOLEUCINE                  ? 'C6 H13 N O2'    131.173 
LEU 'L-peptide linking' y LEUCINE                     ? 'C6 H13 N O2'    131.173 
LYS 'L-peptide linking' y LYSINE                      ? 'C6 H15 N2 O2 1' 147.195 
M3I non-polymer         . 5-methyl-1,2-oxazol-3-amine ? 'C4 H6 N2 O'     98.103  
MET 'L-peptide linking' y METHIONINE                  ? 'C5 H11 N O2 S'  149.211 
PHE 'L-peptide linking' y PHENYLALANINE               ? 'C9 H11 N O2'    165.189 
PRO 'L-peptide linking' y PROLINE                     ? 'C5 H9 N O2'     115.130 
SER 'L-peptide linking' y SERINE                      ? 'C3 H7 N O3'     105.093 
THR 'L-peptide linking' y THREONINE                   ? 'C4 H9 N O3'     119.119 
TRP 'L-peptide linking' y TRYPTOPHAN                  ? 'C11 H12 N2 O2'  204.225 
TYR 'L-peptide linking' y TYROSINE                    ? 'C9 H11 N O3'    181.189 
VAL 'L-peptide linking' y VALINE                      ? 'C5 H11 N O2'    117.146 
# 
_exptl.entry_id          3RCI 
_exptl.method            'X-RAY DIFFRACTION' 
_exptl.crystals_number   1 
# 
_exptl_crystal.id                    1 
_exptl_crystal.density_meas          ? 
_exptl_crystal.density_Matthews      2.00 
_exptl_crystal.density_percent_sol   38.59 
_exptl_crystal.description           ? 
_exptl_crystal.F_000                 ? 
_exptl_crystal.preparation           ? 
# 
_exptl_crystal_grow.crystal_id      1 
_exptl_crystal_grow.method          'VAPOR DIFFUSION, HANGING DROP' 
_exptl_crystal_grow.temp            291 
_exptl_crystal_grow.temp_details    ? 
_exptl_crystal_grow.pH              7.3 
_exptl_crystal_grow.pdbx_details    '30% PEG4000, pH 7.3, VAPOR DIFFUSION, HANGING DROP, temperature 291K' 
_exptl_crystal_grow.pdbx_pH_range   ? 
# 
_diffrn.id                     1 
_diffrn.ambient_temp           100 
_diffrn.ambient_temp_details   ? 
_diffrn.crystal_id             1 
# 
_diffrn_detector.diffrn_id              1 
_diffrn_detector.detector               CCD 
_diffrn_detector.type                   'ADSC QUANTUM 4' 
_diffrn_detector.pdbx_collection_date   2007-02-15 
_diffrn_detector.details                ? 
# 
_diffrn_radiation.diffrn_id                        1 
_diffrn_radiation.wavelength_id                    1 
_diffrn_radiation.pdbx_monochromatic_or_laue_m_l   M 
_diffrn_radiation.monochromator                    'yale mirror' 
_diffrn_radiation.pdbx_diffrn_protocol             'SINGLE WAVELENGTH' 
_diffrn_radiation.pdbx_scattering_type             x-ray 
# 
_diffrn_radiation_wavelength.id           1 
_diffrn_radiation_wavelength.wavelength   0.933 
_diffrn_radiation_wavelength.wt           1.0 
# 
_diffrn_source.diffrn_id                   1 
_diffrn_source.source                      SYNCHROTRON 
_diffrn_source.type                        'ESRF BEAMLINE ID14-2' 
_diffrn_source.pdbx_synchrotron_site       ESRF 
_diffrn_source.pdbx_synchrotron_beamline   ID14-2 
_diffrn_source.pdbx_wavelength             0.933 
_diffrn_source.pdbx_wavelength_list        ? 
# 
_reflns.entry_id                     3RCI 
_reflns.observed_criterion_sigma_I   9.7 
_reflns.observed_criterion_sigma_F   ? 
_reflns.d_resolution_low             29.0 
_reflns.d_resolution_high            1.44 
_reflns.number_obs                   25595 
_reflns.number_all                   25620 
_reflns.percent_possible_obs         99.9 
_reflns.pdbx_Rmerge_I_obs            ? 
_reflns.pdbx_Rsym_value              0.067 
_reflns.pdbx_netI_over_sigmaI        ? 
_reflns.B_iso_Wilson_estimate        ? 
_reflns.pdbx_redundancy              5.0 
_reflns.R_free_details               ? 
_reflns.limit_h_max                  ? 
_reflns.limit_h_min                  ? 
_reflns.limit_k_max                  ? 
_reflns.limit_k_min                  ? 
_reflns.limit_l_max                  ? 
_reflns.limit_l_min                  ? 
_reflns.observed_criterion_F_max     ? 
_reflns.observed_criterion_F_min     ? 
_reflns.pdbx_chi_squared             ? 
_reflns.pdbx_scaling_rejects         ? 
_reflns.pdbx_ordinal                 1 
_reflns.pdbx_diffrn_id               1 
# 
_reflns_shell.d_res_high             1.44 
_reflns_shell.d_res_low              1.47 
_reflns_shell.percent_possible_all   99.6 
_reflns_shell.Rmerge_I_obs           ? 
_reflns_shell.pdbx_Rsym_value        0.491 
_reflns_shell.meanI_over_sigI_obs    1.8 
_reflns_shell.pdbx_redundancy        5.2 
_reflns_shell.percent_possible_obs   ? 
_reflns_shell.number_unique_all      ? 
_reflns_shell.number_measured_all    ? 
_reflns_shell.number_measured_obs    ? 
_reflns_shell.number_unique_obs      ? 
_reflns_shell.pdbx_chi_squared       ? 
_reflns_shell.pdbx_ordinal           1 
_reflns_shell.pdbx_diffrn_id         1 
# 
_refine.entry_id                                 3RCI 
_refine.ls_number_reflns_obs                     25595 
_refine.ls_number_reflns_all                     25620 
_refine.pdbx_ls_sigma_I                          ? 
_refine.pdbx_ls_sigma_F                          ? 
_refine.pdbx_data_cutoff_high_absF               ? 
_refine.pdbx_data_cutoff_low_absF                ? 
_refine.pdbx_data_cutoff_high_rms_absF           ? 
_refine.ls_d_res_low                             26.02 
_refine.ls_d_res_high                            1.44 
_refine.ls_percent_reflns_obs                    99.83 
_refine.ls_R_factor_obs                          0.16924 
_refine.ls_R_factor_all                          0.169 
_refine.ls_R_factor_R_work                       0.16777 
_refine.ls_R_factor_R_free                       0.19703 
_refine.ls_R_factor_R_free_error                 ? 
_refine.ls_R_factor_R_free_error_details         ? 
_refine.ls_percent_reflns_R_free                 5.0 
_refine.ls_number_reflns_R_free                  1360 
_refine.ls_number_parameters                     ? 
_refine.ls_number_restraints                     ? 
_refine.occupancy_min                            ? 
_refine.occupancy_max                            ? 
_refine.correlation_coeff_Fo_to_Fc               0.963 
_refine.correlation_coeff_Fo_to_Fc_free          0.950 
_refine.B_iso_mean                               6.837 
_refine.aniso_B[1][1]                            -0.13 
_refine.aniso_B[2][2]                            -0.13 
_refine.aniso_B[3][3]                            0.27 
_refine.aniso_B[1][2]                            0.00 
_refine.aniso_B[1][3]                            0.00 
_refine.aniso_B[2][3]                            0.00 
_refine.solvent_model_details                    MASK 
_refine.solvent_model_param_ksol                 ? 
_refine.solvent_model_param_bsol                 ? 
_refine.pdbx_solvent_vdw_probe_radii             1.40 
_refine.pdbx_solvent_ion_probe_radii             0.80 
_refine.pdbx_solvent_shrinkage_radii             0.80 
_refine.pdbx_ls_cross_valid_method               THROUGHOUT 
_refine.details                                  'HYDROGENS HAVE BEEN ADDED IN THE RIDING POSITIONS' 
_refine.pdbx_starting_model                      'PDB ENTRY 2BIT' 
_refine.pdbx_method_to_determine_struct          'MOLECULAR REPLACEMENT' 
_refine.pdbx_isotropic_thermal_model             ? 
_refine.pdbx_stereochemistry_target_values       'MAXIMUM LIKELIHOOD' 
_refine.pdbx_stereochem_target_val_spec_case     ? 
_refine.pdbx_R_Free_selection_details            RANDOM 
_refine.pdbx_overall_ESU_R_Free                  0.071 
_refine.overall_SU_ML                            0.048 
_refine.overall_SU_B                             1.213 
_refine.overall_SU_R_Cruickshank_DPI             ? 
_refine.ls_redundancy_reflns_obs                 ? 
_refine.B_iso_min                                ? 
_refine.B_iso_max                                ? 
_refine.overall_SU_R_free                        ? 
_refine.ls_wR_factor_R_free                      ? 
_refine.ls_wR_factor_R_work                      ? 
_refine.overall_FOM_free_R_set                   ? 
_refine.overall_FOM_work_R_set                   ? 
_refine.pdbx_overall_phase_error                 ? 
_refine.pdbx_refine_id                           'X-RAY DIFFRACTION' 
_refine.pdbx_overall_ESU_R                       0.070 
_refine.pdbx_diffrn_id                           1 
_refine.pdbx_TLS_residual_ADP_flag               ? 
_refine.pdbx_overall_SU_R_free_Cruickshank_DPI   ? 
_refine.pdbx_overall_SU_R_Blow_DPI               ? 
_refine.pdbx_overall_SU_R_free_Blow_DPI          ? 
# 
_refine_hist.pdbx_refine_id                   'X-RAY DIFFRACTION' 
_refine_hist.cycle_id                         LAST 
_refine_hist.pdbx_number_atoms_protein        1226 
_refine_hist.pdbx_number_atoms_nucleic_acid   0 
_refine_hist.pdbx_number_atoms_ligand         28 
_refine_hist.number_atoms_solvent             279 
_refine_hist.number_atoms_total               1533 
_refine_hist.d_res_high                       1.44 
_refine_hist.d_res_low                        26.02 
# 
loop_
_refine_ls_restr.type 
_refine_ls_restr.dev_ideal 
_refine_ls_restr.dev_ideal_target 
_refine_ls_restr.weight 
_refine_ls_restr.number 
_refine_ls_restr.pdbx_restraint_function 
_refine_ls_restr.pdbx_refine_id 
r_bond_refined_d       0.010  0.022  ? 1306 ? 'X-RAY DIFFRACTION' 
r_bond_other_d         0.002  0.020  ? 880  ? 'X-RAY DIFFRACTION' 
r_angle_refined_deg    1.392  1.974  ? 1763 ? 'X-RAY DIFFRACTION' 
r_angle_other_deg      0.845  3.008  ? 2138 ? 'X-RAY DIFFRACTION' 
r_dihedral_angle_1_deg 6.084  5.000  ? 165  ? 'X-RAY DIFFRACTION' 
r_dihedral_angle_2_deg 30.454 24.231 ? 52   ? 'X-RAY DIFFRACTION' 
r_dihedral_angle_3_deg 10.302 15.000 ? 211  ? 'X-RAY DIFFRACTION' 
r_dihedral_angle_4_deg 19.897 15.000 ? 5    ? 'X-RAY DIFFRACTION' 
r_chiral_restr         0.079  0.200  ? 190  ? 'X-RAY DIFFRACTION' 
r_gen_planes_refined   0.005  0.021  ? 1478 ? 'X-RAY DIFFRACTION' 
r_gen_planes_other     0.001  0.020  ? 269  ? 'X-RAY DIFFRACTION' 
r_mcbond_it            0.594  1.500  ? 810  ? 'X-RAY DIFFRACTION' 
r_mcbond_other         0.182  1.500  ? 343  ? 'X-RAY DIFFRACTION' 
r_mcangle_it           0.949  2.000  ? 1305 ? 'X-RAY DIFFRACTION' 
r_scbond_it            1.356  3.000  ? 496  ? 'X-RAY DIFFRACTION' 
r_scangle_it           2.018  4.500  ? 457  ? 'X-RAY DIFFRACTION' 
# 
_refine_ls_shell.pdbx_total_number_of_bins_used   20 
_refine_ls_shell.d_res_high                       1.440 
_refine_ls_shell.d_res_low                        1.477 
_refine_ls_shell.number_reflns_R_work             1846 
_refine_ls_shell.R_factor_R_work                  0.339 
_refine_ls_shell.percent_reflns_obs               99.85 
_refine_ls_shell.R_factor_R_free                  0.388 
_refine_ls_shell.R_factor_R_free_error            ? 
_refine_ls_shell.percent_reflns_R_free            ? 
_refine_ls_shell.number_reflns_R_free             93 
_refine_ls_shell.number_reflns_all                ? 
_refine_ls_shell.R_factor_all                     ? 
_refine_ls_shell.number_reflns_obs                ? 
_refine_ls_shell.redundancy_reflns_obs            ? 
_refine_ls_shell.pdbx_refine_id                   'X-RAY DIFFRACTION' 
# 
_struct.entry_id                  3RCI 
_struct.title                     'Human cyclophilin D complexed with 5-methyl-1,2-oxazol-3-amine' 
_struct.pdbx_model_details        ? 
_struct.pdbx_CASP_flag            ? 
_struct.pdbx_model_type_details   ? 
# 
_struct_keywords.entry_id        3RCI 
_struct_keywords.pdbx_keywords   'ISOMERASE/ISOMERASE INHIBITOR' 
_struct_keywords.text            
'beta barrel, prolyl cis/trans isomerase, mitochondria, inhibitor, ISOMERASE-ISOMERASE INHIBITOR complex' 
# 
loop_
_struct_asym.id 
_struct_asym.pdbx_blank_PDB_chainid_flag 
_struct_asym.pdbx_modified 
_struct_asym.entity_id 
_struct_asym.details 
A N N 1 ? 
B N N 2 ? 
C N N 2 ? 
D N N 2 ? 
E N N 2 ? 
F N N 3 ? 
# 
_struct_biol.id        1 
_struct_biol.details   ? 
# 
loop_
_struct_conf.conf_type_id 
_struct_conf.id 
_struct_conf.pdbx_PDB_helix_id 
_struct_conf.beg_label_comp_id 
_struct_conf.beg_label_asym_id 
_struct_conf.beg_label_seq_id 
_struct_conf.pdbx_beg_PDB_ins_code 
_struct_conf.end_label_comp_id 
_struct_conf.end_label_asym_id 
_struct_conf.end_label_seq_id 
_struct_conf.pdbx_end_PDB_ins_code 
_struct_conf.beg_auth_comp_id 
_struct_conf.beg_auth_asym_id 
_struct_conf.beg_auth_seq_id 
_struct_conf.end_auth_comp_id 
_struct_conf.end_auth_asym_id 
_struct_conf.end_auth_seq_id 
_struct_conf.pdbx_PDB_helix_class 
_struct_conf.details 
_struct_conf.pdbx_PDB_helix_length 
HELX_P HELX_P1 1 VAL A 30  ? GLY A 43  ? VAL X 71  GLY X 84  1 ? 14 
HELX_P HELX_P2 2 THR A 120 ? ASP A 124 ? THR X 161 ASP X 165 5 ? 5  
HELX_P HELX_P3 3 GLY A 136 ? PHE A 146 ? GLY X 177 PHE X 187 1 ? 11 
# 
_struct_conf_type.id          HELX_P 
_struct_conf_type.criteria    ? 
_struct_conf_type.reference   ? 
# 
_struct_sheet.id               A 
_struct_sheet.type             ? 
_struct_sheet.number_strands   8 
_struct_sheet.details          ? 
# 
loop_
_struct_sheet_order.sheet_id 
_struct_sheet_order.range_id_1 
_struct_sheet_order.range_id_2 
_struct_sheet_order.offset 
_struct_sheet_order.sense 
A 1 2 ? anti-parallel 
A 2 3 ? anti-parallel 
A 3 4 ? anti-parallel 
A 4 5 ? anti-parallel 
A 5 6 ? anti-parallel 
A 6 7 ? anti-parallel 
A 7 8 ? anti-parallel 
# 
loop_
_struct_sheet_range.sheet_id 
_struct_sheet_range.id 
_struct_sheet_range.beg_label_comp_id 
_struct_sheet_range.beg_label_asym_id 
_struct_sheet_range.beg_label_seq_id 
_struct_sheet_range.pdbx_beg_PDB_ins_code 
_struct_sheet_range.end_label_comp_id 
_struct_sheet_range.end_label_asym_id 
_struct_sheet_range.end_label_seq_id 
_struct_sheet_range.pdbx_end_PDB_ins_code 
_struct_sheet_range.beg_auth_comp_id 
_struct_sheet_range.beg_auth_asym_id 
_struct_sheet_range.beg_auth_seq_id 
_struct_sheet_range.end_auth_comp_id 
_struct_sheet_range.end_auth_asym_id 
_struct_sheet_range.end_auth_seq_id 
A 1 PHE A 54  ? ILE A 58  ? PHE X 95  ILE X 99  
A 2 MET A 62  ? ALA A 65  ? MET X 103 ALA X 106 
A 3 PHE A 113 ? CYS A 116 ? PHE X 154 CYS X 157 
A 4 VAL A 98  ? MET A 101 ? VAL X 139 MET X 142 
A 5 VAL A 129 ? GLU A 135 ? VAL X 170 GLU X 176 
A 6 LYS A 16  ? LEU A 25  ? LYS X 57  LEU X 66  
A 7 LEU A 6   ? ALA A 13  ? LEU X 47  ALA X 54  
A 8 ILE A 157 ? GLN A 164 ? ILE X 198 GLN X 205 
# 
loop_
_pdbx_struct_sheet_hbond.sheet_id 
_pdbx_struct_sheet_hbond.range_id_1 
_pdbx_struct_sheet_hbond.range_id_2 
_pdbx_struct_sheet_hbond.range_1_label_atom_id 
_pdbx_struct_sheet_hbond.range_1_label_comp_id 
_pdbx_struct_sheet_hbond.range_1_label_asym_id 
_pdbx_struct_sheet_hbond.range_1_label_seq_id 
_pdbx_struct_sheet_hbond.range_1_PDB_ins_code 
_pdbx_struct_sheet_hbond.range_1_auth_atom_id 
_pdbx_struct_sheet_hbond.range_1_auth_comp_id 
_pdbx_struct_sheet_hbond.range_1_auth_asym_id 
_pdbx_struct_sheet_hbond.range_1_auth_seq_id 
_pdbx_struct_sheet_hbond.range_2_label_atom_id 
_pdbx_struct_sheet_hbond.range_2_label_comp_id 
_pdbx_struct_sheet_hbond.range_2_label_asym_id 
_pdbx_struct_sheet_hbond.range_2_label_seq_id 
_pdbx_struct_sheet_hbond.range_2_PDB_ins_code 
_pdbx_struct_sheet_hbond.range_2_auth_atom_id 
_pdbx_struct_sheet_hbond.range_2_auth_comp_id 
_pdbx_struct_sheet_hbond.range_2_auth_asym_id 
_pdbx_struct_sheet_hbond.range_2_auth_seq_id 
A 1 2 N ARG A 56  ? N ARG X 97  O GLN A 64  ? O GLN X 105 
A 2 3 N ALA A 65  ? N ALA X 106 O PHE A 113 ? O PHE X 154 
A 3 4 O PHE A 114 ? O PHE X 155 N SER A 100 ? N SER X 141 
A 4 5 N LEU A 99  ? N LEU X 140 O GLY A 131 ? O GLY X 172 
A 5 6 O ILE A 134 ? O ILE X 175 N VAL A 22  ? N VAL X 63  
A 6 7 O LEU A 18  ? O LEU X 59  N VAL A 11  ? N VAL X 52  
A 7 8 N ASP A 10  ? N ASP X 51  O ASP A 161 ? O ASP X 202 
# 
loop_
_struct_site.id 
_struct_site.pdbx_evidence_code 
_struct_site.pdbx_auth_asym_id 
_struct_site.pdbx_auth_comp_id 
_struct_site.pdbx_auth_seq_id 
_struct_site.pdbx_auth_ins_code 
_struct_site.pdbx_num_residues 
_struct_site.details 
AC1 Software X M3I 1   ? 6  'BINDING SITE FOR RESIDUE M3I X 1'   
AC2 Software X M3I 208 ? 8  'BINDING SITE FOR RESIDUE M3I X 208' 
AC3 Software X M3I 209 ? 11 'BINDING SITE FOR RESIDUE M3I X 209' 
AC4 Software X M3I 210 ? 6  'BINDING SITE FOR RESIDUE M3I X 210' 
# 
loop_
_struct_site_gen.id 
_struct_site_gen.site_id 
_struct_site_gen.pdbx_num_res 
_struct_site_gen.label_comp_id 
_struct_site_gen.label_asym_id 
_struct_site_gen.label_seq_id 
_struct_site_gen.pdbx_auth_ins_code 
_struct_site_gen.auth_comp_id 
_struct_site_gen.auth_asym_id 
_struct_site_gen.auth_seq_id 
_struct_site_gen.label_atom_id 
_struct_site_gen.label_alt_id 
_struct_site_gen.symmetry 
_struct_site_gen.details 
1  AC1 6  ARG A 56  ? ARG X 97  . ? 1_555 ? 
2  AC1 6  ALA A 102 ? ALA X 143 . ? 1_555 ? 
3  AC1 6  ASN A 103 ? ASN X 144 . ? 1_555 ? 
4  AC1 6  HIS A 127 ? HIS X 168 . ? 1_555 ? 
5  AC1 6  M3I C .   ? M3I X 208 . ? 1_555 ? 
6  AC1 6  HOH F .   ? HOH X 228 . ? 1_555 ? 
7  AC2 8  M3I B .   ? M3I X 1   . ? 1_555 ? 
8  AC2 8  HIS A 55  ? HIS X 96  . ? 1_555 ? 
9  AC2 8  ARG A 56  ? ARG X 97  . ? 1_555 ? 
10 AC2 8  GLN A 64  ? GLN X 105 . ? 1_555 ? 
11 AC2 8  ASN A 72  ? ASN X 113 . ? 1_555 ? 
12 AC2 8  GLY A 73  ? GLY X 114 . ? 1_555 ? 
13 AC2 8  THR A 90  ? THR X 131 . ? 4_454 ? 
14 AC2 8  M3I D .   ? M3I X 209 . ? 1_555 ? 
15 AC3 11 GLN A 64  ? GLN X 105 . ? 1_555 ? 
16 AC3 11 GLY A 73  ? GLY X 114 . ? 1_555 ? 
17 AC3 11 ARG A 83  ? ARG X 124 . ? 1_555 ? 
18 AC3 11 ALA A 102 ? ALA X 143 . ? 1_555 ? 
19 AC3 11 ASN A 103 ? ASN X 144 . ? 1_555 ? 
20 AC3 11 THR A 108 ? THR X 149 . ? 1_555 ? 
21 AC3 11 GLN A 112 ? GLN X 153 . ? 1_555 ? 
22 AC3 11 M3I C .   ? M3I X 208 . ? 1_555 ? 
23 AC3 11 HOH F .   ? HOH X 339 . ? 1_555 ? 
24 AC3 11 HOH F .   ? HOH X 361 . ? 1_555 ? 
25 AC3 11 HOH F .   ? HOH X 449 . ? 1_555 ? 
26 AC4 6  VAL A 94  ? VAL X 135 . ? 1_555 ? 
27 AC4 6  GLY A 95  ? GLY X 136 . ? 1_555 ? 
28 AC4 6  PRO A 96  ? PRO X 137 . ? 1_555 ? 
29 AC4 6  HIS A 132 ? HIS X 173 . ? 1_555 ? 
30 AC4 6  HOH F .   ? HOH X 300 . ? 1_555 ? 
31 AC4 6  HOH F .   ? HOH X 301 . ? 1_555 ? 
# 
_atom_sites.entry_id                    3RCI 
_atom_sites.fract_transf_matrix[1][1]   -0.00260065 
_atom_sites.fract_transf_matrix[1][2]   0.01007578 
_atom_sites.fract_transf_matrix[1][3]   0.01406628 
_atom_sites.fract_transf_matrix[2][1]   0.01091276 
_atom_sites.fract_transf_matrix[2][2]   0.01199358 
_atom_sites.fract_transf_matrix[2][3]   -0.00657348 
_atom_sites.fract_transf_matrix[3][1]   -0.00875459 
_atom_sites.fract_transf_matrix[3][2]   0.00508297 
_atom_sites.fract_transf_matrix[3][3]   -0.00525956 
_atom_sites.fract_transf_vector[1]      0.211741 
_atom_sites.fract_transf_vector[2]      0.240358 
_atom_sites.fract_transf_vector[3]      0.270166 
# 
loop_
_atom_type.symbol 
C 
N 
O 
S 
# 
loop_
_atom_site.group_PDB 
_atom_site.id 
_atom_site.type_symbol 
_atom_site.label_atom_id 
_atom_site.label_alt_id 
_atom_site.label_comp_id 
_atom_site.label_asym_id 
_atom_site.label_entity_id 
_atom_site.label_seq_id 
_atom_site.pdbx_PDB_ins_code 
_atom_site.Cartn_x 
_atom_site.Cartn_y 
_atom_site.Cartn_z 
_atom_site.occupancy 
_atom_site.B_iso_or_equiv 
_atom_site.pdbx_formal_charge 
_atom_site.auth_seq_id 
_atom_site.auth_comp_id 
_atom_site.auth_asym_id 
_atom_site.auth_atom_id 
_atom_site.pdbx_PDB_model_num 
ATOM   1    N N   . GLY A 1 3   ? -16.932 12.809  -1.945  1.00 13.21 ? 44  GLY X N   1 
ATOM   2    C CA  . GLY A 1 3   ? -15.481 13.100  -1.934  1.00 11.98 ? 44  GLY X CA  1 
ATOM   3    C C   . GLY A 1 3   ? -14.636 11.862  -2.151  1.00 10.99 ? 44  GLY X C   1 
ATOM   4    O O   . GLY A 1 3   ? -15.144 10.776  -2.485  1.00 11.36 ? 44  GLY X O   1 
ATOM   5    N N   . ASN A 1 4   ? -13.328 12.038  -1.964  1.00 8.95  ? 45  ASN X N   1 
ATOM   6    C CA  . ASN A 1 4   ? -12.357 10.940  -2.101  1.00 8.30  ? 45  ASN X CA  1 
ATOM   7    C C   . ASN A 1 4   ? -12.583 9.851   -1.055  1.00 8.38  ? 45  ASN X C   1 
ATOM   8    O O   . ASN A 1 4   ? -12.839 10.153  0.109   1.00 9.19  ? 45  ASN X O   1 
ATOM   9    C CB  . ASN A 1 4   ? -10.912 11.450  -1.931  1.00 7.24  ? 45  ASN X CB  1 
ATOM   10   C CG  . ASN A 1 4   ? -10.387 12.157  -3.157  1.00 6.45  ? 45  ASN X CG  1 
ATOM   11   O OD1 . ASN A 1 4   ? -10.863 11.929  -4.265  1.00 7.24  ? 45  ASN X OD1 1 
ATOM   12   N ND2 . ASN A 1 4   ? -9.380  13.007  -2.964  1.00 7.68  ? 45  ASN X ND2 1 
ATOM   13   N N   . PRO A 1 5   ? -12.412 8.588   -1.450  1.00 7.63  ? 46  PRO X N   1 
ATOM   14   C CA  . PRO A 1 5   ? -12.546 7.534   -0.458  1.00 7.47  ? 46  PRO X CA  1 
ATOM   15   C C   . PRO A 1 5   ? -11.548 7.648   0.689   1.00 6.36  ? 46  PRO X C   1 
ATOM   16   O O   . PRO A 1 5   ? -10.366 8.022   0.494   1.00 6.53  ? 46  PRO X O   1 
ATOM   17   C CB  . PRO A 1 5   ? -12.263 6.250   -1.247  1.00 7.45  ? 46  PRO X CB  1 
ATOM   18   C CG  . PRO A 1 5   ? -12.392 6.589   -2.645  1.00 8.49  ? 46  PRO X CG  1 
ATOM   19   C CD  . PRO A 1 5   ? -12.071 8.042   -2.771  1.00 7.36  ? 46  PRO X CD  1 
ATOM   20   N N   . LEU A 1 6   ? -12.032 7.262   1.865   1.00 5.71  ? 47  LEU X N   1 
ATOM   21   C CA  . LEU A 1 6   ? -11.192 6.993   3.028   1.00 6.41  ? 47  LEU X CA  1 
ATOM   22   C C   . LEU A 1 6   ? -11.287 5.496   3.287   1.00 6.33  ? 47  LEU X C   1 
ATOM   23   O O   . LEU A 1 6   ? -12.398 4.950   3.396   1.00 6.18  ? 47  LEU X O   1 
ATOM   24   C CB  . LEU A 1 6   ? -11.662 7.710   4.299   1.00 7.52  ? 47  LEU X CB  1 
ATOM   25   C CG  . LEU A 1 6   ? -11.440 9.193   4.490   1.00 10.09 ? 47  LEU X CG  1 
ATOM   26   C CD1 . LEU A 1 6   ? -11.741 9.498   5.962   1.00 8.74  ? 47  LEU X CD1 1 
ATOM   27   C CD2 . LEU A 1 6   ? -10.036 9.590   4.105   1.00 11.18 ? 47  LEU X CD2 1 
ATOM   28   N N   . VAL A 1 7   ? -10.132 4.846   3.368   1.00 5.92  ? 48  VAL X N   1 
ATOM   29   C CA  . VAL A 1 7   ? -10.052 3.416   3.661   1.00 5.47  ? 48  VAL X CA  1 
ATOM   30   C C   . VAL A 1 7   ? -9.144  3.175   4.866   1.00 4.91  ? 48  VAL X C   1 
ATOM   31   O O   . VAL A 1 7   ? -8.438  4.099   5.301   1.00 5.04  ? 48  VAL X O   1 
ATOM   32   C CB  . VAL A 1 7   ? -9.573  2.592   2.415   1.00 5.76  ? 48  VAL X CB  1 
ATOM   33   C CG1 . VAL A 1 7   ? -10.583 2.720   1.274   1.00 6.75  ? 48  VAL X CG1 1 
ATOM   34   C CG2 . VAL A 1 7   ? -8.155  3.028   1.956   1.00 5.90  ? 48  VAL X CG2 1 
ATOM   35   N N   . TYR A 1 8   ? -9.173  1.956   5.397   1.00 5.71  ? 49  TYR X N   1 
ATOM   36   C CA  . TYR A 1 8   ? -8.364  1.608   6.558   1.00 6.18  ? 49  TYR X CA  1 
ATOM   37   C C   . TYR A 1 8   ? -7.702  0.241   6.411   1.00 5.46  ? 49  TYR X C   1 
ATOM   38   O O   . TYR A 1 8   ? -8.241  -0.662  5.769   1.00 6.48  ? 49  TYR X O   1 
ATOM   39   C CB  . TYR A 1 8   ? -9.189  1.653   7.855   1.00 6.43  ? 49  TYR X CB  1 
ATOM   40   C CG  . TYR A 1 8   ? -10.217 0.565   7.983   1.00 6.50  ? 49  TYR X CG  1 
ATOM   41   C CD1 . TYR A 1 8   ? -9.928  -0.641  8.644   1.00 6.49  ? 49  TYR X CD1 1 
ATOM   42   C CD2 . TYR A 1 8   ? -11.488 0.729   7.468   1.00 7.99  ? 49  TYR X CD2 1 
ATOM   43   C CE1 . TYR A 1 8   ? -10.887 -1.641  8.763   1.00 7.55  ? 49  TYR X CE1 1 
ATOM   44   C CE2 . TYR A 1 8   ? -12.445 -0.270  7.587   1.00 8.85  ? 49  TYR X CE2 1 
ATOM   45   C CZ  . TYR A 1 8   ? -12.139 -1.451  8.242   1.00 8.94  ? 49  TYR X CZ  1 
ATOM   46   O OH  . TYR A 1 8   ? -13.093 -2.455  8.344   1.00 12.48 ? 49  TYR X OH  1 
ATOM   47   N N   . LEU A 1 9   ? -6.527  0.130   7.023   1.00 5.91  ? 50  LEU X N   1 
ATOM   48   C CA  . LEU A 1 9   ? -5.835  -1.138  7.271   1.00 5.81  ? 50  LEU X CA  1 
ATOM   49   C C   . LEU A 1 9   ? -5.595  -1.277  8.769   1.00 6.05  ? 50  LEU X C   1 
ATOM   50   O O   . LEU A 1 9   ? -4.983  -0.394  9.383   1.00 5.73  ? 50  LEU X O   1 
ATOM   51   C CB  . LEU A 1 9   ? -4.461  -1.155  6.590   1.00 6.09  ? 50  LEU X CB  1 
ATOM   52   C CG  . LEU A 1 9   ? -4.377  -0.705  5.134   1.00 5.38  ? 50  LEU X CG  1 
ATOM   53   C CD1 . LEU A 1 9   ? -2.890  -0.573  4.679   1.00 4.69  ? 50  LEU X CD1 1 
ATOM   54   C CD2 . LEU A 1 9   ? -5.200  -1.650  4.246   1.00 5.14  ? 50  LEU X CD2 1 
ATOM   55   N N   . ASP A 1 10  ? -6.055  -2.383  9.345   1.00 6.13  ? 51  ASP X N   1 
ATOM   56   C CA  . ASP A 1 10  ? -5.741  -2.721  10.736  1.00 6.68  ? 51  ASP X CA  1 
ATOM   57   C C   . ASP A 1 10  ? -4.607  -3.722  10.674  1.00 6.42  ? 51  ASP X C   1 
ATOM   58   O O   . ASP A 1 10  ? -4.718  -4.736  9.991   1.00 6.42  ? 51  ASP X O   1 
ATOM   59   C CB  . ASP A 1 10  ? -6.953  -3.330  11.431  1.00 6.41  ? 51  ASP X CB  1 
ATOM   60   C CG  . ASP A 1 10  ? -8.016  -2.293  11.737  1.00 7.77  ? 51  ASP X CG  1 
ATOM   61   O OD1 . ASP A 1 10  ? -7.672  -1.110  11.854  1.00 10.89 ? 51  ASP X OD1 1 
ATOM   62   O OD2 . ASP A 1 10  ? -9.202  -2.656  11.846  1.00 10.29 ? 51  ASP X OD2 1 
ATOM   63   N N   . VAL A 1 11  ? -3.524  -3.432  11.392  1.00 7.30  ? 52  VAL X N   1 
ATOM   64   C CA  . VAL A 1 11  ? -2.291  -4.199  11.257  1.00 7.98  ? 52  VAL X CA  1 
ATOM   65   C C   . VAL A 1 11  ? -1.854  -4.820  12.587  1.00 8.83  ? 52  VAL X C   1 
ATOM   66   O O   . VAL A 1 11  ? -1.816  -4.137  13.603  1.00 9.12  ? 52  VAL X O   1 
ATOM   67   C CB  . VAL A 1 11  ? -1.180  -3.289  10.729  1.00 8.27  ? 52  VAL X CB  1 
ATOM   68   C CG1 . VAL A 1 11  ? 0.073   -4.104  10.397  1.00 9.13  ? 52  VAL X CG1 1 
ATOM   69   C CG2 . VAL A 1 11  ? -1.660  -2.524  9.467   1.00 6.99  ? 52  VAL X CG2 1 
ATOM   70   N N   . ASP A 1 12  ? -1.531  -6.116  12.541  1.00 9.17  ? 53  ASP X N   1 
ATOM   71   C CA  . ASP A 1 12  ? -0.941  -6.858  13.680  1.00 10.58 ? 53  ASP X CA  1 
ATOM   72   C C   . ASP A 1 12  ? 0.542   -7.063  13.409  1.00 9.90  ? 53  ASP X C   1 
ATOM   73   O O   . ASP A 1 12  ? 0.951   -7.110  12.250  1.00 10.46 ? 53  ASP X O   1 
ATOM   74   C CB  . ASP A 1 12  ? -1.484  -8.289  13.768  1.00 11.42 ? 53  ASP X CB  1 
ATOM   75   C CG  . ASP A 1 12  ? -2.763  -8.434  14.566  1.00 14.83 ? 53  ASP X CG  1 
ATOM   76   O OD1 . ASP A 1 12  ? -3.167  -9.619  14.702  1.00 19.80 ? 53  ASP X OD1 1 
ATOM   77   O OD2 . ASP A 1 12  ? -3.370  -7.458  15.040  1.00 17.08 ? 53  ASP X OD2 1 
ATOM   78   N N   . ALA A 1 13  ? 1.338   -7.251  14.469  1.00 9.35  ? 54  ALA X N   1 
ATOM   79   C CA  . ALA A 1 13  ? 2.727   -7.727  14.350  1.00 9.79  ? 54  ALA X CA  1 
ATOM   80   C C   . ALA A 1 13  ? 2.866   -8.902  15.316  1.00 10.92 ? 54  ALA X C   1 
ATOM   81   O O   . ALA A 1 13  ? 2.670   -8.718  16.525  1.00 10.90 ? 54  ALA X O   1 
ATOM   82   C CB  . ALA A 1 13  ? 3.720   -6.634  14.705  1.00 10.92 ? 54  ALA X CB  1 
ATOM   83   N N   . ASN A 1 14  ? 3.147   -10.094 14.783  1.00 11.38 ? 55  ASN X N   1 
ATOM   84   C CA  . ASN A 1 14  ? 3.139   -11.334 15.587  1.00 12.00 ? 55  ASN X CA  1 
ATOM   85   C C   . ASN A 1 14  ? 1.857   -11.493 16.411  1.00 12.18 ? 55  ASN X C   1 
ATOM   86   O O   . ASN A 1 14  ? 1.898   -11.868 17.590  1.00 12.34 ? 55  ASN X O   1 
ATOM   87   C CB  . ASN A 1 14  ? 4.375   -11.392 16.491  1.00 12.33 ? 55  ASN X CB  1 
ATOM   88   C CG  . ASN A 1 14  ? 5.665   -11.591 15.711  1.00 12.46 ? 55  ASN X CG  1 
ATOM   89   O OD1 . ASN A 1 14  ? 5.648   -12.054 14.557  1.00 13.04 ? 55  ASN X OD1 1 
ATOM   90   N ND2 . ASN A 1 14  ? 6.782   -11.243 16.330  1.00 12.49 ? 55  ASN X ND2 1 
ATOM   91   N N   . GLY A 1 15  ? 0.726   -11.198 15.779  1.00 12.31 ? 56  GLY X N   1 
ATOM   92   C CA  . GLY A 1 15  ? -0.585  -11.342 16.418  1.00 12.74 ? 56  GLY X CA  1 
ATOM   93   C C   . GLY A 1 15  ? -0.978  -10.286 17.431  1.00 13.17 ? 56  GLY X C   1 
ATOM   94   O O   . GLY A 1 15  ? -2.038  -10.399 18.051  1.00 15.58 ? 56  GLY X O   1 
ATOM   95   N N   . LYS A 1 16  ? -0.134  -9.269  17.604  1.00 12.64 ? 57  LYS X N   1 
ATOM   96   C CA  . LYS A 1 16  ? -0.394  -8.165  18.519  1.00 12.65 ? 57  LYS X CA  1 
ATOM   97   C C   . LYS A 1 16  ? -0.860  -6.954  17.720  1.00 12.05 ? 57  LYS X C   1 
ATOM   98   O O   . LYS A 1 16  ? -0.173  -6.543  16.798  1.00 11.75 ? 57  LYS X O   1 
ATOM   99   C CB  . LYS A 1 16  ? 0.893   -7.784  19.232  1.00 13.28 ? 57  LYS X CB  1 
ATOM   100  N N   . PRO A 1 17  ? -2.008  -6.361  18.080  1.00 11.34 ? 58  PRO X N   1 
ATOM   101  C CA  . PRO A 1 17  ? -2.498  -5.252  17.251  1.00 10.93 ? 58  PRO X CA  1 
ATOM   102  C C   . PRO A 1 17  ? -1.601  -4.019  17.354  1.00 10.64 ? 58  PRO X C   1 
ATOM   103  O O   . PRO A 1 17  ? -1.201  -3.626  18.446  1.00 11.13 ? 58  PRO X O   1 
ATOM   104  C CB  . PRO A 1 17  ? -3.922  -4.979  17.786  1.00 11.35 ? 58  PRO X CB  1 
ATOM   105  C CG  . PRO A 1 17  ? -4.016  -5.697  19.090  1.00 12.26 ? 58  PRO X CG  1 
ATOM   106  C CD  . PRO A 1 17  ? -2.952  -6.752  19.142  1.00 11.95 ? 58  PRO X CD  1 
ATOM   107  N N   . LEU A 1 18  ? -1.264  -3.432  16.206  1.00 8.65  ? 59  LEU X N   1 
ATOM   108  C CA  . LEU A 1 18  ? -0.513  -2.183  16.168  1.00 9.21  ? 59  LEU X CA  1 
ATOM   109  C C   . LEU A 1 18  ? -1.426  -0.957  16.094  1.00 8.44  ? 59  LEU X C   1 
ATOM   110  O O   . LEU A 1 18  ? -1.034  0.144   16.492  1.00 10.23 ? 59  LEU X O   1 
ATOM   111  C CB  . LEU A 1 18  ? 0.396   -2.167  14.957  1.00 9.02  ? 59  LEU X CB  1 
ATOM   112  C CG  . LEU A 1 18  ? 1.458   -3.257  14.864  1.00 9.96  ? 59  LEU X CG  1 
ATOM   113  C CD1 . LEU A 1 18  ? 2.342   -3.057  13.638  1.00 10.20 ? 59  LEU X CD1 1 
ATOM   114  C CD2 . LEU A 1 18  ? 2.312   -3.290  16.141  1.00 10.25 ? 59  LEU X CD2 1 
ATOM   115  N N   . GLY A 1 19  ? -2.640  -1.155  15.598  1.00 8.18  ? 60  GLY X N   1 
ATOM   116  C CA  . GLY A 1 19  ? -3.576  -0.080  15.386  1.00 7.32  ? 60  GLY X CA  1 
ATOM   117  C C   . GLY A 1 19  ? -3.982  0.020   13.919  1.00 7.79  ? 60  GLY X C   1 
ATOM   118  O O   . GLY A 1 19  ? -3.843  -0.940  13.146  1.00 7.17  ? 60  GLY X O   1 
ATOM   119  N N   . ARG A 1 20  ? -4.478  1.200   13.560  1.00 7.16  ? 61  ARG X N   1 
ATOM   120  C CA  . ARG A 1 20  ? -5.137  1.413   12.283  1.00 6.91  ? 61  ARG X CA  1 
ATOM   121  C C   . ARG A 1 20  ? -4.420  2.479   11.475  1.00 6.61  ? 61  ARG X C   1 
ATOM   122  O O   . ARG A 1 20  ? -4.059  3.527   12.018  1.00 5.74  ? 61  ARG X O   1 
ATOM   123  C CB  . ARG A 1 20  ? -6.574  1.872   12.515  1.00 7.08  ? 61  ARG X CB  1 
ATOM   124  C CG  . ARG A 1 20  ? -7.342  2.170   11.239  1.00 6.79  ? 61  ARG X CG  1 
ATOM   125  C CD  . ARG A 1 20  ? -8.829  2.322   11.489  1.00 8.29  ? 61  ARG X CD  1 
ATOM   126  N NE  . ARG A 1 20  ? -9.443  1.017   11.729  1.00 7.05  ? 61  ARG X NE  1 
ATOM   127  C CZ  . ARG A 1 20  ? -10.759 0.802   11.780  1.00 8.22  ? 61  ARG X CZ  1 
ATOM   128  N NH1 . ARG A 1 20  ? -11.605 1.819   11.635  1.00 8.95  ? 61  ARG X NH1 1 
ATOM   129  N NH2 . ARG A 1 20  ? -11.220 -0.428  11.983  1.00 7.76  ? 61  ARG X NH2 1 
ATOM   130  N N   . VAL A 1 21  ? -4.209  2.195   10.186  1.00 5.57  ? 62  VAL X N   1 
ATOM   131  C CA  . VAL A 1 21  ? -3.744  3.192   9.226   1.00 5.72  ? 62  VAL X CA  1 
ATOM   132  C C   . VAL A 1 21  ? -4.941  3.607   8.361   1.00 4.96  ? 62  VAL X C   1 
ATOM   133  O O   . VAL A 1 21  ? -5.590  2.756   7.756   1.00 5.19  ? 62  VAL X O   1 
ATOM   134  C CB  . VAL A 1 21  ? -2.641  2.609   8.336   1.00 5.79  ? 62  VAL X CB  1 
ATOM   135  C CG1 . VAL A 1 21  ? -2.123  3.665   7.360   1.00 5.82  ? 62  VAL X CG1 1 
ATOM   136  C CG2 . VAL A 1 21  ? -1.493  2.065   9.194   1.00 6.96  ? 62  VAL X CG2 1 
ATOM   137  N N   . VAL A 1 22  ? -5.263  4.899   8.364   1.00 4.48  ? 63  VAL X N   1 
ATOM   138  C CA  . VAL A 1 22  ? -6.339  5.408   7.524   1.00 4.86  ? 63  VAL X CA  1 
ATOM   139  C C   . VAL A 1 22  ? -5.702  6.122   6.342   1.00 4.44  ? 63  VAL X C   1 
ATOM   140  O O   . VAL A 1 22  ? -4.788  6.939   6.540   1.00 4.77  ? 63  VAL X O   1 
ATOM   141  C CB  . VAL A 1 22  ? -7.248  6.380   8.283   1.00 4.72  ? 63  VAL X CB  1 
ATOM   142  C CG1 . VAL A 1 22  ? -8.329  6.953   7.372   1.00 5.67  ? 63  VAL X CG1 1 
ATOM   143  C CG2 . VAL A 1 22  ? -7.831  5.683   9.502   1.00 6.20  ? 63  VAL X CG2 1 
ATOM   144  N N   . LEU A 1 23  ? -6.185  5.821   5.139   1.00 5.08  ? 64  LEU X N   1 
ATOM   145  C CA  . LEU A 1 23  ? -5.630  6.383   3.915   1.00 5.35  ? 64  LEU X CA  1 
ATOM   146  C C   . LEU A 1 23  ? -6.698  7.117   3.131   1.00 4.85  ? 64  LEU X C   1 
ATOM   147  O O   . LEU A 1 23  ? -7.813  6.611   2.952   1.00 5.07  ? 64  LEU X O   1 
ATOM   148  C CB  . LEU A 1 23  ? -5.082  5.231   3.060   1.00 5.06  ? 64  LEU X CB  1 
ATOM   149  C CG  . LEU A 1 23  ? -4.003  4.380   3.739   1.00 5.67  ? 64  LEU X CG  1 
ATOM   150  C CD1 . LEU A 1 23  ? -3.912  2.989   3.069   1.00 6.57  ? 64  LEU X CD1 1 
ATOM   151  C CD2 . LEU A 1 23  ? -2.657  5.070   3.713   1.00 5.69  ? 64  LEU X CD2 1 
ATOM   152  N N   . GLU A 1 24  ? -6.357  8.320   2.663   1.00 4.91  ? 65  GLU X N   1 
ATOM   153  C CA  . GLU A 1 24  ? -7.147  9.015   1.659   1.00 5.79  ? 65  GLU X CA  1 
ATOM   154  C C   . GLU A 1 24  ? -6.673  8.573   0.284   1.00 5.10  ? 65  GLU X C   1 
ATOM   155  O O   . GLU A 1 24  ? -5.458  8.604   0.013   1.00 5.11  ? 65  GLU X O   1 
ATOM   156  C CB  . GLU A 1 24  ? -7.007  10.539  1.778   1.00 6.18  ? 65  GLU X CB  1 
ATOM   157  C CG  . GLU A 1 24  ? -7.716  11.261  0.638   1.00 6.55  ? 65  GLU X CG  1 
ATOM   158  C CD  . GLU A 1 24  ? -7.755  12.765  0.740   1.00 8.46  ? 65  GLU X CD  1 
ATOM   159  O OE1 . GLU A 1 24  ? -7.277  13.317  1.749   1.00 7.84  ? 65  GLU X OE1 1 
ATOM   160  O OE2 . GLU A 1 24  ? -8.262  13.374  -0.232  1.00 7.68  ? 65  GLU X OE2 1 
ATOM   161  N N   . LEU A 1 25  ? -7.631  8.172   -0.562  1.00 4.82  ? 66  LEU X N   1 
ATOM   162  C CA  . LEU A 1 25  ? -7.337  7.759   -1.944  1.00 4.84  ? 66  LEU X CA  1 
ATOM   163  C C   . LEU A 1 25  ? -7.708  8.892   -2.891  1.00 5.27  ? 66  LEU X C   1 
ATOM   164  O O   . LEU A 1 25  ? -8.861  9.326   -2.909  1.00 6.27  ? 66  LEU X O   1 
ATOM   165  C CB  . LEU A 1 25  ? -8.085  6.473   -2.327  1.00 4.98  ? 66  LEU X CB  1 
ATOM   166  C CG  . LEU A 1 25  ? -7.967  5.339   -1.306  1.00 5.38  ? 66  LEU X CG  1 
ATOM   167  C CD1 . LEU A 1 25  ? -8.740  4.142   -1.892  1.00 4.65  ? 66  LEU X CD1 1 
ATOM   168  C CD2 . LEU A 1 25  ? -6.482  5.031   -1.006  1.00 4.38  ? 66  LEU X CD2 1 
ATOM   169  N N   . LYS A 1 26  ? -6.734  9.374   -3.659  1.00 5.15  ? 67  LYS X N   1 
ATOM   170  C CA  . LYS A 1 26  ? -6.933  10.592  -4.443  1.00 6.12  ? 67  LYS X CA  1 
ATOM   171  C C   . LYS A 1 26  ? -7.629  10.275  -5.764  1.00 6.00  ? 67  LYS X C   1 
ATOM   172  O O   . LYS A 1 26  ? -7.070  10.451  -6.836  1.00 5.51  ? 67  LYS X O   1 
ATOM   173  C CB  . LYS A 1 26  ? -5.591  11.301  -4.643  1.00 6.48  ? 67  LYS X CB  1 
ATOM   174  C CG  . LYS A 1 26  ? -5.066  11.916  -3.338  1.00 8.31  ? 67  LYS X CG  1 
ATOM   175  C CD  . LYS A 1 26  ? -5.955  13.092  -2.925  0.80 11.09 ? 67  LYS X CD  1 
ATOM   176  C CE  . LYS A 1 26  ? -5.325  14.063  -1.947  0.70 12.50 ? 67  LYS X CE  1 
ATOM   177  N NZ  . LYS A 1 26  ? -6.294  15.175  -1.639  0.60 12.10 ? 67  LYS X NZ  1 
ATOM   178  N N   . ALA A 1 27  ? -8.880  9.842   -5.661  1.00 5.74  ? 68  ALA X N   1 
ATOM   179  C CA  . ALA A 1 27  ? -9.708  9.478   -6.821  1.00 5.12  ? 68  ALA X CA  1 
ATOM   180  C C   . ALA A 1 27  ? -9.952  10.674  -7.744  1.00 5.96  ? 68  ALA X C   1 
ATOM   181  O O   . ALA A 1 27  ? -10.255 10.512  -8.924  1.00 6.57  ? 68  ALA X O   1 
ATOM   182  C CB  . ALA A 1 27  ? -11.026 8.881   -6.356  1.00 5.88  ? 68  ALA X CB  1 
ATOM   183  N N   . ASP A 1 28  ? -9.839  11.878  -7.192  1.00 5.90  ? 69  ASP X N   1 
ATOM   184  C CA  . ASP A 1 28  ? -9.914  13.096  -8.016  1.00 7.33  ? 69  ASP X CA  1 
ATOM   185  C C   . ASP A 1 28  ? -8.799  13.210  -9.039  1.00 8.01  ? 69  ASP X C   1 
ATOM   186  O O   . ASP A 1 28  ? -9.008  13.779  -10.115 1.00 8.71  ? 69  ASP X O   1 
ATOM   187  C CB  . ASP A 1 28  ? -10.010 14.378  -7.172  1.00 8.66  ? 69  ASP X CB  1 
ATOM   188  C CG  . ASP A 1 28  ? -8.884  14.549  -6.175  1.00 10.69 ? 69  ASP X CG  1 
ATOM   189  O OD1 . ASP A 1 28  ? -8.281  13.580  -5.712  1.00 8.78  ? 69  ASP X OD1 1 
ATOM   190  O OD2 . ASP A 1 28  ? -8.613  15.720  -5.800  1.00 17.91 ? 69  ASP X OD2 1 
ATOM   191  N N   . VAL A 1 29  ? -7.625  12.659  -8.715  1.00 6.50  ? 70  VAL X N   1 
ATOM   192  C CA  . VAL A 1 29  ? -6.446  12.718  -9.591  1.00 6.40  ? 70  VAL X CA  1 
ATOM   193  C C   . VAL A 1 29  ? -6.192  11.406  -10.321 1.00 5.47  ? 70  VAL X C   1 
ATOM   194  O O   . VAL A 1 29  ? -5.823  11.413  -11.504 1.00 5.07  ? 70  VAL X O   1 
ATOM   195  C CB  . VAL A 1 29  ? -5.181  13.098  -8.773  1.00 5.84  ? 70  VAL X CB  1 
ATOM   196  C CG1 . VAL A 1 29  ? -3.953  13.254  -9.667  1.00 6.57  ? 70  VAL X CG1 1 
ATOM   197  C CG2 . VAL A 1 29  ? -5.424  14.393  -7.991  1.00 8.37  ? 70  VAL X CG2 1 
ATOM   198  N N   . VAL A 1 30  ? -6.384  10.289  -9.614  1.00 4.92  ? 71  VAL X N   1 
ATOM   199  C CA  . VAL A 1 30  ? -6.114  8.954   -10.151 1.00 5.14  ? 71  VAL X CA  1 
ATOM   200  C C   . VAL A 1 30  ? -7.279  8.018   -9.843  1.00 4.84  ? 71  VAL X C   1 
ATOM   201  O O   . VAL A 1 30  ? -7.178  7.106   -9.019  1.00 4.17  ? 71  VAL X O   1 
ATOM   202  C CB  . VAL A 1 30  ? -4.778  8.358   -9.628  1.00 4.80  ? 71  VAL X CB  1 
ATOM   203  C CG1 . VAL A 1 30  ? -3.575  8.873   -10.414 1.00 5.18  ? 71  VAL X CG1 1 
ATOM   204  C CG2 . VAL A 1 30  ? -4.566  8.613   -8.145  1.00 4.88  ? 71  VAL X CG2 1 
ATOM   205  N N   . PRO A 1 31  ? -8.396  8.228   -10.541 1.00 4.58  ? 72  PRO X N   1 
ATOM   206  C CA  . PRO A 1 31  ? -9.602  7.480   -10.204 1.00 4.19  ? 72  PRO X CA  1 
ATOM   207  C C   . PRO A 1 31  ? -9.490  5.959   -10.399 1.00 4.73  ? 72  PRO X C   1 
ATOM   208  O O   . PRO A 1 31  ? -10.045 5.191   -9.603  1.00 5.40  ? 72  PRO X O   1 
ATOM   209  C CB  . PRO A 1 31  ? -10.672 8.091   -11.133 1.00 4.37  ? 72  PRO X CB  1 
ATOM   210  C CG  . PRO A 1 31  ? -9.885  8.699   -12.258 1.00 5.22  ? 72  PRO X CG  1 
ATOM   211  C CD  . PRO A 1 31  ? -8.618  9.204   -11.620 1.00 5.09  ? 72  PRO X CD  1 
ATOM   212  N N   . LYS A 1 32  ? -8.769  5.527   -11.435 1.00 4.93  ? 73  LYS X N   1 
ATOM   213  C CA  . LYS A 1 32  ? -8.656  4.098   -11.715 1.00 4.61  ? 73  LYS X CA  1 
ATOM   214  C C   . LYS A 1 32  ? -7.811  3.404   -10.661 1.00 4.42  ? 73  LYS X C   1 
ATOM   215  O O   . LYS A 1 32  ? -8.110  2.288   -10.223 1.00 4.92  ? 73  LYS X O   1 
ATOM   216  C CB  . LYS A 1 32  ? -8.099  3.856   -13.124 1.00 5.35  ? 73  LYS X CB  1 
ATOM   217  C CG  . LYS A 1 32  ? -8.973  4.364   -14.228 1.00 7.04  ? 73  LYS X CG  1 
ATOM   218  C CD  . LYS A 1 32  ? -8.285  4.389   -15.594 1.00 7.02  ? 73  LYS X CD  1 
ATOM   219  C CE  . LYS A 1 32  ? -9.238  4.884   -16.689 1.00 8.41  ? 73  LYS X CE  1 
ATOM   220  N NZ  . LYS A 1 32  ? -9.722  6.296   -16.467 1.00 10.44 ? 73  LYS X NZ  1 
ATOM   221  N N   . THR A 1 33  ? -6.740  4.086   -10.268 1.00 4.39  ? 74  THR X N   1 
ATOM   222  C CA  . THR A 1 33  ? -5.787  3.553   -9.289  1.00 4.83  ? 74  THR X CA  1 
ATOM   223  C C   . THR A 1 33  ? -6.431  3.557   -7.895  1.00 3.86  ? 74  THR X C   1 
ATOM   224  O O   . THR A 1 33  ? -6.325  2.564   -7.141  1.00 4.46  ? 74  THR X O   1 
ATOM   225  C CB  . THR A 1 33  ? -4.462  4.350   -9.290  1.00 5.17  ? 74  THR X CB  1 
ATOM   226  O OG1 . THR A 1 33  ? -3.928  4.398   -10.623 1.00 4.55  ? 74  THR X OG1 1 
ATOM   227  C CG2 . THR A 1 33  ? -3.416  3.737   -8.363  1.00 4.50  ? 74  THR X CG2 1 
ATOM   228  N N   . ALA A 1 34  ? -7.082  4.671   -7.554  1.00 4.49  ? 75  ALA X N   1 
ATOM   229  C CA  . ALA A 1 34  ? -7.847  4.763   -6.306  1.00 4.34  ? 75  ALA X CA  1 
ATOM   230  C C   . ALA A 1 34  ? -8.919  3.674   -6.206  1.00 4.46  ? 75  ALA X C   1 
ATOM   231  O O   . ALA A 1 34  ? -9.058  3.036   -5.168  1.00 4.18  ? 75  ALA X O   1 
ATOM   232  C CB  . ALA A 1 34  ? -8.458  6.186   -6.145  1.00 4.67  ? 75  ALA X CB  1 
ATOM   233  N N   . GLU A 1 35  ? -9.650  3.434   -7.287  1.00 4.40  ? 76  GLU X N   1 
ATOM   234  C CA  . GLU A 1 35  ? -10.740 2.448   -7.259  1.00 3.80  ? 76  GLU X CA  1 
ATOM   235  C C   . GLU A 1 35  ? -10.220 1.026   -7.036  1.00 3.99  ? 76  GLU X C   1 
ATOM   236  O O   . GLU A 1 35  ? -10.801 0.243   -6.270  1.00 4.98  ? 76  GLU X O   1 
ATOM   237  C CB  . GLU A 1 35  ? -11.560 2.513   -8.556  1.00 4.68  ? 76  GLU X CB  1 
ATOM   238  C CG  . GLU A 1 35  ? -12.642 1.445   -8.726  1.00 5.22  ? 76  GLU X CG  1 
ATOM   239  C CD  . GLU A 1 35  ? -13.696 1.436   -7.627  1.00 8.66  ? 76  GLU X CD  1 
ATOM   240  O OE1 . GLU A 1 35  ? -13.833 2.437   -6.875  1.00 6.64  ? 76  GLU X OE1 1 
ATOM   241  O OE2 . GLU A 1 35  ? -14.406 0.405   -7.526  1.00 8.52  ? 76  GLU X OE2 1 
ATOM   242  N N   . ASN A 1 36  ? -9.114  0.699   -7.687  1.00 4.91  ? 77  ASN X N   1 
ATOM   243  C CA  . ASN A 1 36  ? -8.512  -0.602  -7.464  1.00 4.34  ? 77  ASN X CA  1 
ATOM   244  C C   . ASN A 1 36  ? -8.219  -0.833  -5.973  1.00 3.73  ? 77  ASN X C   1 
ATOM   245  O O   . ASN A 1 36  ? -8.600  -1.844  -5.387  1.00 5.24  ? 77  ASN X O   1 
ATOM   246  C CB  . ASN A 1 36  ? -7.227  -0.713  -8.306  1.00 4.62  ? 77  ASN X CB  1 
ATOM   247  C CG  . ASN A 1 36  ? -6.515  -2.050  -8.142  1.00 5.05  ? 77  ASN X CG  1 
ATOM   248  O OD1 . ASN A 1 36  ? -7.090  -3.106  -8.427  1.00 6.09  ? 77  ASN X OD1 1 
ATOM   249  N ND2 . ASN A 1 36  ? -5.241  -2.013  -7.710  1.00 5.34  ? 77  ASN X ND2 1 
ATOM   250  N N   . PHE A 1 37  ? -7.520  0.118   -5.363  1.00 4.00  ? 78  PHE X N   1 
ATOM   251  C CA  . PHE A 1 37  ? -7.127  -0.017  -3.971  1.00 3.89  ? 78  PHE X CA  1 
ATOM   252  C C   . PHE A 1 37  ? -8.369  -0.063  -3.072  1.00 3.98  ? 78  PHE X C   1 
ATOM   253  O O   . PHE A 1 37  ? -8.428  -0.877  -2.132  1.00 5.10  ? 78  PHE X O   1 
ATOM   254  C CB  . PHE A 1 37  ? -6.199  1.131   -3.559  1.00 3.81  ? 78  PHE X CB  1 
ATOM   255  C CG  . PHE A 1 37  ? -5.528  0.929   -2.236  1.00 4.86  ? 78  PHE X CG  1 
ATOM   256  C CD1 . PHE A 1 37  ? -4.330  0.245   -2.153  1.00 3.99  ? 78  PHE X CD1 1 
ATOM   257  C CD2 . PHE A 1 37  ? -6.111  1.392   -1.075  1.00 5.44  ? 78  PHE X CD2 1 
ATOM   258  C CE1 . PHE A 1 37  ? -3.697  0.084   -0.936  1.00 4.47  ? 78  PHE X CE1 1 
ATOM   259  C CE2 . PHE A 1 37  ? -5.489  1.212   0.142   1.00 6.23  ? 78  PHE X CE2 1 
ATOM   260  C CZ  . PHE A 1 37  ? -4.288  0.558   0.215   1.00 5.52  ? 78  PHE X CZ  1 
ATOM   261  N N   . ARG A 1 38  ? -9.362  0.783   -3.371  1.00 4.33  ? 79  ARG X N   1 
ATOM   262  C CA  . ARG A 1 38  ? -10.569 0.825   -2.550  1.00 4.55  ? 79  ARG X CA  1 
ATOM   263  C C   . ARG A 1 38  ? -11.242 -0.557  -2.518  1.00 4.67  ? 79  ARG X C   1 
ATOM   264  O O   . ARG A 1 38  ? -11.581 -1.093  -1.448  1.00 5.31  ? 79  ARG X O   1 
ATOM   265  C CB  . ARG A 1 38  ? -11.550 1.849   -3.109  1.00 4.64  ? 79  ARG X CB  1 
ATOM   266  C CG  . ARG A 1 38  ? -12.805 2.025   -2.270  1.00 5.84  ? 79  ARG X CG  1 
ATOM   267  C CD  . ARG A 1 38  ? -13.911 2.689   -3.100  1.00 5.42  ? 79  ARG X CD  1 
ATOM   268  N NE  . ARG A 1 38  ? -14.368 1.767   -4.138  1.00 5.09  ? 79  ARG X NE  1 
ATOM   269  C CZ  . ARG A 1 38  ? -15.114 0.690   -3.915  1.00 6.29  ? 79  ARG X CZ  1 
ATOM   270  N NH1 . ARG A 1 38  ? -15.565 0.391   -2.696  1.00 6.99  ? 79  ARG X NH1 1 
ATOM   271  N NH2 . ARG A 1 38  ? -15.424 -0.100  -4.931  1.00 6.21  ? 79  ARG X NH2 1 
ATOM   272  N N   . ALA A 1 39  ? -11.432 -1.117  -3.706  1.00 5.63  ? 80  ALA X N   1 
ATOM   273  C CA  . ALA A 1 39  ? -12.142 -2.393  -3.829  1.00 5.33  ? 80  ALA X CA  1 
ATOM   274  C C   . ALA A 1 39  ? -11.341 -3.526  -3.216  1.00 5.77  ? 80  ALA X C   1 
ATOM   275  O O   . ALA A 1 39  ? -11.917 -4.467  -2.693  1.00 6.44  ? 80  ALA X O   1 
ATOM   276  C CB  . ALA A 1 39  ? -12.467 -2.699  -5.304  1.00 5.88  ? 80  ALA X CB  1 
ATOM   277  N N   . LEU A 1 40  ? -10.013 -3.449  -3.272  1.00 4.50  ? 81  LEU X N   1 
ATOM   278  C CA  . LEU A 1 40  ? -9.193  -4.481  -2.630  1.00 4.73  ? 81  LEU X CA  1 
ATOM   279  C C   . LEU A 1 40  ? -9.256  -4.375  -1.112  1.00 5.17  ? 81  LEU X C   1 
ATOM   280  O O   . LEU A 1 40  ? -9.074  -5.378  -0.409  1.00 5.72  ? 81  LEU X O   1 
ATOM   281  C CB  . LEU A 1 40  ? -7.731  -4.435  -3.125  1.00 4.96  ? 81  LEU X CB  1 
ATOM   282  C CG  . LEU A 1 40  ? -7.507  -4.794  -4.602  1.00 5.99  ? 81  LEU X CG  1 
ATOM   283  C CD1 . LEU A 1 40  ? -6.065  -4.478  -5.026  1.00 6.38  ? 81  LEU X CD1 1 
ATOM   284  C CD2 . LEU A 1 40  ? -7.867  -6.287  -4.837  1.00 4.99  ? 81  LEU X CD2 1 
ATOM   285  N N   . CYS A 1 41  ? -9.504  -3.155  -0.610  1.00 5.36  ? 82  CYS X N   1 
ATOM   286  C CA  . CYS A 1 41  ? -9.727  -2.979  0.839   1.00 5.97  ? 82  CYS X CA  1 
ATOM   287  C C   . CYS A 1 41  ? -11.081 -3.538  1.296   1.00 6.32  ? 82  CYS X C   1 
ATOM   288  O O   . CYS A 1 41  ? -11.168 -4.160  2.359   1.00 7.15  ? 82  CYS X O   1 
ATOM   289  C CB  . CYS A 1 41  ? -9.657  -1.509  1.266   1.00 5.86  ? 82  CYS X CB  1 
ATOM   290  S SG  . CYS A 1 41  ? -7.953  -0.854  1.263   1.00 5.96  ? 82  CYS X SG  1 
ATOM   291  N N   . THR A 1 42  ? -12.134 -3.331  0.505   1.00 6.83  ? 83  THR X N   1 
ATOM   292  C CA  . THR A 1 42  ? -13.440 -3.855  0.901   1.00 6.92  ? 83  THR X CA  1 
ATOM   293  C C   . THR A 1 42  ? -13.536 -5.359  0.661   1.00 7.34  ? 83  THR X C   1 
ATOM   294  O O   . THR A 1 42  ? -14.345 -6.024  1.309   1.00 8.56  ? 83  THR X O   1 
ATOM   295  C CB  . THR A 1 42  ? -14.577 -3.196  0.149   1.00 7.19  ? 83  THR X CB  1 
ATOM   296  O OG1 . THR A 1 42  ? -14.511 -3.568  -1.232  1.00 6.32  ? 83  THR X OG1 1 
ATOM   297  C CG2 . THR A 1 42  ? -14.539 -1.675  0.316   1.00 6.90  ? 83  THR X CG2 1 
ATOM   298  N N   . GLY A 1 43  ? -12.763 -5.872  -0.293  1.00 7.57  ? 84  GLY X N   1 
ATOM   299  C CA  . GLY A 1 43  ? -12.859 -7.272  -0.708  1.00 8.01  ? 84  GLY X CA  1 
ATOM   300  C C   . GLY A 1 43  ? -14.086 -7.593  -1.552  1.00 8.74  ? 84  GLY X C   1 
ATOM   301  O O   . GLY A 1 43  ? -14.414 -8.774  -1.768  1.00 9.60  ? 84  GLY X O   1 
ATOM   302  N N   . GLU A 1 44  ? -14.754 -6.554  -2.055  1.00 9.35  ? 85  GLU X N   1 
ATOM   303  C CA  . GLU A 1 44  ? -16.057 -6.730  -2.725  1.00 9.88  ? 85  GLU X CA  1 
ATOM   304  C C   . GLU A 1 44  ? -16.006 -7.533  -4.031  1.00 10.73 ? 85  GLU X C   1 
ATOM   305  O O   . GLU A 1 44  ? -17.045 -8.041  -4.470  1.00 11.32 ? 85  GLU X O   1 
ATOM   306  C CB  . GLU A 1 44  ? -16.720 -5.375  -2.964  1.00 10.06 ? 85  GLU X CB  1 
ATOM   307  C CG  . GLU A 1 44  ? -15.982 -4.474  -3.943  1.00 9.48  ? 85  GLU X CG  1 
ATOM   308  C CD  . GLU A 1 44  ? -16.491 -3.052  -3.889  1.00 9.54  ? 85  GLU X CD  1 
ATOM   309  O OE1 . GLU A 1 44  ? -16.327 -2.409  -2.834  1.00 8.79  ? 85  GLU X OE1 1 
ATOM   310  O OE2 . GLU A 1 44  ? -17.043 -2.572  -4.910  1.00 9.51  ? 85  GLU X OE2 1 
ATOM   311  N N   . LYS A 1 45  ? -14.832 -7.644  -4.662  1.00 10.88 ? 86  LYS X N   1 
ATOM   312  C CA  . LYS A 1 45  ? -14.710 -8.453  -5.892  1.00 11.80 ? 86  LYS X CA  1 
ATOM   313  C C   . LYS A 1 45  ? -14.448 -9.924  -5.579  1.00 12.12 ? 86  LYS X C   1 
ATOM   314  O O   . LYS A 1 45  ? -14.393 -10.744 -6.513  1.00 13.06 ? 86  LYS X O   1 
ATOM   315  C CB  . LYS A 1 45  ? -13.609 -7.933  -6.819  1.00 12.47 ? 86  LYS X CB  1 
ATOM   316  C CG  . LYS A 1 45  ? -13.694 -6.462  -7.168  1.00 13.54 ? 86  LYS X CG  1 
ATOM   317  C CD  . LYS A 1 45  ? -15.004 -6.068  -7.811  1.00 15.56 ? 86  LYS X CD  1 
ATOM   318  C CE  . LYS A 1 45  ? -14.924 -4.620  -8.310  1.00 17.70 ? 86  LYS X CE  1 
ATOM   319  N NZ  . LYS A 1 45  ? -16.148 -4.165  -9.031  1.00 19.58 ? 86  LYS X NZ  1 
ATOM   320  N N   . GLY A 1 46  ? -14.306 -10.264 -4.298  1.00 11.18 ? 87  GLY X N   1 
ATOM   321  C CA  . GLY A 1 46  ? -14.039 -11.641 -3.876  1.00 11.55 ? 87  GLY X CA  1 
ATOM   322  C C   . GLY A 1 46  ? -12.595 -11.942 -3.504  1.00 11.42 ? 87  GLY X C   1 
ATOM   323  O O   . GLY A 1 46  ? -12.262 -13.090 -3.201  1.00 12.88 ? 87  GLY X O   1 
ATOM   324  N N   . PHE A 1 47  ? -11.742 -10.914 -3.524  1.00 10.26 ? 88  PHE X N   1 
ATOM   325  C CA  . PHE A 1 47  ? -10.340 -11.037 -3.150  1.00 9.80  ? 88  PHE X CA  1 
ATOM   326  C C   . PHE A 1 47  ? -9.883  -9.659  -2.718  1.00 8.69  ? 88  PHE X C   1 
ATOM   327  O O   . PHE A 1 47  ? -10.565 -8.672  -2.980  1.00 8.41  ? 88  PHE X O   1 
ATOM   328  C CB  . PHE A 1 47  ? -9.486  -11.570 -4.306  1.00 9.30  ? 88  PHE X CB  1 
ATOM   329  C CG  . PHE A 1 47  ? -9.647  -10.820 -5.593  1.00 10.84 ? 88  PHE X CG  1 
ATOM   330  C CD1 . PHE A 1 47  ? -8.854  -9.712  -5.872  1.00 10.32 ? 88  PHE X CD1 1 
ATOM   331  C CD2 . PHE A 1 47  ? -10.591 -11.221 -6.530  1.00 12.47 ? 88  PHE X CD2 1 
ATOM   332  C CE1 . PHE A 1 47  ? -8.998  -9.009  -7.063  1.00 11.01 ? 88  PHE X CE1 1 
ATOM   333  C CE2 . PHE A 1 47  ? -10.745 -10.529 -7.729  1.00 13.13 ? 88  PHE X CE2 1 
ATOM   334  C CZ  . PHE A 1 47  ? -9.945  -9.413  -7.998  1.00 12.16 ? 88  PHE X CZ  1 
ATOM   335  N N   . GLY A 1 48  ? -8.749  -9.593  -2.040  1.00 7.98  ? 89  GLY X N   1 
ATOM   336  C CA  . GLY A 1 48  ? -8.251  -8.319  -1.557  1.00 7.84  ? 89  GLY X CA  1 
ATOM   337  C C   . GLY A 1 48  ? -7.215  -8.495  -0.481  1.00 7.41  ? 89  GLY X C   1 
ATOM   338  O O   . GLY A 1 48  ? -6.614  -9.551  -0.319  1.00 7.16  ? 89  GLY X O   1 
ATOM   339  N N   . TYR A 1 49  ? -7.011  -7.436  0.284   1.00 7.47  ? 90  TYR X N   1 
ATOM   340  C CA  . TYR A 1 49  ? -5.885  -7.373  1.187   1.00 6.71  ? 90  TYR X CA  1 
ATOM   341  C C   . TYR A 1 49  ? -6.065  -8.059  2.524   1.00 7.09  ? 90  TYR X C   1 
ATOM   342  O O   . TYR A 1 49  ? -5.074  -8.292  3.209   1.00 6.76  ? 90  TYR X O   1 
ATOM   343  C CB  . TYR A 1 49  ? -5.519  -5.919  1.489   1.00 6.61  ? 90  TYR X CB  1 
ATOM   344  C CG  . TYR A 1 49  ? -5.070  -5.134  0.282   1.00 5.32  ? 90  TYR X CG  1 
ATOM   345  C CD1 . TYR A 1 49  ? -4.103  -5.631  -0.595  1.00 4.58  ? 90  TYR X CD1 1 
ATOM   346  C CD2 . TYR A 1 49  ? -5.565  -3.861  0.057   1.00 5.00  ? 90  TYR X CD2 1 
ATOM   347  C CE1 . TYR A 1 49  ? -3.711  -4.891  -1.704  1.00 5.33  ? 90  TYR X CE1 1 
ATOM   348  C CE2 . TYR A 1 49  ? -5.169  -3.118  -1.043  1.00 4.82  ? 90  TYR X CE2 1 
ATOM   349  C CZ  . TYR A 1 49  ? -4.218  -3.624  -1.903  1.00 4.04  ? 90  TYR X CZ  1 
ATOM   350  O OH  . TYR A 1 49  ? -3.793  -2.889  -2.991  1.00 6.19  ? 90  TYR X OH  1 
ATOM   351  N N   . LYS A 1 50  ? -7.305  -8.350  2.921   1.00 7.68  ? 91  LYS X N   1 
ATOM   352  C CA  . LYS A 1 50  ? -7.511  -8.920  4.255   1.00 7.63  ? 91  LYS X CA  1 
ATOM   353  C C   . LYS A 1 50  ? -6.751  -10.229 4.450   1.00 7.62  ? 91  LYS X C   1 
ATOM   354  O O   . LYS A 1 50  ? -6.891  -11.140 3.656   1.00 8.35  ? 91  LYS X O   1 
ATOM   355  C CB  . LYS A 1 50  ? -8.995  -9.143  4.542   1.00 8.46  ? 91  LYS X CB  1 
ATOM   356  C CG  . LYS A 1 50  ? -9.243  -9.563  5.982   1.00 10.76 ? 91  LYS X CG  1 
ATOM   357  C CD  . LYS A 1 50  ? -10.739 -9.486  6.303   1.00 13.67 ? 91  LYS X CD  1 
ATOM   358  C CE  . LYS A 1 50  ? -11.040 -9.817  7.768   1.00 14.87 ? 91  LYS X CE  1 
ATOM   359  N NZ  . LYS A 1 50  ? -12.378 -9.267  8.140   1.00 19.38 ? 91  LYS X NZ  1 
ATOM   360  N N   . GLY A 1 51  ? -5.974  -10.307 5.531   1.00 7.26  ? 92  GLY X N   1 
ATOM   361  C CA  . GLY A 1 51  ? -5.199  -11.517 5.834   1.00 7.84  ? 92  GLY X CA  1 
ATOM   362  C C   . GLY A 1 51  ? -3.822  -11.562 5.211   1.00 8.83  ? 92  GLY X C   1 
ATOM   363  O O   . GLY A 1 51  ? -3.043  -12.475 5.502   1.00 10.84 ? 92  GLY X O   1 
ATOM   364  N N   . SER A 1 52  ? -3.520  -10.600 4.333   1.00 8.55  ? 93  SER X N   1 
ATOM   365  C CA  . SER A 1 52  ? -2.196  -10.553 3.703   1.00 8.14  ? 93  SER X CA  1 
ATOM   366  C C   . SER A 1 52  ? -1.209  -9.695  4.525   1.00 7.93  ? 93  SER X C   1 
ATOM   367  O O   . SER A 1 52  ? -1.557  -9.214  5.600   1.00 8.85  ? 93  SER X O   1 
ATOM   368  C CB  . SER A 1 52  ? -2.298  -10.103 2.238   1.00 8.59  ? 93  SER X CB  1 
ATOM   369  O OG  . SER A 1 52  ? -2.684  -8.755  2.112   1.00 8.13  ? 93  SER X OG  1 
ATOM   370  N N   . THR A 1 53  ? 0.029   -9.542  4.042   1.00 7.42  ? 94  THR X N   1 
ATOM   371  C CA  . THR A 1 53  ? 1.116   -9.060  4.883   1.00 7.80  ? 94  THR X CA  1 
ATOM   372  C C   . THR A 1 53  ? 1.880   -7.883  4.298   1.00 6.89  ? 94  THR X C   1 
ATOM   373  O O   . THR A 1 53  ? 1.774   -7.606  3.104   1.00 7.39  ? 94  THR X O   1 
ATOM   374  C CB  . THR A 1 53  ? 2.169   -10.178 5.110   1.00 7.76  ? 94  THR X CB  1 
ATOM   375  O OG1 . THR A 1 53  ? 2.945   -10.387 3.906   1.00 9.22  ? 94  THR X OG1 1 
ATOM   376  C CG2 . THR A 1 53  ? 1.492   -11.494 5.580   1.00 8.30  ? 94  THR X CG2 1 
ATOM   377  N N   . PHE A 1 54  ? 2.643   -7.208  5.159   1.00 7.39  ? 95  PHE X N   1 
ATOM   378  C CA  . PHE A 1 54  ? 3.694   -6.310  4.715   1.00 8.06  ? 95  PHE X CA  1 
ATOM   379  C C   . PHE A 1 54  ? 4.942   -7.170  4.616   1.00 8.69  ? 95  PHE X C   1 
ATOM   380  O O   . PHE A 1 54  ? 5.495   -7.569  5.626   1.00 10.01 ? 95  PHE X O   1 
ATOM   381  C CB  . PHE A 1 54  ? 3.932   -5.182  5.719   1.00 7.50  ? 95  PHE X CB  1 
ATOM   382  C CG  . PHE A 1 54  ? 2.959   -4.049  5.608   1.00 7.07  ? 95  PHE X CG  1 
ATOM   383  C CD1 . PHE A 1 54  ? 1.669   -4.148  6.145   1.00 7.69  ? 95  PHE X CD1 1 
ATOM   384  C CD2 . PHE A 1 54  ? 3.316   -2.887  4.938   1.00 6.65  ? 95  PHE X CD2 1 
ATOM   385  C CE1 . PHE A 1 54  ? 0.762   -3.088  6.039   1.00 7.86  ? 95  PHE X CE1 1 
ATOM   386  C CE2 . PHE A 1 54  ? 2.429   -1.819  4.835   1.00 6.98  ? 95  PHE X CE2 1 
ATOM   387  C CZ  . PHE A 1 54  ? 1.144   -1.919  5.364   1.00 7.94  ? 95  PHE X CZ  1 
ATOM   388  N N   . HIS A 1 55  ? 5.368   -7.463  3.389   1.00 8.38  ? 96  HIS X N   1 
ATOM   389  C CA  . HIS A 1 55  ? 6.396   -8.476  3.147   1.00 8.49  ? 96  HIS X CA  1 
ATOM   390  C C   . HIS A 1 55  ? 7.784   -7.892  2.962   1.00 8.83  ? 96  HIS X C   1 
ATOM   391  O O   . HIS A 1 55  ? 8.787   -8.615  3.000   1.00 9.30  ? 96  HIS X O   1 
ATOM   392  C CB  . HIS A 1 55  ? 6.059   -9.304  1.915   1.00 8.17  ? 96  HIS X CB  1 
ATOM   393  C CG  . HIS A 1 55  ? 6.181   -8.546  0.627   1.00 9.33  ? 96  HIS X CG  1 
ATOM   394  N ND1 . HIS A 1 55  ? 5.149   -7.794  0.107   1.00 8.14  ? 96  HIS X ND1 1 
ATOM   395  C CD2 . HIS A 1 55  ? 7.213   -8.431  -0.246  1.00 8.71  ? 96  HIS X CD2 1 
ATOM   396  C CE1 . HIS A 1 55  ? 5.545   -7.245  -1.029  1.00 8.41  ? 96  HIS X CE1 1 
ATOM   397  N NE2 . HIS A 1 55  ? 6.796   -7.608  -1.260  1.00 8.08  ? 96  HIS X NE2 1 
ATOM   398  N N   . ARG A 1 56  ? 7.845   -6.586  2.740   1.00 8.78  ? 97  ARG X N   1 
ATOM   399  C CA  . ARG A 1 56  ? 9.113   -5.910  2.514   1.00 9.00  ? 97  ARG X CA  1 
ATOM   400  C C   . ARG A 1 56  ? 9.074   -4.549  3.187   1.00 9.04  ? 97  ARG X C   1 
ATOM   401  O O   . ARG A 1 56  ? 8.290   -3.688  2.804   1.00 9.21  ? 97  ARG X O   1 
ATOM   402  C CB  . ARG A 1 56  ? 9.364   -5.771  1.007   1.00 9.32  ? 97  ARG X CB  1 
ATOM   403  C CG  . ARG A 1 56  ? 10.664  -5.099  0.637   1.00 11.25 ? 97  ARG X CG  1 
ATOM   404  C CD  . ARG A 1 56  ? 10.698  -4.885  -0.874  1.00 13.40 ? 97  ARG X CD  1 
ATOM   405  N NE  . ARG A 1 56  ? 11.951  -4.290  -1.332  1.00 14.91 ? 97  ARG X NE  1 
ATOM   406  C CZ  . ARG A 1 56  ? 12.059  -3.196  -2.086  0.90 13.85 ? 97  ARG X CZ  1 
ATOM   407  N NH1 . ARG A 1 56  ? 10.997  -2.515  -2.518  0.80 12.61 ? 97  ARG X NH1 1 
ATOM   408  N NH2 . ARG A 1 56  ? 13.272  -2.786  -2.425  0.80 13.10 ? 97  ARG X NH2 1 
ATOM   409  N N   . VAL A 1 57  ? 9.917   -4.373  4.202   1.00 8.69  ? 98  VAL X N   1 
ATOM   410  C CA  . VAL A 1 57  ? 9.915   -3.147  4.981   1.00 8.81  ? 98  VAL X CA  1 
ATOM   411  C C   . VAL A 1 57  ? 11.348  -2.726  5.171   1.00 8.90  ? 98  VAL X C   1 
ATOM   412  O O   . VAL A 1 57  ? 12.153  -3.519  5.667   1.00 9.07  ? 98  VAL X O   1 
ATOM   413  C CB  . VAL A 1 57  ? 9.242   -3.360  6.359   1.00 9.09  ? 98  VAL X CB  1 
ATOM   414  C CG1 . VAL A 1 57  ? 9.256   -2.074  7.164   1.00 8.89  ? 98  VAL X CG1 1 
ATOM   415  C CG2 . VAL A 1 57  ? 7.802   -3.874  6.186   1.00 7.44  ? 98  VAL X CG2 1 
ATOM   416  N N   . ILE A 1 58  ? 11.657  -1.501  4.744   1.00 8.64  ? 99  ILE X N   1 
ATOM   417  C CA  . ILE A 1 58  ? 13.030  -0.991  4.775   1.00 8.61  ? 99  ILE X CA  1 
ATOM   418  C C   . ILE A 1 58  ? 13.058  0.311   5.568   1.00 8.75  ? 99  ILE X C   1 
ATOM   419  O O   . ILE A 1 58  ? 12.451  1.317   5.167   1.00 7.26  ? 99  ILE X O   1 
ATOM   420  C CB  . ILE A 1 58  ? 13.596  -0.775  3.344   1.00 8.84  ? 99  ILE X CB  1 
ATOM   421  C CG1 . ILE A 1 58  ? 13.591  -2.107  2.584   1.00 9.61  ? 99  ILE X CG1 1 
ATOM   422  C CG2 . ILE A 1 58  ? 14.995  -0.174  3.435   1.00 8.75  ? 99  ILE X CG2 1 
ATOM   423  C CD1 . ILE A 1 58  ? 14.073  -1.975  1.149   1.00 11.55 ? 99  ILE X CD1 1 
ATOM   424  N N   . PRO A 1 59  ? 13.705  0.277   6.752   1.00 8.99  ? 100 PRO X N   1 
ATOM   425  C CA  . PRO A 1 59  ? 13.777  1.489   7.568   1.00 9.47  ? 100 PRO X CA  1 
ATOM   426  C C   . PRO A 1 59  ? 14.357  2.690   6.808   1.00 9.41  ? 100 PRO X C   1 
ATOM   427  O O   . PRO A 1 59  ? 15.279  2.525   5.997   1.00 10.22 ? 100 PRO X O   1 
ATOM   428  C CB  . PRO A 1 59  ? 14.683  1.068   8.746   1.00 9.76  ? 100 PRO X CB  1 
ATOM   429  C CG  . PRO A 1 59  ? 14.537  -0.420  8.811   1.00 10.50 ? 100 PRO X CG  1 
ATOM   430  C CD  . PRO A 1 59  ? 14.369  -0.876  7.392   1.00 10.20 ? 100 PRO X CD  1 
ATOM   431  N N   . SER A 1 60  ? 13.808  3.867   7.074   1.00 9.47  ? 101 SER X N   1 
ATOM   432  C CA  . SER A 1 60  ? 14.182  5.107   6.397   1.00 10.16 ? 101 SER X CA  1 
ATOM   433  C C   . SER A 1 60  ? 13.930  5.043   4.882   1.00 9.71  ? 101 SER X C   1 
ATOM   434  O O   . SER A 1 60  ? 14.584  5.735   4.092   1.00 10.52 ? 101 SER X O   1 
ATOM   435  C CB  . SER A 1 60  ? 15.643  5.496   6.691   1.00 10.86 ? 101 SER X CB  1 
ATOM   436  O OG  . SER A 1 60  ? 15.834  5.683   8.089   0.80 13.01 ? 101 SER X OG  1 
ATOM   437  N N   . PHE A 1 61  ? 12.947  4.231   4.486   1.00 9.47  ? 102 PHE X N   1 
ATOM   438  C CA  . PHE A 1 61  ? 12.523  4.193   3.090   1.00 7.93  ? 102 PHE X CA  1 
ATOM   439  C C   . PHE A 1 61  ? 10.992  4.021   2.998   1.00 7.41  ? 102 PHE X C   1 
ATOM   440  O O   . PHE A 1 61  ? 10.275  4.995   2.752   1.00 6.88  ? 102 PHE X O   1 
ATOM   441  C CB  . PHE A 1 61  ? 13.304  3.104   2.327   1.00 8.64  ? 102 PHE X CB  1 
ATOM   442  C CG  . PHE A 1 61  ? 12.895  2.918   0.868   1.00 8.28  ? 102 PHE X CG  1 
ATOM   443  C CD1 . PHE A 1 61  ? 12.311  3.944   0.133   1.00 8.81  ? 102 PHE X CD1 1 
ATOM   444  C CD2 . PHE A 1 61  ? 13.138  1.720   0.228   1.00 9.48  ? 102 PHE X CD2 1 
ATOM   445  C CE1 . PHE A 1 61  ? 11.954  3.754   -1.214  1.00 8.74  ? 102 PHE X CE1 1 
ATOM   446  C CE2 . PHE A 1 61  ? 12.783  1.536   -1.116  1.00 9.27  ? 102 PHE X CE2 1 
ATOM   447  C CZ  . PHE A 1 61  ? 12.202  2.565   -1.828  1.00 9.44  ? 102 PHE X CZ  1 
ATOM   448  N N   . MET A 1 62  ? 10.508  2.793   3.163   1.00 6.64  ? 103 MET X N   1 
ATOM   449  C CA  . MET A 1 62  ? 9.070   2.544   2.992   1.00 6.57  ? 103 MET X CA  1 
ATOM   450  C C   . MET A 1 62  ? 8.650   1.192   3.546   1.00 6.64  ? 103 MET X C   1 
ATOM   451  O O   . MET A 1 62  ? 9.503   0.324   3.810   1.00 6.47  ? 103 MET X O   1 
ATOM   452  C CB  . MET A 1 62  ? 8.671   2.660   1.501   1.00 7.10  ? 103 MET X CB  1 
ATOM   453  C CG  . MET A 1 62  ? 9.407   1.711   0.545   1.00 6.47  ? 103 MET X CG  1 
ATOM   454  S SD  . MET A 1 62  ? 8.689   0.035   0.547   1.00 7.81  ? 103 MET X SD  1 
ATOM   455  C CE  . MET A 1 62  ? 10.172  -0.988  0.590   1.00 8.75  ? 103 MET X CE  1 
ATOM   456  N N   . CYS A 1 63  ? 7.330   1.024   3.703   1.00 6.41  ? 104 CYS X N   1 
ATOM   457  C CA  . CYS A 1 63  ? 6.727   -0.272  4.066   1.00 6.66  ? 104 CYS X CA  1 
ATOM   458  C C   . CYS A 1 63  ? 5.859   -0.735  2.892   1.00 6.05  ? 104 CYS X C   1 
ATOM   459  O O   . CYS A 1 63  ? 4.960   -0.004  2.472   1.00 5.52  ? 104 CYS X O   1 
ATOM   460  C CB  . CYS A 1 63  ? 5.836   -0.121  5.300   1.00 6.24  ? 104 CYS X CB  1 
ATOM   461  S SG  . CYS A 1 63  ? 6.619   0.729   6.686   1.00 7.49  ? 104 CYS X SG  1 
ATOM   462  N N   . GLN A 1 64  ? 6.136   -1.944  2.387   1.00 5.62  ? 105 GLN X N   1 
ATOM   463  C CA  . GLN A 1 64  ? 5.475   -2.482  1.194   1.00 6.01  ? 105 GLN X CA  1 
ATOM   464  C C   . GLN A 1 64  ? 4.577   -3.673  1.531   1.00 6.31  ? 105 GLN X C   1 
ATOM   465  O O   . GLN A 1 64  ? 4.940   -4.563  2.308   1.00 6.04  ? 105 GLN X O   1 
ATOM   466  C CB  . GLN A 1 64  ? 6.520   -2.919  0.171   1.00 6.38  ? 105 GLN X CB  1 
ATOM   467  C CG  . GLN A 1 64  ? 5.947   -3.355  -1.183  1.00 6.52  ? 105 GLN X CG  1 
ATOM   468  C CD  . GLN A 1 64  ? 7.037   -3.640  -2.204  1.00 7.13  ? 105 GLN X CD  1 
ATOM   469  O OE1 . GLN A 1 64  ? 8.144   -3.105  -2.097  1.00 6.73  ? 105 GLN X OE1 1 
ATOM   470  N NE2 . GLN A 1 64  ? 6.725   -4.473  -3.212  1.00 6.50  ? 105 GLN X NE2 1 
ATOM   471  N N   . ALA A 1 65  ? 3.422   -3.697  0.877   1.00 6.07  ? 106 ALA X N   1 
ATOM   472  C CA  . ALA A 1 65  ? 2.430   -4.740  1.061   1.00 5.87  ? 106 ALA X CA  1 
ATOM   473  C C   . ALA A 1 65  ? 1.666   -4.980  -0.238  1.00 5.64  ? 106 ALA X C   1 
ATOM   474  O O   . ALA A 1 65  ? 2.026   -4.453  -1.288  1.00 6.39  ? 106 ALA X O   1 
ATOM   475  C CB  . ALA A 1 65  ? 1.457   -4.348  2.195   1.00 6.08  ? 106 ALA X CB  1 
ATOM   476  N N   . GLY A 1 66  ? 0.605   -5.780  -0.153  1.00 6.45  ? 107 GLY X N   1 
ATOM   477  C CA  . GLY A 1 66  ? -0.333  -5.957  -1.257  1.00 6.01  ? 107 GLY X CA  1 
ATOM   478  C C   . GLY A 1 66  ? -0.191  -7.223  -2.089  1.00 6.15  ? 107 GLY X C   1 
ATOM   479  O O   . GLY A 1 66  ? -0.996  -7.453  -2.986  1.00 5.68  ? 107 GLY X O   1 
ATOM   480  N N   . ASP A 1 67  ? 0.813   -8.047  -1.794  1.00 5.75  ? 108 ASP X N   1 
ATOM   481  C CA  . ASP A 1 67  ? 0.973   -9.300  -2.518  1.00 6.34  ? 108 ASP X CA  1 
ATOM   482  C C   . ASP A 1 67  ? 0.149   -10.357 -1.805  1.00 6.48  ? 108 ASP X C   1 
ATOM   483  O O   . ASP A 1 67  ? 0.678   -11.160 -1.037  1.00 6.65  ? 108 ASP X O   1 
ATOM   484  C CB  . ASP A 1 67  ? 2.441   -9.714  -2.638  1.00 5.87  ? 108 ASP X CB  1 
ATOM   485  C CG  . ASP A 1 67  ? 2.609   -10.951 -3.480  1.00 7.65  ? 108 ASP X CG  1 
ATOM   486  O OD1 . ASP A 1 67  ? 1.571   -11.510 -3.881  1.00 6.67  ? 108 ASP X OD1 1 
ATOM   487  O OD2 . ASP A 1 67  ? 3.764   -11.348 -3.761  1.00 6.90  ? 108 ASP X OD2 1 
ATOM   488  N N   . PHE A 1 68  ? -1.159  -10.328 -2.064  1.00 7.08  ? 109 PHE X N   1 
ATOM   489  C CA  . PHE A 1 68  ? -2.079  -11.233 -1.388  1.00 7.31  ? 109 PHE X CA  1 
ATOM   490  C C   . PHE A 1 68  ? -2.161  -12.627 -2.038  1.00 7.69  ? 109 PHE X C   1 
ATOM   491  O O   . PHE A 1 68  ? -2.892  -13.493 -1.539  1.00 9.16  ? 109 PHE X O   1 
ATOM   492  C CB  . PHE A 1 68  ? -3.476  -10.610 -1.271  1.00 7.86  ? 109 PHE X CB  1 
ATOM   493  C CG  . PHE A 1 68  ? -4.117  -10.262 -2.595  1.00 6.66  ? 109 PHE X CG  1 
ATOM   494  C CD1 . PHE A 1 68  ? -4.787  -11.232 -3.323  1.00 8.73  ? 109 PHE X CD1 1 
ATOM   495  C CD2 . PHE A 1 68  ? -4.128  -8.960  -3.072  1.00 9.16  ? 109 PHE X CD2 1 
ATOM   496  C CE1 . PHE A 1 68  ? -5.396  -10.940 -4.517  1.00 9.08  ? 109 PHE X CE1 1 
ATOM   497  C CE2 . PHE A 1 68  ? -4.751  -8.661  -4.284  1.00 8.57  ? 109 PHE X CE2 1 
ATOM   498  C CZ  . PHE A 1 68  ? -5.379  -9.646  -5.003  1.00 9.04  ? 109 PHE X CZ  1 
ATOM   499  N N   . THR A 1 69  ? -1.404  -12.850 -3.125  1.00 8.04  ? 110 THR X N   1 
ATOM   500  C CA  . THR A 1 69  ? -1.383  -14.172 -3.788  1.00 8.77  ? 110 THR X CA  1 
ATOM   501  C C   . THR A 1 69  ? -0.140  -14.981 -3.455  1.00 9.56  ? 110 THR X C   1 
ATOM   502  O O   . THR A 1 69  ? -0.258  -16.178 -3.202  1.00 9.95  ? 110 THR X O   1 
ATOM   503  C CB  . THR A 1 69  ? -1.545  -14.086 -5.336  1.00 9.12  ? 110 THR X CB  1 
ATOM   504  O OG1 . THR A 1 69  ? -0.440  -13.379 -5.922  1.00 9.20  ? 110 THR X OG1 1 
ATOM   505  C CG2 . THR A 1 69  ? -2.858  -13.414 -5.716  1.00 9.72  ? 110 THR X CG2 1 
ATOM   506  N N   . ASN A 1 70  ? 1.031   -14.337 -3.436  1.00 9.48  ? 111 ASN X N   1 
ATOM   507  C CA  . ASN A 1 70  ? 2.330   -15.022 -3.179  1.00 10.07 ? 111 ASN X CA  1 
ATOM   508  C C   . ASN A 1 70  ? 3.092   -14.558 -1.933  1.00 10.43 ? 111 ASN X C   1 
ATOM   509  O O   . ASN A 1 70  ? 4.067   -15.206 -1.513  1.00 10.86 ? 111 ASN X O   1 
ATOM   510  C CB  . ASN A 1 70  ? 3.276   -14.886 -4.388  1.00 10.84 ? 111 ASN X CB  1 
ATOM   511  C CG  . ASN A 1 70  ? 2.724   -15.519 -5.647  1.00 11.74 ? 111 ASN X CG  1 
ATOM   512  O OD1 . ASN A 1 70  ? 1.806   -16.339 -5.602  1.00 14.94 ? 111 ASN X OD1 1 
ATOM   513  N ND2 . ASN A 1 70  ? 3.303   -15.165 -6.783  1.00 11.94 ? 111 ASN X ND2 1 
ATOM   514  N N   . HIS A 1 71  ? 2.690   -13.414 -1.375  1.00 10.23 ? 112 HIS X N   1 
ATOM   515  C CA  . HIS A 1 71  ? 3.179   -12.946 -0.082  1.00 9.75  ? 112 HIS X CA  1 
ATOM   516  C C   . HIS A 1 71  ? 4.674   -12.669 -0.069  1.00 9.17  ? 112 HIS X C   1 
ATOM   517  O O   . HIS A 1 71  ? 5.321   -12.669 0.991   1.00 10.50 ? 112 HIS X O   1 
ATOM   518  C CB  . HIS A 1 71  ? 2.819   -13.943 1.024   1.00 9.89  ? 112 HIS X CB  1 
ATOM   519  C CG  . HIS A 1 71  ? 1.379   -14.332 1.022   1.00 10.74 ? 112 HIS X CG  1 
ATOM   520  N ND1 . HIS A 1 71  ? 0.378   -13.470 1.428   1.00 11.18 ? 112 HIS X ND1 1 
ATOM   521  C CD2 . HIS A 1 71  ? 0.763   -15.476 0.635   1.00 13.20 ? 112 HIS X CD2 1 
ATOM   522  C CE1 . HIS A 1 71  ? -0.789  -14.079 1.312   1.00 13.02 ? 112 HIS X CE1 1 
ATOM   523  N NE2 . HIS A 1 71  ? -0.583  -15.294 0.831   1.00 13.50 ? 112 HIS X NE2 1 
ATOM   524  N N   . ASN A 1 72  ? 5.225   -12.383 -1.245  1.00 8.63  ? 113 ASN X N   1 
ATOM   525  C CA  . ASN A 1 72  ? 6.676   -12.179 -1.355  1.00 8.26  ? 113 ASN X CA  1 
ATOM   526  C C   . ASN A 1 72  ? 7.167   -11.117 -2.359  1.00 8.25  ? 113 ASN X C   1 
ATOM   527  O O   . ASN A 1 72  ? 8.393   -10.958 -2.530  1.00 9.14  ? 113 ASN X O   1 
ATOM   528  C CB  . ASN A 1 72  ? 7.353   -13.530 -1.619  1.00 8.74  ? 113 ASN X CB  1 
ATOM   529  C CG  . ASN A 1 72  ? 7.005   -14.122 -2.965  1.00 8.54  ? 113 ASN X CG  1 
ATOM   530  O OD1 . ASN A 1 72  ? 6.452   -13.450 -3.854  1.00 9.22  ? 113 ASN X OD1 1 
ATOM   531  N ND2 . ASN A 1 72  ? 7.358   -15.396 -3.146  1.00 9.75  ? 113 ASN X ND2 1 
ATOM   532  N N   . GLY A 1 73  ? 6.244   -10.422 -3.030  1.00 7.98  ? 114 GLY X N   1 
ATOM   533  C CA  . GLY A 1 73  ? 6.629   -9.390  -3.993  1.00 8.63  ? 114 GLY X CA  1 
ATOM   534  C C   . GLY A 1 73  ? 6.482   -9.810  -5.438  1.00 8.27  ? 114 GLY X C   1 
ATOM   535  O O   . GLY A 1 73  ? 6.581   -8.986  -6.349  1.00 8.73  ? 114 GLY X O   1 
ATOM   536  N N   . THR A 1 74  ? 6.223   -11.100 -5.672  1.00 8.28  ? 115 THR X N   1 
ATOM   537  C CA  . THR A 1 74  ? 6.080   -11.578 -7.049  1.00 9.08  ? 115 THR X CA  1 
ATOM   538  C C   . THR A 1 74  ? 4.639   -11.598 -7.526  1.00 9.55  ? 115 THR X C   1 
ATOM   539  O O   . THR A 1 74  ? 4.393   -11.730 -8.729  1.00 10.22 ? 115 THR X O   1 
ATOM   540  C CB  . THR A 1 74  ? 6.665   -12.981 -7.208  1.00 9.55  ? 115 THR X CB  1 
ATOM   541  O OG1 . THR A 1 74  ? 5.914   -13.886 -6.389  1.00 10.33 ? 115 THR X OG1 1 
ATOM   542  C CG2 . THR A 1 74  ? 8.139   -12.995 -6.817  1.00 10.04 ? 115 THR X CG2 1 
ATOM   543  N N   . GLY A 1 75  ? 3.687   -11.427 -6.613  1.00 8.42  ? 116 GLY X N   1 
ATOM   544  C CA  . GLY A 1 75  ? 2.283   -11.653 -6.942  1.00 8.57  ? 116 GLY X CA  1 
ATOM   545  C C   . GLY A 1 75  ? 1.387   -10.432 -6.832  1.00 8.05  ? 116 GLY X C   1 
ATOM   546  O O   . GLY A 1 75  ? 1.812   -9.281  -7.037  1.00 8.92  ? 116 GLY X O   1 
ATOM   547  N N   . GLY A 1 76  ? 0.127   -10.705 -6.536  1.00 7.62  ? 117 GLY X N   1 
ATOM   548  C CA  . GLY A 1 76  ? -0.910  -9.689  -6.515  1.00 7.40  ? 117 GLY X CA  1 
ATOM   549  C C   . GLY A 1 76  ? -1.576  -9.609  -7.871  1.00 7.16  ? 117 GLY X C   1 
ATOM   550  O O   . GLY A 1 76  ? -1.040  -10.089 -8.882  1.00 7.55  ? 117 GLY X O   1 
ATOM   551  N N   . LYS A 1 77  ? -2.745  -8.986  -7.890  1.00 6.63  ? 118 LYS X N   1 
ATOM   552  C CA  . LYS A 1 77  ? -3.489  -8.716  -9.114  1.00 7.02  ? 118 LYS X CA  1 
ATOM   553  C C   . LYS A 1 77  ? -4.467  -7.579  -8.834  1.00 6.81  ? 118 LYS X C   1 
ATOM   554  O O   . LYS A 1 77  ? -4.788  -7.305  -7.675  1.00 6.54  ? 118 LYS X O   1 
ATOM   555  C CB  . LYS A 1 77  ? -4.246  -9.948  -9.587  1.00 7.04  ? 118 LYS X CB  1 
ATOM   556  C CG  . LYS A 1 77  ? -5.293  -10.426 -8.602  1.00 9.49  ? 118 LYS X CG  1 
ATOM   557  C CD  . LYS A 1 77  ? -6.029  -11.663 -9.097  1.00 11.98 ? 118 LYS X CD  1 
ATOM   558  C CE  . LYS A 1 77  ? -6.897  -12.220 -7.980  1.00 13.77 ? 118 LYS X CE  1 
ATOM   559  N NZ  . LYS A 1 77  ? -7.763  -13.345 -8.441  1.00 15.93 ? 118 LYS X NZ  1 
ATOM   560  N N   . SER A 1 78  ? -4.898  -6.913  -9.897  1.00 6.36  ? 119 SER X N   1 
ATOM   561  C CA  . SER A 1 78  ? -5.806  -5.777  -9.803  1.00 5.99  ? 119 SER X CA  1 
ATOM   562  C C   . SER A 1 78  ? -7.250  -6.250  -10.026 1.00 5.67  ? 119 SER X C   1 
ATOM   563  O O   . SER A 1 78  ? -7.520  -7.382  -10.450 1.00 6.18  ? 119 SER X O   1 
ATOM   564  C CB  . SER A 1 78  ? -5.452  -4.680  -10.819 1.00 6.26  ? 119 SER X CB  1 
ATOM   565  O OG  . SER A 1 78  ? -5.970  -4.918  -12.115 1.00 6.99  ? 119 SER X OG  1 
ATOM   566  N N   . ILE A 1 79  ? -8.193  -5.369  -9.741  1.00 4.94  ? 120 ILE X N   1 
ATOM   567  C CA  . ILE A 1 79  ? -9.588  -5.694  -9.990  1.00 5.55  ? 120 ILE X CA  1 
ATOM   568  C C   . ILE A 1 79  ? -9.887  -5.668  -11.482 1.00 6.33  ? 120 ILE X C   1 
ATOM   569  O O   . ILE A 1 79  ? -10.979 -6.097  -11.891 1.00 7.53  ? 120 ILE X O   1 
ATOM   570  C CB  . ILE A 1 79  ? -10.541 -4.747  -9.254  1.00 5.57  ? 120 ILE X CB  1 
ATOM   571  C CG1 . ILE A 1 79  ? -10.414 -3.324  -9.809  1.00 4.36  ? 120 ILE X CG1 1 
ATOM   572  C CG2 . ILE A 1 79  ? -10.275 -4.799  -7.741  1.00 5.36  ? 120 ILE X CG2 1 
ATOM   573  C CD1 . ILE A 1 79  ? -11.458 -2.325  -9.233  1.00 5.36  ? 120 ILE X CD1 1 
ATOM   574  N N   . TYR A 1 80  ? -8.936  -5.186  -12.296 1.00 5.97  ? 121 TYR X N   1 
ATOM   575  C CA  . TYR A 1 80  ? -9.145  -5.034  -13.755 1.00 5.78  ? 121 TYR X CA  1 
ATOM   576  C C   . TYR A 1 80  ? -8.597  -6.213  -14.558 1.00 6.17  ? 121 TYR X C   1 
ATOM   577  O O   . TYR A 1 80  ? -8.962  -6.390  -15.733 1.00 6.23  ? 121 TYR X O   1 
ATOM   578  C CB  . TYR A 1 80  ? -8.468  -3.760  -14.265 1.00 6.01  ? 121 TYR X CB  1 
ATOM   579  C CG  . TYR A 1 80  ? -8.870  -2.515  -13.511 1.00 5.86  ? 121 TYR X CG  1 
ATOM   580  C CD1 . TYR A 1 80  ? -10.184 -2.081  -13.485 1.00 5.47  ? 121 TYR X CD1 1 
ATOM   581  C CD2 . TYR A 1 80  ? -7.922  -1.784  -12.806 1.00 6.36  ? 121 TYR X CD2 1 
ATOM   582  C CE1 . TYR A 1 80  ? -10.537 -0.934  -12.795 1.00 3.95  ? 121 TYR X CE1 1 
ATOM   583  C CE2 . TYR A 1 80  ? -8.266  -0.649  -12.122 1.00 4.22  ? 121 TYR X CE2 1 
ATOM   584  C CZ  . TYR A 1 80  ? -9.574  -0.235  -12.085 1.00 3.87  ? 121 TYR X CZ  1 
ATOM   585  O OH  . TYR A 1 80  ? -9.955  0.905   -11.386 1.00 4.94  ? 121 TYR X OH  1 
ATOM   586  N N   . GLY A 1 81  ? -7.735  -6.992  -13.916 1.00 6.45  ? 122 GLY X N   1 
ATOM   587  C CA  . GLY A 1 81  ? -6.892  -8.000  -14.579 1.00 6.37  ? 122 GLY X CA  1 
ATOM   588  C C   . GLY A 1 81  ? -5.551  -8.083  -13.876 1.00 6.61  ? 122 GLY X C   1 
ATOM   589  O O   . GLY A 1 81  ? -5.364  -7.487  -12.799 1.00 6.22  ? 122 GLY X O   1 
ATOM   590  N N   . SER A 1 82  ? -4.581  -8.798  -14.445 1.00 5.85  ? 123 SER X N   1 
ATOM   591  C CA  A SER A 1 82  ? -3.329  -9.034  -13.721 0.50 6.76  ? 123 SER X CA  1 
ATOM   592  C CA  B SER A 1 82  ? -3.317  -9.025  -13.743 0.50 6.98  ? 123 SER X CA  1 
ATOM   593  C C   . SER A 1 82  ? -2.589  -7.729  -13.458 1.00 6.68  ? 123 SER X C   1 
ATOM   594  O O   . SER A 1 82  ? -2.085  -7.523  -12.350 1.00 7.79  ? 123 SER X O   1 
ATOM   595  C CB  A SER A 1 82  ? -2.431  -10.065 -14.436 0.50 6.79  ? 123 SER X CB  1 
ATOM   596  C CB  B SER A 1 82  ? -2.413  -9.939  -14.561 0.50 6.94  ? 123 SER X CB  1 
ATOM   597  O OG  A SER A 1 82  ? -2.059  -9.680  -15.748 0.50 7.28  ? 123 SER X OG  1 
ATOM   598  O OG  B SER A 1 82  ? -3.076  -11.156 -14.809 0.50 9.17  ? 123 SER X OG  1 
ATOM   599  N N   . ARG A 1 83  ? -2.541  -6.861  -14.465 1.00 6.56  ? 124 ARG X N   1 
ATOM   600  C CA  . ARG A 1 83  ? -1.799  -5.594  -14.384 1.00 7.47  ? 124 ARG X CA  1 
ATOM   601  C C   . ARG A 1 83  ? -2.565  -4.487  -15.073 1.00 6.91  ? 124 ARG X C   1 
ATOM   602  O O   . ARG A 1 83  ? -3.378  -4.752  -15.948 1.00 7.13  ? 124 ARG X O   1 
ATOM   603  C CB  A ARG A 1 83  ? -0.419  -5.747  -15.032 0.60 7.99  ? 124 ARG X CB  1 
ATOM   604  C CB  B ARG A 1 83  ? -0.424  -5.747  -15.029 0.40 7.88  ? 124 ARG X CB  1 
ATOM   605  C CG  A ARG A 1 83  ? 0.473   -6.820  -14.376 0.60 9.77  ? 124 ARG X CG  1 
ATOM   606  C CG  B ARG A 1 83  ? 0.546   -6.541  -14.175 0.40 9.51  ? 124 ARG X CG  1 
ATOM   607  C CD  A ARG A 1 83  ? 0.891   -6.425  -12.961 0.60 10.90 ? 124 ARG X CD  1 
ATOM   608  C CD  B ARG A 1 83  ? 1.661   -7.151  -15.002 0.40 11.53 ? 124 ARG X CD  1 
ATOM   609  N NE  A ARG A 1 83  ? 1.795   -7.371  -12.297 0.60 12.01 ? 124 ARG X NE  1 
ATOM   610  N NE  B ARG A 1 83  ? 2.866   -7.309  -14.200 0.40 14.22 ? 124 ARG X NE  1 
ATOM   611  C CZ  A ARG A 1 83  ? 1.426   -8.282  -11.394 0.60 11.75 ? 124 ARG X CZ  1 
ATOM   612  C CZ  B ARG A 1 83  ? 4.050   -7.639  -14.690 0.40 14.85 ? 124 ARG X CZ  1 
ATOM   613  N NH1 A ARG A 1 83  ? 0.153   -8.436  -11.044 0.60 8.92  ? 124 ARG X NH1 1 
ATOM   614  N NH1 B ARG A 1 83  ? 4.192   -7.870  -15.984 0.40 14.59 ? 124 ARG X NH1 1 
ATOM   615  N NH2 A ARG A 1 83  ? 2.342   -9.075  -10.849 0.60 11.02 ? 124 ARG X NH2 1 
ATOM   616  N NH2 B ARG A 1 83  ? 5.090   -7.739  -13.881 0.40 15.77 ? 124 ARG X NH2 1 
ATOM   617  N N   . PHE A 1 84  ? -2.312  -3.242  -14.685 1.00 5.99  ? 125 PHE X N   1 
ATOM   618  C CA  . PHE A 1 84  ? -2.925  -2.123  -15.359 1.00 5.57  ? 125 PHE X CA  1 
ATOM   619  C C   . PHE A 1 84  ? -1.930  -0.960  -15.514 1.00 5.30  ? 125 PHE X C   1 
ATOM   620  O O   . PHE A 1 84  ? -0.910  -0.914  -14.822 1.00 5.41  ? 125 PHE X O   1 
ATOM   621  C CB  . PHE A 1 84  ? -4.249  -1.740  -14.679 1.00 6.13  ? 125 PHE X CB  1 
ATOM   622  C CG  . PHE A 1 84  ? -4.117  -1.129  -13.300 1.00 4.77  ? 125 PHE X CG  1 
ATOM   623  C CD1 . PHE A 1 84  ? -3.913  -1.919  -12.169 1.00 4.01  ? 125 PHE X CD1 1 
ATOM   624  C CD2 . PHE A 1 84  ? -4.279  0.238   -13.125 1.00 6.04  ? 125 PHE X CD2 1 
ATOM   625  C CE1 . PHE A 1 84  ? -3.867  -1.335  -10.882 1.00 4.11  ? 125 PHE X CE1 1 
ATOM   626  C CE2 . PHE A 1 84  ? -4.198  0.817   -11.859 1.00 5.20  ? 125 PHE X CE2 1 
ATOM   627  C CZ  . PHE A 1 84  ? -4.007  0.040   -10.742 1.00 5.10  ? 125 PHE X CZ  1 
ATOM   628  N N   . PRO A 1 85  ? -2.197  -0.049  -16.470 1.00 5.30  ? 126 PRO X N   1 
ATOM   629  C CA  . PRO A 1 85  ? -1.237  1.013   -16.775 1.00 6.00  ? 126 PRO X CA  1 
ATOM   630  C C   . PRO A 1 85  ? -0.986  2.009   -15.668 1.00 5.20  ? 126 PRO X C   1 
ATOM   631  O O   . PRO A 1 85  ? -1.812  2.168   -14.756 1.00 5.66  ? 126 PRO X O   1 
ATOM   632  C CB  . PRO A 1 85  ? -1.880  1.768   -17.953 1.00 6.60  ? 126 PRO X CB  1 
ATOM   633  C CG  . PRO A 1 85  ? -2.936  0.877   -18.491 1.00 6.61  ? 126 PRO X CG  1 
ATOM   634  C CD  . PRO A 1 85  ? -3.333  -0.067  -17.409 1.00 5.87  ? 126 PRO X CD  1 
ATOM   635  N N   . ASP A 1 86  ? 0.156   2.698   -15.778 1.00 4.75  ? 127 ASP X N   1 
ATOM   636  C CA  . ASP A 1 86  ? 0.420   3.886   -14.980 1.00 4.58  ? 127 ASP X CA  1 
ATOM   637  C C   . ASP A 1 86  ? -0.570  4.967   -15.373 1.00 4.99  ? 127 ASP X C   1 
ATOM   638  O O   . ASP A 1 86  ? -0.575  5.423   -16.509 1.00 6.13  ? 127 ASP X O   1 
ATOM   639  C CB  . ASP A 1 86  ? 1.845   4.365   -15.198 1.00 4.53  ? 127 ASP X CB  1 
ATOM   640  C CG  . ASP A 1 86  ? 2.852   3.366   -14.724 1.00 4.39  ? 127 ASP X CG  1 
ATOM   641  O OD1 . ASP A 1 86  ? 2.660   2.758   -13.641 1.00 4.87  ? 127 ASP X OD1 1 
ATOM   642  O OD2 . ASP A 1 86  ? 3.875   3.186   -15.427 1.00 5.06  ? 127 ASP X OD2 1 
ATOM   643  N N   . GLU A 1 87  ? -1.444  5.351   -14.445 1.00 5.56  ? 128 GLU X N   1 
ATOM   644  C CA  . GLU A 1 87  ? -2.520  6.308   -14.751 1.00 5.48  ? 128 GLU X CA  1 
ATOM   645  C C   . GLU A 1 87  ? -2.000  7.707   -15.079 1.00 5.68  ? 128 GLU X C   1 
ATOM   646  O O   . GLU A 1 87  ? -2.322  8.291   -16.111 1.00 5.96  ? 128 GLU X O   1 
ATOM   647  C CB  . GLU A 1 87  ? -3.509  6.357   -13.589 1.00 4.99  ? 128 GLU X CB  1 
ATOM   648  C CG  . GLU A 1 87  ? -4.827  7.054   -13.905 1.00 5.71  ? 128 GLU X CG  1 
ATOM   649  C CD  . GLU A 1 87  ? -5.903  6.729   -12.888 1.00 4.65  ? 128 GLU X CD  1 
ATOM   650  O OE1 . GLU A 1 87  ? -5.571  6.148   -11.818 1.00 5.43  ? 128 GLU X OE1 1 
ATOM   651  O OE2 . GLU A 1 87  ? -7.086  7.048   -13.150 1.00 5.86  ? 128 GLU X OE2 1 
ATOM   652  N N   . ASN A 1 88  ? -1.193  8.229   -14.170 1.00 5.50  ? 129 ASN X N   1 
ATOM   653  C CA  . ASN A 1 88  ? -0.409  9.433   -14.409 1.00 5.17  ? 129 ASN X CA  1 
ATOM   654  C C   . ASN A 1 88  ? 0.592   9.549   -13.281 1.00 5.16  ? 129 ASN X C   1 
ATOM   655  O O   . ASN A 1 88  ? 0.567   8.752   -12.345 1.00 4.77  ? 129 ASN X O   1 
ATOM   656  C CB  . ASN A 1 88  ? -1.287  10.686  -14.458 1.00 4.85  ? 129 ASN X CB  1 
ATOM   657  C CG  . ASN A 1 88  ? -2.069  10.909  -13.172 1.00 5.04  ? 129 ASN X CG  1 
ATOM   658  O OD1 . ASN A 1 88  ? -1.473  11.087  -12.093 1.00 5.48  ? 129 ASN X OD1 1 
ATOM   659  N ND2 . ASN A 1 88  ? -3.406  10.892  -13.278 1.00 4.63  ? 129 ASN X ND2 1 
ATOM   660  N N   . PHE A 1 89  ? 1.480   10.530  -13.400 1.00 5.26  ? 130 PHE X N   1 
ATOM   661  C CA  . PHE A 1 89  ? 2.484   10.781  -12.363 1.00 4.81  ? 130 PHE X CA  1 
ATOM   662  C C   . PHE A 1 89  ? 2.310   12.167  -11.741 1.00 5.47  ? 130 PHE X C   1 
ATOM   663  O O   . PHE A 1 89  ? 3.281   12.812  -11.316 1.00 6.36  ? 130 PHE X O   1 
ATOM   664  C CB  . PHE A 1 89  ? 3.884   10.603  -12.949 1.00 5.37  ? 130 PHE X CB  1 
ATOM   665  C CG  . PHE A 1 89  ? 4.142   9.199   -13.454 1.00 4.65  ? 130 PHE X CG  1 
ATOM   666  C CD1 . PHE A 1 89  ? 4.240   8.129   -12.568 1.00 4.58  ? 130 PHE X CD1 1 
ATOM   667  C CD2 . PHE A 1 89  ? 4.272   8.935   -14.818 1.00 6.65  ? 130 PHE X CD2 1 
ATOM   668  C CE1 . PHE A 1 89  ? 4.427   6.849   -13.034 1.00 6.59  ? 130 PHE X CE1 1 
ATOM   669  C CE2 . PHE A 1 89  ? 4.488   7.636   -15.263 1.00 6.85  ? 130 PHE X CE2 1 
ATOM   670  C CZ  . PHE A 1 89  ? 4.573   6.617   -14.370 1.00 6.86  ? 130 PHE X CZ  1 
ATOM   671  N N   . THR A 1 90  ? 1.058   12.613  -11.660 1.00 4.48  ? 131 THR X N   1 
ATOM   672  C CA  . THR A 1 90  ? 0.760   13.983  -11.225 1.00 5.76  ? 131 THR X CA  1 
ATOM   673  C C   . THR A 1 90  ? 1.139   14.186  -9.760  1.00 5.99  ? 131 THR X C   1 
ATOM   674  O O   . THR A 1 90  ? 1.776   15.180  -9.423  1.00 6.76  ? 131 THR X O   1 
ATOM   675  C CB  . THR A 1 90  ? -0.709  14.307  -11.435 1.00 6.32  ? 131 THR X CB  1 
ATOM   676  O OG1 . THR A 1 90  ? -1.005  14.175  -12.838 1.00 6.41  ? 131 THR X OG1 1 
ATOM   677  C CG2 . THR A 1 90  ? -1.038  15.739  -10.957 1.00 7.39  ? 131 THR X CG2 1 
ATOM   678  N N   . LEU A 1 91  ? 0.746   13.260  -8.883  1.00 5.18  ? 132 LEU X N   1 
ATOM   679  C CA  . LEU A 1 91  ? 1.106   13.360  -7.472  1.00 5.55  ? 132 LEU X CA  1 
ATOM   680  C C   . LEU A 1 91  ? 2.550   12.903  -7.277  1.00 5.58  ? 132 LEU X C   1 
ATOM   681  O O   . LEU A 1 91  ? 3.011   11.942  -7.920  1.00 6.21  ? 132 LEU X O   1 
ATOM   682  C CB  . LEU A 1 91  ? 0.166   12.519  -6.612  1.00 5.58  ? 132 LEU X CB  1 
ATOM   683  C CG  . LEU A 1 91  ? -1.227  13.137  -6.422  1.00 6.56  ? 132 LEU X CG  1 
ATOM   684  C CD1 . LEU A 1 91  ? -2.262  12.047  -6.108  1.00 7.51  ? 132 LEU X CD1 1 
ATOM   685  C CD2 . LEU A 1 91  ? -1.215  14.233  -5.351  1.00 8.71  ? 132 LEU X CD2 1 
ATOM   686  N N   . LYS A 1 92  ? 3.258   13.555  -6.355  1.00 5.51  ? 133 LYS X N   1 
ATOM   687  C CA  . LYS A 1 92  ? 4.686   13.310  -6.154  1.00 6.37  ? 133 LYS X CA  1 
ATOM   688  C C   . LYS A 1 92  ? 4.978   12.679  -4.793  1.00 6.06  ? 133 LYS X C   1 
ATOM   689  O O   . LYS A 1 92  ? 4.159   12.720  -3.881  1.00 6.40  ? 133 LYS X O   1 
ATOM   690  C CB  . LYS A 1 92  ? 5.475   14.602  -6.327  1.00 7.08  ? 133 LYS X CB  1 
ATOM   691  C CG  . LYS A 1 92  ? 5.212   15.343  -7.658  1.00 8.07  ? 133 LYS X CG  1 
ATOM   692  C CD  . LYS A 1 92  ? 5.547   14.539  -8.907  1.00 10.33 ? 133 LYS X CD  1 
ATOM   693  C CE  . LYS A 1 92  ? 5.138   15.280  -10.195 1.00 13.13 ? 133 LYS X CE  1 
ATOM   694  N NZ  . LYS A 1 92  ? 5.376   14.433  -11.394 1.00 14.03 ? 133 LYS X NZ  1 
ATOM   695  N N   . HIS A 1 93  ? 6.149   12.065  -4.679  1.00 5.73  ? 134 HIS X N   1 
ATOM   696  C CA  . HIS A 1 93  ? 6.579   11.428  -3.445  1.00 5.88  ? 134 HIS X CA  1 
ATOM   697  C C   . HIS A 1 93  ? 7.180   12.513  -2.549  1.00 6.85  ? 134 HIS X C   1 
ATOM   698  O O   . HIS A 1 93  ? 8.389   12.699  -2.482  1.00 7.57  ? 134 HIS X O   1 
ATOM   699  C CB  . HIS A 1 93  ? 7.592   10.320  -3.751  1.00 6.01  ? 134 HIS X CB  1 
ATOM   700  C CG  . HIS A 1 93  ? 7.038   9.189   -4.563  1.00 5.28  ? 134 HIS X CG  1 
ATOM   701  N ND1 . HIS A 1 93  ? 6.946   9.244   -5.935  1.00 4.19  ? 134 HIS X ND1 1 
ATOM   702  C CD2 . HIS A 1 93  ? 6.600   7.957   -4.204  1.00 5.34  ? 134 HIS X CD2 1 
ATOM   703  C CE1 . HIS A 1 93  ? 6.448   8.101   -6.387  1.00 5.88  ? 134 HIS X CE1 1 
ATOM   704  N NE2 . HIS A 1 93  ? 6.211   7.309   -5.354  1.00 4.46  ? 134 HIS X NE2 1 
ATOM   705  N N   . VAL A 1 94  ? 6.300   13.246  -1.887  1.00 7.55  ? 135 VAL X N   1 
ATOM   706  C CA  . VAL A 1 94  ? 6.694   14.481  -1.210  1.00 8.21  ? 135 VAL X CA  1 
ATOM   707  C C   . VAL A 1 94  ? 7.233   14.322  0.203   1.00 8.61  ? 135 VAL X C   1 
ATOM   708  O O   . VAL A 1 94  ? 7.878   15.249  0.716   1.00 10.11 ? 135 VAL X O   1 
ATOM   709  C CB  . VAL A 1 94  ? 5.532   15.485  -1.133  1.00 8.22  ? 135 VAL X CB  1 
ATOM   710  C CG1 . VAL A 1 94  ? 5.137   15.924  -2.522  1.00 8.11  ? 135 VAL X CG1 1 
ATOM   711  C CG2 . VAL A 1 94  ? 4.339   14.918  -0.357  1.00 10.05 ? 135 VAL X CG2 1 
ATOM   712  N N   . GLY A 1 95  ? 6.970   13.189  0.839   1.00 8.67  ? 136 GLY X N   1 
ATOM   713  C CA  . GLY A 1 95  ? 7.316   13.027  2.242   1.00 8.56  ? 136 GLY X CA  1 
ATOM   714  C C   . GLY A 1 95  ? 6.791   11.723  2.824   1.00 8.67  ? 136 GLY X C   1 
ATOM   715  O O   . GLY A 1 95  ? 6.170   10.915  2.119   1.00 8.05  ? 136 GLY X O   1 
ATOM   716  N N   . PRO A 1 96  ? 7.012   11.514  4.130   1.00 8.08  ? 137 PRO X N   1 
ATOM   717  C CA  . PRO A 1 96  ? 6.452   10.382  4.857   1.00 8.06  ? 137 PRO X CA  1 
ATOM   718  C C   . PRO A 1 96  ? 4.938   10.352  4.705   1.00 7.64  ? 137 PRO X C   1 
ATOM   719  O O   . PRO A 1 96  ? 4.314   11.405  4.641   1.00 7.23  ? 137 PRO X O   1 
ATOM   720  C CB  . PRO A 1 96  ? 6.804   10.686  6.320   1.00 8.89  ? 137 PRO X CB  1 
ATOM   721  C CG  . PRO A 1 96  ? 7.939   11.654  6.263   1.00 8.98  ? 137 PRO X CG  1 
ATOM   722  C CD  . PRO A 1 96  ? 7.793   12.423  4.997   1.00 8.37  ? 137 PRO X CD  1 
ATOM   723  N N   . GLY A 1 97  ? 4.363   9.158   4.619   1.00 6.37  ? 138 GLY X N   1 
ATOM   724  C CA  . GLY A 1 97  ? 2.917   9.037   4.594   1.00 6.20  ? 138 GLY X CA  1 
ATOM   725  C C   . GLY A 1 97  ? 2.341   8.941   3.188   1.00 5.56  ? 138 GLY X C   1 
ATOM   726  O O   . GLY A 1 97  ? 1.155   8.656   3.025   1.00 5.43  ? 138 GLY X O   1 
ATOM   727  N N   . VAL A 1 98  ? 3.159   9.198   2.162   1.00 5.08  ? 139 VAL X N   1 
ATOM   728  C CA  . VAL A 1 98  ? 2.712   9.045   0.775   1.00 4.99  ? 139 VAL X CA  1 
ATOM   729  C C   . VAL A 1 98  ? 2.415   7.571   0.469   1.00 4.38  ? 139 VAL X C   1 
ATOM   730  O O   . VAL A 1 98  ? 3.194   6.687   0.859   1.00 5.32  ? 139 VAL X O   1 
ATOM   731  C CB  . VAL A 1 98  ? 3.766   9.604   -0.221  1.00 5.29  ? 139 VAL X CB  1 
ATOM   732  C CG1 . VAL A 1 98  ? 3.485   9.161   -1.664  1.00 6.14  ? 139 VAL X CG1 1 
ATOM   733  C CG2 . VAL A 1 98  ? 3.816   11.141  -0.122  1.00 5.37  ? 139 VAL X CG2 1 
ATOM   734  N N   . LEU A 1 99  ? 1.282   7.332   -0.218  1.00 4.07  ? 140 LEU X N   1 
ATOM   735  C CA  . LEU A 1 99  ? 0.854   5.997   -0.608  1.00 4.18  ? 140 LEU X CA  1 
ATOM   736  C C   . LEU A 1 99  ? 1.011   5.883   -2.124  1.00 3.56  ? 140 LEU X C   1 
ATOM   737  O O   . LEU A 1 99  ? 0.511   6.717   -2.868  1.00 4.78  ? 140 LEU X O   1 
ATOM   738  C CB  . LEU A 1 99  ? -0.607  5.809   -0.217  1.00 3.50  ? 140 LEU X CB  1 
ATOM   739  C CG  . LEU A 1 99  ? -1.365  4.564   -0.668  1.00 4.35  ? 140 LEU X CG  1 
ATOM   740  C CD1 . LEU A 1 99  ? -0.809  3.319   0.033   1.00 4.03  ? 140 LEU X CD1 1 
ATOM   741  C CD2 . LEU A 1 99  ? -2.850  4.707   -0.424  1.00 4.23  ? 140 LEU X CD2 1 
ATOM   742  N N   . SER A 1 100 ? 1.743   4.863   -2.561  1.00 3.53  ? 141 SER X N   1 
ATOM   743  C CA  . SER A 1 100 ? 2.167   4.769   -3.951  1.00 4.12  ? 141 SER X CA  1 
ATOM   744  C C   . SER A 1 100 ? 2.154   3.328   -4.395  1.00 3.91  ? 141 SER X C   1 
ATOM   745  O O   . SER A 1 100 ? 2.233   2.422   -3.567  1.00 4.81  ? 141 SER X O   1 
ATOM   746  C CB  . SER A 1 100 ? 3.582   5.328   -4.088  1.00 4.67  ? 141 SER X CB  1 
ATOM   747  O OG  . SER A 1 100 ? 3.983   5.396   -5.452  1.00 5.66  ? 141 SER X OG  1 
ATOM   748  N N   . MET A 1 101 ? 2.018   3.115   -5.709  1.00 4.40  ? 142 MET X N   1 
ATOM   749  C CA  . MET A 1 101 ? 1.943   1.767   -6.240  1.00 4.35  ? 142 MET X CA  1 
ATOM   750  C C   . MET A 1 101 ? 3.323   1.189   -6.453  1.00 4.35  ? 142 MET X C   1 
ATOM   751  O O   . MET A 1 101 ? 4.159   1.799   -7.095  1.00 4.91  ? 142 MET X O   1 
ATOM   752  C CB  . MET A 1 101 ? 1.224   1.702   -7.594  1.00 4.62  ? 142 MET X CB  1 
ATOM   753  C CG  . MET A 1 101 ? -0.268  1.912   -7.551  1.00 5.78  ? 142 MET X CG  1 
ATOM   754  S SD  . MET A 1 101 ? -1.136  0.761   -6.472  1.00 5.71  ? 142 MET X SD  1 
ATOM   755  C CE  . MET A 1 101 ? -1.069  -0.791  -7.434  1.00 6.03  ? 142 MET X CE  1 
ATOM   756  N N   . ALA A 1 102 ? 3.527   -0.024  -5.941  1.00 4.21  ? 143 ALA X N   1 
ATOM   757  C CA  . ALA A 1 102 ? 4.729   -0.783  -6.246  1.00 4.34  ? 143 ALA X CA  1 
ATOM   758  C C   . ALA A 1 102 ? 4.559   -1.315  -7.658  1.00 4.33  ? 143 ALA X C   1 
ATOM   759  O O   . ALA A 1 102 ? 3.447   -1.411  -8.162  1.00 5.04  ? 143 ALA X O   1 
ATOM   760  C CB  . ALA A 1 102 ? 4.941   -1.938  -5.221  1.00 4.33  ? 143 ALA X CB  1 
ATOM   761  N N   . ASN A 1 103 ? 5.675   -1.606  -8.333  1.00 4.01  ? 144 ASN X N   1 
ATOM   762  C CA  . ASN A 1 103 ? 5.600   -2.153  -9.684  1.00 4.81  ? 144 ASN X CA  1 
ATOM   763  C C   . ASN A 1 103 ? 6.875   -2.912  -10.058 1.00 6.26  ? 144 ASN X C   1 
ATOM   764  O O   . ASN A 1 103 ? 7.847   -3.001  -9.267  1.00 6.32  ? 144 ASN X O   1 
ATOM   765  C CB  . ASN A 1 103 ? 5.219   -1.044  -10.696 1.00 4.86  ? 144 ASN X CB  1 
ATOM   766  C CG  . ASN A 1 103 ? 6.307   0.010   -10.864 1.00 6.09  ? 144 ASN X CG  1 
ATOM   767  O OD1 . ASN A 1 103 ? 7.499   -0.316  -11.015 1.00 6.60  ? 144 ASN X OD1 1 
ATOM   768  N ND2 . ASN A 1 103 ? 5.904   1.288   -10.854 1.00 5.64  ? 144 ASN X ND2 1 
ATOM   769  N N   . ALA A 1 104 ? 6.820   -3.496  -11.253 1.00 6.18  ? 145 ALA X N   1 
ATOM   770  C CA  . ALA A 1 104 ? 7.961   -4.174  -11.852 1.00 7.07  ? 145 ALA X CA  1 
ATOM   771  C C   . ALA A 1 104 ? 8.340   -3.491  -13.171 1.00 6.98  ? 145 ALA X C   1 
ATOM   772  O O   . ALA A 1 104 ? 8.689   -4.162  -14.134 1.00 8.25  ? 145 ALA X O   1 
ATOM   773  C CB  . ALA A 1 104 ? 7.650   -5.626  -12.088 1.00 7.54  ? 145 ALA X CB  1 
ATOM   774  N N   . GLY A 1 105 ? 8.309   -2.158  -13.186 1.00 5.99  ? 146 GLY X N   1 
ATOM   775  C CA  . GLY A 1 105 ? 8.594   -1.372  -14.372 1.00 6.17  ? 146 GLY X CA  1 
ATOM   776  C C   . GLY A 1 105 ? 7.348   -0.665  -14.864 1.00 5.59  ? 146 GLY X C   1 
ATOM   777  O O   . GLY A 1 105 ? 6.275   -0.782  -14.268 1.00 5.66  ? 146 GLY X O   1 
ATOM   778  N N   . PRO A 1 106 ? 7.463   0.063   -15.985 1.00 6.05  ? 147 PRO X N   1 
ATOM   779  C CA  . PRO A 1 106 ? 6.312   0.789   -16.512 1.00 5.63  ? 147 PRO X CA  1 
ATOM   780  C C   . PRO A 1 106 ? 5.083   -0.084  -16.730 1.00 5.35  ? 147 PRO X C   1 
ATOM   781  O O   . PRO A 1 106 ? 5.196   -1.224  -17.211 1.00 5.90  ? 147 PRO X O   1 
ATOM   782  C CB  . PRO A 1 106 ? 6.815   1.337   -17.851 1.00 6.13  ? 147 PRO X CB  1 
ATOM   783  C CG  . PRO A 1 106 ? 8.285   1.504   -17.605 1.00 7.55  ? 147 PRO X CG  1 
ATOM   784  C CD  . PRO A 1 106 ? 8.698   0.356   -16.743 1.00 6.71  ? 147 PRO X CD  1 
ATOM   785  N N   . ASN A 1 107 ? 3.928   0.438   -16.359 1.00 5.58  ? 148 ASN X N   1 
ATOM   786  C CA  . ASN A 1 107 ? 2.656   -0.200  -16.652 1.00 5.11  ? 148 ASN X CA  1 
ATOM   787  C C   . ASN A 1 107 ? 2.529   -1.621  -16.111 1.00 5.32  ? 148 ASN X C   1 
ATOM   788  O O   . ASN A 1 107 ? 2.038   -2.511  -16.835 1.00 6.01  ? 148 ASN X O   1 
ATOM   789  C CB  . ASN A 1 107 ? 2.399   -0.138  -18.151 1.00 5.12  ? 148 ASN X CB  1 
ATOM   790  C CG  . ASN A 1 107 ? 2.469   1.279   -18.663 1.00 5.72  ? 148 ASN X CG  1 
ATOM   791  O OD1 . ASN A 1 107 ? 1.739   2.169   -18.191 1.00 7.86  ? 148 ASN X OD1 1 
ATOM   792  N ND2 . ASN A 1 107 ? 3.352   1.511   -19.642 1.00 5.61  ? 148 ASN X ND2 1 
ATOM   793  N N   . THR A 1 108 ? 2.915   -1.828  -14.834 1.00 4.76  ? 149 THR X N   1 
ATOM   794  C CA  . THR A 1 108 ? 2.809   -3.159  -14.212 1.00 5.54  ? 149 THR X CA  1 
ATOM   795  C C   . THR A 1 108 ? 2.166   -3.072  -12.813 1.00 5.43  ? 149 THR X C   1 
ATOM   796  O O   . THR A 1 108 ? 2.482   -3.853  -11.903 1.00 6.60  ? 149 THR X O   1 
ATOM   797  C CB  . THR A 1 108 ? 4.177   -3.874  -14.137 1.00 4.86  ? 149 THR X CB  1 
ATOM   798  O OG1 . THR A 1 108 ? 5.106   -3.054  -13.435 1.00 4.99  ? 149 THR X OG1 1 
ATOM   799  C CG2 . THR A 1 108 ? 4.741   -4.176  -15.546 1.00 6.59  ? 149 THR X CG2 1 
ATOM   800  N N   . ASN A 1 109 ? 1.234   -2.133  -12.649 1.00 5.30  ? 150 ASN X N   1 
ATOM   801  C CA  . ASN A 1 109 ? 0.515   -2.031  -11.392 1.00 5.48  ? 150 ASN X CA  1 
ATOM   802  C C   . ASN A 1 109 ? -0.377  -3.242  -11.233 1.00 4.66  ? 150 ASN X C   1 
ATOM   803  O O   . ASN A 1 109 ? -1.017  -3.661  -12.190 1.00 6.28  ? 150 ASN X O   1 
ATOM   804  C CB  . ASN A 1 109 ? -0.321  -0.770  -11.392 1.00 5.02  ? 150 ASN X CB  1 
ATOM   805  C CG  . ASN A 1 109 ? 0.514   0.459   -11.594 1.00 5.43  ? 150 ASN X CG  1 
ATOM   806  O OD1 . ASN A 1 109 ? 1.215   0.880   -10.656 1.00 5.55  ? 150 ASN X OD1 1 
ATOM   807  N ND2 . ASN A 1 109 ? 0.492   1.023   -12.820 1.00 5.77  ? 150 ASN X ND2 1 
ATOM   808  N N   . GLY A 1 110 ? -0.450  -3.778  -10.016 1.00 5.27  ? 151 GLY X N   1 
ATOM   809  C CA  . GLY A 1 110 ? -1.343  -4.909  -9.738  1.00 5.76  ? 151 GLY X CA  1 
ATOM   810  C C   . GLY A 1 110 ? -2.086  -4.569  -8.470  1.00 5.51  ? 151 GLY X C   1 
ATOM   811  O O   . GLY A 1 110 ? -3.082  -3.822  -8.496  1.00 5.86  ? 151 GLY X O   1 
ATOM   812  N N   . SER A 1 111 ? -1.570  -5.073  -7.347  1.00 4.90  ? 152 SER X N   1 
ATOM   813  C CA  . SER A 1 111 ? -2.134  -4.749  -6.034  1.00 4.85  ? 152 SER X CA  1 
ATOM   814  C C   . SER A 1 111 ? -1.089  -4.309  -5.012  1.00 4.69  ? 152 SER X C   1 
ATOM   815  O O   . SER A 1 111 ? -1.441  -3.892  -3.913  1.00 5.46  ? 152 SER X O   1 
ATOM   816  C CB  . SER A 1 111 ? -2.875  -5.961  -5.462  1.00 5.17  ? 152 SER X CB  1 
ATOM   817  O OG  . SER A 1 111 ? -2.039  -7.111  -5.427  1.00 4.96  ? 152 SER X OG  1 
ATOM   818  N N   . GLN A 1 112 ? 0.189   -4.418  -5.336  1.00 4.47  ? 153 GLN X N   1 
ATOM   819  C CA  . GLN A 1 112 ? 1.193   -4.089  -4.359  1.00 4.64  ? 153 GLN X CA  1 
ATOM   820  C C   . GLN A 1 112 ? 1.356   -2.581  -4.260  1.00 4.85  ? 153 GLN X C   1 
ATOM   821  O O   . GLN A 1 112 ? 1.303   -1.875  -5.249  1.00 5.31  ? 153 GLN X O   1 
ATOM   822  C CB  . GLN A 1 112 ? 2.522   -4.752  -4.694  1.00 4.92  ? 153 GLN X CB  1 
ATOM   823  C CG  . GLN A 1 112 ? 2.501   -6.247  -4.558  1.00 5.32  ? 153 GLN X CG  1 
ATOM   824  C CD  . GLN A 1 112 ? 3.874   -6.844  -4.768  1.00 6.64  ? 153 GLN X CD  1 
ATOM   825  O OE1 . GLN A 1 112 ? 4.832   -6.430  -4.107  1.00 6.13  ? 153 GLN X OE1 1 
ATOM   826  N NE2 . GLN A 1 112 ? 3.990   -7.794  -5.718  1.00 5.77  ? 153 GLN X NE2 1 
ATOM   827  N N   . PHE A 1 113 ? 1.647   -2.130  -3.043  1.00 4.78  ? 154 PHE X N   1 
ATOM   828  C CA  . PHE A 1 113 ? 1.686   -0.714  -2.703  1.00 4.82  ? 154 PHE X CA  1 
ATOM   829  C C   . PHE A 1 113 ? 2.692   -0.481  -1.607  1.00 4.01  ? 154 PHE X C   1 
ATOM   830  O O   . PHE A 1 113 ? 3.113   -1.429  -0.928  1.00 4.96  ? 154 PHE X O   1 
ATOM   831  C CB  . PHE A 1 113 ? 0.300   -0.222  -2.238  1.00 4.60  ? 154 PHE X CB  1 
ATOM   832  C CG  . PHE A 1 113 ? -0.196  -0.855  -0.958  1.00 4.73  ? 154 PHE X CG  1 
ATOM   833  C CD1 . PHE A 1 113 ? 0.017   -0.230  0.253   1.00 5.80  ? 154 PHE X CD1 1 
ATOM   834  C CD2 . PHE A 1 113 ? -0.869  -2.068  -0.968  1.00 4.82  ? 154 PHE X CD2 1 
ATOM   835  C CE1 . PHE A 1 113 ? -0.441  -0.788  1.444   1.00 5.16  ? 154 PHE X CE1 1 
ATOM   836  C CE2 . PHE A 1 113 ? -1.343  -2.622  0.224   1.00 6.03  ? 154 PHE X CE2 1 
ATOM   837  C CZ  . PHE A 1 113 ? -1.119  -1.989  1.414   1.00 6.71  ? 154 PHE X CZ  1 
ATOM   838  N N   . PHE A 1 114 ? 3.074   0.776   -1.426  1.00 4.65  ? 155 PHE X N   1 
ATOM   839  C CA  . PHE A 1 114 ? 3.956   1.080   -0.323  1.00 4.83  ? 155 PHE X CA  1 
ATOM   840  C C   . PHE A 1 114 ? 3.571   2.390   0.335   1.00 4.77  ? 155 PHE X C   1 
ATOM   841  O O   . PHE A 1 114 ? 2.963   3.257   -0.297  1.00 5.17  ? 155 PHE X O   1 
ATOM   842  C CB  . PHE A 1 114 ? 5.425   1.054   -0.746  1.00 5.99  ? 155 PHE X CB  1 
ATOM   843  C CG  . PHE A 1 114 ? 5.807   2.032   -1.849  1.00 4.86  ? 155 PHE X CG  1 
ATOM   844  C CD1 . PHE A 1 114 ? 5.588   1.734   -3.187  1.00 4.50  ? 155 PHE X CD1 1 
ATOM   845  C CD2 . PHE A 1 114 ? 6.458   3.214   -1.548  1.00 6.07  ? 155 PHE X CD2 1 
ATOM   846  C CE1 . PHE A 1 114 ? 5.990   2.580   -4.182  1.00 5.15  ? 155 PHE X CE1 1 
ATOM   847  C CE2 . PHE A 1 114 ? 6.857   4.074   -2.569  1.00 5.75  ? 155 PHE X CE2 1 
ATOM   848  C CZ  . PHE A 1 114 ? 6.614   3.746   -3.881  1.00 6.41  ? 155 PHE X CZ  1 
ATOM   849  N N   . ILE A 1 115 ? 3.909   2.492   1.629   1.00 4.05  ? 156 ILE X N   1 
ATOM   850  C CA  . ILE A 1 115 ? 3.718   3.723   2.386   1.00 4.96  ? 156 ILE X CA  1 
ATOM   851  C C   . ILE A 1 115 ? 5.106   4.240   2.709   1.00 5.35  ? 156 ILE X C   1 
ATOM   852  O O   . ILE A 1 115 ? 5.912   3.531   3.319   1.00 6.34  ? 156 ILE X O   1 
ATOM   853  C CB  . ILE A 1 115 ? 2.898   3.514   3.676   1.00 4.40  ? 156 ILE X CB  1 
ATOM   854  C CG1 . ILE A 1 115 ? 1.538   2.893   3.341   1.00 5.20  ? 156 ILE X CG1 1 
ATOM   855  C CG2 . ILE A 1 115 ? 2.757   4.838   4.451   1.00 5.68  ? 156 ILE X CG2 1 
ATOM   856  C CD1 . ILE A 1 115 ? 0.770   2.398   4.565   1.00 5.82  ? 156 ILE X CD1 1 
ATOM   857  N N   . CYS A 1 116 ? 5.403   5.463   2.261   1.00 5.42  ? 157 CYS X N   1 
ATOM   858  C CA  . CYS A 1 116 ? 6.742   6.030   2.439   1.00 6.23  ? 157 CYS X CA  1 
ATOM   859  C C   . CYS A 1 116 ? 6.955   6.467   3.886   1.00 6.63  ? 157 CYS X C   1 
ATOM   860  O O   . CYS A 1 116 ? 6.014   6.916   4.538   1.00 7.18  ? 157 CYS X O   1 
ATOM   861  C CB  . CYS A 1 116 ? 6.936   7.230   1.527   1.00 6.27  ? 157 CYS X CB  1 
ATOM   862  S SG  . CYS A 1 116 ? 6.751   6.828   -0.226  1.00 7.23  ? 157 CYS X SG  1 
ATOM   863  N N   . THR A 1 117 ? 8.197   6.335   4.367   1.00 7.11  ? 158 THR X N   1 
ATOM   864  C CA  . THR A 1 117 ? 8.573   6.868   5.684   1.00 8.39  ? 158 THR X CA  1 
ATOM   865  C C   . THR A 1 117 ? 9.592   8.010   5.547   1.00 9.15  ? 158 THR X C   1 
ATOM   866  O O   . THR A 1 117 ? 10.096  8.524   6.536   1.00 10.13 ? 158 THR X O   1 
ATOM   867  C CB  . THR A 1 117 ? 9.122   5.758   6.571   1.00 8.02  ? 158 THR X CB  1 
ATOM   868  O OG1 . THR A 1 117 ? 10.259  5.181   5.934   1.00 9.38  ? 158 THR X OG1 1 
ATOM   869  C CG2 . THR A 1 117 ? 8.032   4.685   6.822   1.00 8.57  ? 158 THR X CG2 1 
ATOM   870  N N   . ILE A 1 118 ? 9.862   8.407   4.304   1.00 9.13  ? 159 ILE X N   1 
ATOM   871  C CA  . ILE A 1 118 ? 10.713  9.540   3.973   1.00 9.49  ? 159 ILE X CA  1 
ATOM   872  C C   . ILE A 1 118 ? 10.233  10.091  2.644   1.00 8.58  ? 159 ILE X C   1 
ATOM   873  O O   . ILE A 1 118 ? 9.372   9.506   1.987   1.00 8.94  ? 159 ILE X O   1 
ATOM   874  C CB  . ILE A 1 118 ? 12.197  9.128   3.796   1.00 10.18 ? 159 ILE X CB  1 
ATOM   875  C CG1 . ILE A 1 118 ? 12.385  8.173   2.612   1.00 10.89 ? 159 ILE X CG1 1 
ATOM   876  C CG2 . ILE A 1 118 ? 12.740  8.475   5.063   1.00 12.77 ? 159 ILE X CG2 1 
ATOM   877  C CD1 . ILE A 1 118 ? 13.829  8.094   2.101   1.00 13.01 ? 159 ILE X CD1 1 
ATOM   878  N N   . LYS A 1 119 ? 10.777  11.230  2.244   1.00 8.11  ? 160 LYS X N   1 
ATOM   879  C CA  . LYS A 1 119 ? 10.567  11.749  0.891   1.00 8.37  ? 160 LYS X CA  1 
ATOM   880  C C   . LYS A 1 119 ? 11.303  10.869  -0.120  1.00 8.40  ? 160 LYS X C   1 
ATOM   881  O O   . LYS A 1 119 ? 12.531  10.846  -0.128  1.00 10.52 ? 160 LYS X O   1 
ATOM   882  C CB  . LYS A 1 119 ? 11.097  13.190  0.809   1.00 8.47  ? 160 LYS X CB  1 
ATOM   883  C CG  . LYS A 1 119 ? 11.019  13.806  -0.577  1.00 10.65 ? 160 LYS X CG  1 
ATOM   884  C CD  . LYS A 1 119 ? 11.395  15.281  -0.539  0.70 9.67  ? 160 LYS X CD  1 
ATOM   885  C CE  . LYS A 1 119 ? 11.184  15.950  -1.875  0.50 10.88 ? 160 LYS X CE  1 
ATOM   886  N N   . THR A 1 120 ? 10.571  10.134  -0.968  1.00 8.08  ? 161 THR X N   1 
ATOM   887  C CA  . THR A 1 120 ? 11.214  9.248   -1.943  1.00 7.60  ? 161 THR X CA  1 
ATOM   888  C C   . THR A 1 120 ? 11.159  9.858   -3.357  1.00 7.88  ? 161 THR X C   1 
ATOM   889  O O   . THR A 1 120 ? 10.553  9.302   -4.281  1.00 6.91  ? 161 THR X O   1 
ATOM   890  C CB  . THR A 1 120 ? 10.581  7.844   -1.918  1.00 7.59  ? 161 THR X CB  1 
ATOM   891  O OG1 . THR A 1 120 ? 9.213   7.933   -2.322  1.00 7.69  ? 161 THR X OG1 1 
ATOM   892  C CG2 . THR A 1 120 ? 10.659  7.211   -0.514  1.00 8.92  ? 161 THR X CG2 1 
ATOM   893  N N   . ASP A 1 121 ? 11.799  11.009  -3.512  1.00 8.45  ? 162 ASP X N   1 
ATOM   894  C CA  . ASP A 1 121 ? 11.654  11.801  -4.725  1.00 8.96  ? 162 ASP X CA  1 
ATOM   895  C C   . ASP A 1 121 ? 12.151  11.118  -5.995  1.00 8.16  ? 162 ASP X C   1 
ATOM   896  O O   . ASP A 1 121 ? 11.661  11.392  -7.091  1.00 9.33  ? 162 ASP X O   1 
ATOM   897  C CB  . ASP A 1 121 ? 12.275  13.194  -4.570  1.00 9.52  ? 162 ASP X CB  1 
ATOM   898  C CG  . ASP A 1 121 ? 13.766  13.180  -4.278  1.00 13.17 ? 162 ASP X CG  1 
ATOM   899  O OD1 . ASP A 1 121 ? 14.369  14.273  -4.423  1.00 18.00 ? 162 ASP X OD1 1 
ATOM   900  O OD2 . ASP A 1 121 ? 14.348  12.128  -3.918  1.00 13.67 ? 162 ASP X OD2 1 
ATOM   901  N N   . TRP A 1 122 ? 13.104  10.208  -5.837  1.00 8.06  ? 163 TRP X N   1 
ATOM   902  C CA  . TRP A 1 122 ? 13.662  9.495   -6.969  1.00 8.20  ? 163 TRP X CA  1 
ATOM   903  C C   . TRP A 1 122 ? 12.637  8.549   -7.635  1.00 7.96  ? 163 TRP X C   1 
ATOM   904  O O   . TRP A 1 122 ? 12.875  8.049   -8.747  1.00 8.81  ? 163 TRP X O   1 
ATOM   905  C CB  . TRP A 1 122 ? 14.947  8.752   -6.573  1.00 9.07  ? 163 TRP X CB  1 
ATOM   906  C CG  . TRP A 1 122 ? 14.747  7.553   -5.683  1.00 8.75  ? 163 TRP X CG  1 
ATOM   907  C CD1 . TRP A 1 122 ? 14.585  6.260   -6.087  1.00 10.55 ? 163 TRP X CD1 1 
ATOM   908  C CD2 . TRP A 1 122 ? 14.641  7.535   -4.246  1.00 8.13  ? 163 TRP X CD2 1 
ATOM   909  N NE1 . TRP A 1 122 ? 14.399  5.447   -5.006  1.00 11.50 ? 163 TRP X NE1 1 
ATOM   910  C CE2 . TRP A 1 122 ? 14.439  6.194   -3.860  1.00 10.27 ? 163 TRP X CE2 1 
ATOM   911  C CE3 . TRP A 1 122 ? 14.746  8.511   -3.255  1.00 10.32 ? 163 TRP X CE3 1 
ATOM   912  C CZ2 . TRP A 1 122 ? 14.311  5.805   -2.523  1.00 11.18 ? 163 TRP X CZ2 1 
ATOM   913  C CZ3 . TRP A 1 122 ? 14.619  8.123   -1.925  1.00 10.23 ? 163 TRP X CZ3 1 
ATOM   914  C CH2 . TRP A 1 122 ? 14.411  6.779   -1.578  1.00 11.00 ? 163 TRP X CH2 1 
ATOM   915  N N   . LEU A 1 123 ? 11.519  8.293   -6.956  1.00 6.75  ? 164 LEU X N   1 
ATOM   916  C CA  . LEU A 1 123 ? 10.467  7.440   -7.520  1.00 6.63  ? 164 LEU X CA  1 
ATOM   917  C C   . LEU A 1 123 ? 9.445   8.250   -8.327  1.00 6.35  ? 164 LEU X C   1 
ATOM   918  O O   . LEU A 1 123 ? 8.547   7.670   -8.957  1.00 6.60  ? 164 LEU X O   1 
ATOM   919  C CB  . LEU A 1 123 ? 9.790   6.644   -6.403  1.00 6.73  ? 164 LEU X CB  1 
ATOM   920  C CG  . LEU A 1 123 ? 10.732  5.686   -5.654  1.00 7.56  ? 164 LEU X CG  1 
ATOM   921  C CD1 . LEU A 1 123 ? 10.002  4.950   -4.552  1.00 7.85  ? 164 LEU X CD1 1 
ATOM   922  C CD2 . LEU A 1 123 ? 11.441  4.694   -6.595  1.00 8.18  ? 164 LEU X CD2 1 
ATOM   923  N N   . ASP A 1 124 ? 9.551   9.580   -8.292  1.00 6.19  ? 165 ASP X N   1 
ATOM   924  C CA  . ASP A 1 124 ? 8.674   10.421  -9.082  1.00 6.45  ? 165 ASP X CA  1 
ATOM   925  C C   . ASP A 1 124 ? 8.810   10.086  -10.556 1.00 6.46  ? 165 ASP X C   1 
ATOM   926  O O   . ASP A 1 124 ? 9.925   9.945   -11.084 1.00 7.00  ? 165 ASP X O   1 
ATOM   927  C CB  . ASP A 1 124 ? 8.971   11.911  -8.880  1.00 6.50  ? 165 ASP X CB  1 
ATOM   928  C CG  . ASP A 1 124 ? 8.602   12.419  -7.494  1.00 9.07  ? 165 ASP X CG  1 
ATOM   929  O OD1 . ASP A 1 124 ? 7.870   11.710  -6.760  1.00 8.41  ? 165 ASP X OD1 1 
ATOM   930  O OD2 . ASP A 1 124 ? 9.021   13.565  -7.160  1.00 8.37  ? 165 ASP X OD2 1 
ATOM   931  N N   . GLY A 1 125 ? 7.673   9.918   -11.212 1.00 5.74  ? 166 GLY X N   1 
ATOM   932  C CA  . GLY A 1 125 ? 7.688   9.534   -12.616 1.00 5.95  ? 166 GLY X CA  1 
ATOM   933  C C   . GLY A 1 125 ? 7.868   8.047   -12.883 1.00 6.90  ? 166 GLY X C   1 
ATOM   934  O O   . GLY A 1 125 ? 7.824   7.638   -14.040 1.00 7.24  ? 166 GLY X O   1 
ATOM   935  N N   . LYS A 1 126 ? 8.035   7.248   -11.829 1.00 6.62  ? 167 LYS X N   1 
ATOM   936  C CA  . LYS A 1 126 ? 8.208   5.797   -11.955 1.00 7.02  ? 167 LYS X CA  1 
ATOM   937  C C   . LYS A 1 126 ? 7.116   5.021   -11.225 1.00 6.83  ? 167 LYS X C   1 
ATOM   938  O O   . LYS A 1 126 ? 6.746   3.930   -11.659 1.00 6.78  ? 167 LYS X O   1 
ATOM   939  C CB  . LYS A 1 126 ? 9.593   5.372   -11.468 1.00 7.54  ? 167 LYS X CB  1 
ATOM   940  C CG  . LYS A 1 126 ? 10.726  5.821   -12.393 1.00 11.01 ? 167 LYS X CG  1 
ATOM   941  C CD  . LYS A 1 126 ? 12.045  5.183   -12.012 0.80 13.11 ? 167 LYS X CD  1 
ATOM   942  C CE  . LYS A 1 126 ? 12.506  5.634   -10.647 0.60 14.82 ? 167 LYS X CE  1 
ATOM   943  N N   . HIS A 1 127 ? 6.621   5.579   -10.123 1.00 5.74  ? 168 HIS X N   1 
ATOM   944  C CA  . HIS A 1 127 ? 5.547   4.966   -9.357  1.00 5.01  ? 168 HIS X CA  1 
ATOM   945  C C   . HIS A 1 127 ? 4.390   5.920   -9.239  1.00 4.73  ? 168 HIS X C   1 
ATOM   946  O O   . HIS A 1 127 ? 4.610   7.098   -9.002  1.00 4.78  ? 168 HIS X O   1 
ATOM   947  C CB  . HIS A 1 127 ? 6.063   4.586   -7.965  1.00 4.73  ? 168 HIS X CB  1 
ATOM   948  C CG  . HIS A 1 127 ? 7.103   3.527   -8.022  1.00 4.93  ? 168 HIS X CG  1 
ATOM   949  N ND1 . HIS A 1 127 ? 6.798   2.194   -7.855  1.00 5.87  ? 168 HIS X ND1 1 
ATOM   950  C CD2 . HIS A 1 127 ? 8.416   3.577   -8.358  1.00 6.34  ? 168 HIS X CD2 1 
ATOM   951  C CE1 . HIS A 1 127 ? 7.888   1.472   -8.059  1.00 6.97  ? 168 HIS X CE1 1 
ATOM   952  N NE2 . HIS A 1 127 ? 8.881   2.287   -8.356  1.00 6.44  ? 168 HIS X NE2 1 
ATOM   953  N N   . VAL A 1 128 ? 3.165   5.401   -9.397  1.00 4.31  ? 169 VAL X N   1 
ATOM   954  C CA  . VAL A 1 128 ? 1.968   6.208   -9.338  1.00 4.10  ? 169 VAL X CA  1 
ATOM   955  C C   . VAL A 1 128 ? 1.557   6.416   -7.881  1.00 3.99  ? 169 VAL X C   1 
ATOM   956  O O   . VAL A 1 128 ? 1.179   5.471   -7.180  1.00 4.33  ? 169 VAL X O   1 
ATOM   957  C CB  . VAL A 1 128 ? 0.810   5.550   -10.122 1.00 3.79  ? 169 VAL X CB  1 
ATOM   958  C CG1 . VAL A 1 128 ? -0.482  6.366   -9.938  1.00 4.06  ? 169 VAL X CG1 1 
ATOM   959  C CG2 . VAL A 1 128 ? 1.172   5.422   -11.604 1.00 5.29  ? 169 VAL X CG2 1 
ATOM   960  N N   . VAL A 1 129 ? 1.650   7.674   -7.435  1.00 3.88  ? 170 VAL X N   1 
ATOM   961  C CA  . VAL A 1 129 ? 1.180   8.066   -6.118  1.00 4.18  ? 170 VAL X CA  1 
ATOM   962  C C   . VAL A 1 129 ? -0.324  8.233   -6.185  1.00 4.18  ? 170 VAL X C   1 
ATOM   963  O O   . VAL A 1 129 ? -0.837  8.814   -7.142  1.00 3.75  ? 170 VAL X O   1 
ATOM   964  C CB  . VAL A 1 129 ? 1.817   9.390   -5.673  1.00 4.34  ? 170 VAL X CB  1 
ATOM   965  C CG1 . VAL A 1 129 ? 1.244   9.843   -4.322  1.00 5.18  ? 170 VAL X CG1 1 
ATOM   966  C CG2 . VAL A 1 129 ? 3.330   9.271   -5.622  1.00 4.98  ? 170 VAL X CG2 1 
ATOM   967  N N   . PHE A 1 130 ? -1.028  7.696   -5.187  1.00 4.08  ? 171 PHE X N   1 
ATOM   968  C CA  . PHE A 1 130 ? -2.472  7.718   -5.250  1.00 4.59  ? 171 PHE X CA  1 
ATOM   969  C C   . PHE A 1 130 ? -3.178  8.023   -3.932  1.00 4.73  ? 171 PHE X C   1 
ATOM   970  O O   . PHE A 1 130 ? -4.406  7.947   -3.861  1.00 5.03  ? 171 PHE X O   1 
ATOM   971  C CB  . PHE A 1 130 ? -3.014  6.436   -5.875  1.00 4.03  ? 171 PHE X CB  1 
ATOM   972  C CG  . PHE A 1 130 ? -2.785  5.195   -5.067  1.00 3.01  ? 171 PHE X CG  1 
ATOM   973  C CD1 . PHE A 1 130 ? -1.574  4.522   -5.117  1.00 4.24  ? 171 PHE X CD1 1 
ATOM   974  C CD2 . PHE A 1 130 ? -3.787  4.696   -4.243  1.00 2.74  ? 171 PHE X CD2 1 
ATOM   975  C CE1 . PHE A 1 130 ? -1.380  3.376   -4.390  1.00 3.90  ? 171 PHE X CE1 1 
ATOM   976  C CE2 . PHE A 1 130 ? -3.599  3.545   -3.512  1.00 3.93  ? 171 PHE X CE2 1 
ATOM   977  C CZ  . PHE A 1 130 ? -2.409  2.881   -3.573  1.00 4.28  ? 171 PHE X CZ  1 
ATOM   978  N N   . GLY A 1 131 ? -2.409  8.395   -2.917  1.00 4.69  ? 172 GLY X N   1 
ATOM   979  C CA  . GLY A 1 131 ? -3.008  8.811   -1.655  1.00 5.11  ? 172 GLY X CA  1 
ATOM   980  C C   . GLY A 1 131 ? -1.998  9.111   -0.572  1.00 4.98  ? 172 GLY X C   1 
ATOM   981  O O   . GLY A 1 131 ? -0.796  9.271   -0.829  1.00 4.72  ? 172 GLY X O   1 
ATOM   982  N N   . HIS A 1 132 ? -2.488  9.213   0.659   1.00 5.25  ? 173 HIS X N   1 
ATOM   983  C CA  . HIS A 1 132 ? -1.592  9.437   1.773   1.00 5.21  ? 173 HIS X CA  1 
ATOM   984  C C   . HIS A 1 132 ? -2.264  9.069   3.089   1.00 5.39  ? 173 HIS X C   1 
ATOM   985  O O   . HIS A 1 132 ? -3.495  8.925   3.142   1.00 5.35  ? 173 HIS X O   1 
ATOM   986  C CB  . HIS A 1 132 ? -1.101  10.889  1.806   1.00 5.77  ? 173 HIS X CB  1 
ATOM   987  C CG  . HIS A 1 132 ? -2.144  11.881  2.212   1.00 6.46  ? 173 HIS X CG  1 
ATOM   988  N ND1 . HIS A 1 132 ? -3.009  12.476  1.317   1.00 7.79  ? 173 HIS X ND1 1 
ATOM   989  C CD2 . HIS A 1 132 ? -2.461  12.375  3.435   1.00 9.09  ? 173 HIS X CD2 1 
ATOM   990  C CE1 . HIS A 1 132 ? -3.803  13.309  1.970   1.00 9.38  ? 173 HIS X CE1 1 
ATOM   991  N NE2 . HIS A 1 132 ? -3.498  13.260  3.259   1.00 8.68  ? 173 HIS X NE2 1 
ATOM   992  N N   . VAL A 1 133 ? -1.424  8.945   4.131   1.00 4.98  ? 174 VAL X N   1 
ATOM   993  C CA  . VAL A 1 133 ? -1.860  8.571   5.471   1.00 4.99  ? 174 VAL X CA  1 
ATOM   994  C C   . VAL A 1 133 ? -2.556  9.770   6.131   1.00 5.41  ? 174 VAL X C   1 
ATOM   995  O O   . VAL A 1 133 ? -1.952  10.831  6.300   1.00 4.84  ? 174 VAL X O   1 
ATOM   996  C CB  . VAL A 1 133 ? -0.679  8.090   6.353   1.00 5.02  ? 174 VAL X CB  1 
ATOM   997  C CG1 . VAL A 1 133 ? -1.135  7.889   7.802   1.00 4.87  ? 174 VAL X CG1 1 
ATOM   998  C CG2 . VAL A 1 133 ? -0.076  6.790   5.790   1.00 5.35  ? 174 VAL X CG2 1 
ATOM   999  N N   . ILE A 1 134 ? -3.817  9.576   6.503   1.00 6.05  ? 175 ILE X N   1 
ATOM   1000 C CA  . ILE A 1 134 ? -4.659  10.553  7.219   1.00 5.86  ? 175 ILE X CA  1 
ATOM   1001 C C   . ILE A 1 134 ? -4.470  10.423  8.738   1.00 6.42  ? 175 ILE X C   1 
ATOM   1002 O O   . ILE A 1 134 ? -4.442  11.422  9.467   1.00 7.18  ? 175 ILE X O   1 
ATOM   1003 C CB  . ILE A 1 134 ? -6.150  10.306  6.861   1.00 6.02  ? 175 ILE X CB  1 
ATOM   1004 C CG1 . ILE A 1 134 ? -6.405  10.737  5.424   1.00 5.68  ? 175 ILE X CG1 1 
ATOM   1005 C CG2 . ILE A 1 134 ? -7.101  11.020  7.853   1.00 6.59  ? 175 ILE X CG2 1 
ATOM   1006 C CD1 . ILE A 1 134 ? -6.342  12.245  5.219   1.00 6.93  ? 175 ILE X CD1 1 
ATOM   1007 N N   . GLU A 1 135 ? -4.354  9.178   9.182   1.00 6.69  ? 176 GLU X N   1 
ATOM   1008 C CA  . GLU A 1 135 ? -4.162  8.838   10.570  1.00 6.63  ? 176 GLU X CA  1 
ATOM   1009 C C   . GLU A 1 135 ? -3.345  7.558   10.664  1.00 6.18  ? 176 GLU X C   1 
ATOM   1010 O O   . GLU A 1 135 ? -3.452  6.676   9.795   1.00 5.89  ? 176 GLU X O   1 
ATOM   1011 C CB  . GLU A 1 135 ? -5.541  8.596   11.186  1.00 8.07  ? 176 GLU X CB  1 
ATOM   1012 C CG  . GLU A 1 135 ? -5.577  8.261   12.626  1.00 8.61  ? 176 GLU X CG  1 
ATOM   1013 C CD  . GLU A 1 135 ? -6.945  7.727   13.049  1.00 8.94  ? 176 GLU X CD  1 
ATOM   1014 O OE1 . GLU A 1 135 ? -7.952  8.406   12.780  1.00 7.03  ? 176 GLU X OE1 1 
ATOM   1015 O OE2 . GLU A 1 135 ? -7.004  6.627   13.639  1.00 8.83  ? 176 GLU X OE2 1 
ATOM   1016 N N   . GLY A 1 136 ? -2.551  7.417   11.725  1.00 6.62  ? 177 GLY X N   1 
ATOM   1017 C CA  . GLY A 1 136 ? -1.834  6.170   11.923  1.00 6.39  ? 177 GLY X CA  1 
ATOM   1018 C C   . GLY A 1 136 ? -0.377  6.156   11.496  1.00 7.05  ? 177 GLY X C   1 
ATOM   1019 O O   . GLY A 1 136 ? 0.187   5.091   11.318  1.00 7.43  ? 177 GLY X O   1 
ATOM   1020 N N   . MET A 1 137 ? 0.265   7.318   11.371  1.00 7.80  ? 178 MET X N   1 
ATOM   1021 C CA  . MET A 1 137 ? 1.710   7.302   11.109  1.00 8.53  ? 178 MET X CA  1 
ATOM   1022 C C   . MET A 1 137 ? 2.468   6.580   12.220  1.00 8.12  ? 178 MET X C   1 
ATOM   1023 O O   . MET A 1 137 ? 3.516   5.986   11.966  1.00 8.91  ? 178 MET X O   1 
ATOM   1024 C CB  . MET A 1 137 ? 2.286   8.708   10.900  1.00 8.91  ? 178 MET X CB  1 
ATOM   1025 C CG  . MET A 1 137 ? 2.198   9.208   9.467   1.00 11.57 ? 178 MET X CG  1 
ATOM   1026 S SD  . MET A 1 137 ? 2.881   8.087   8.197   1.00 13.24 ? 178 MET X SD  1 
ATOM   1027 C CE  . MET A 1 137 ? 4.626   8.051   8.559   1.00 15.88 ? 178 MET X CE  1 
ATOM   1028 N N   . ASP A 1 138 ? 1.944   6.606   13.444  1.00 8.24  ? 179 ASP X N   1 
ATOM   1029 C CA  . ASP A 1 138 ? 2.548   5.858   14.543  1.00 8.76  ? 179 ASP X CA  1 
ATOM   1030 C C   . ASP A 1 138 ? 2.593   4.372   14.230  1.00 8.25  ? 179 ASP X C   1 
ATOM   1031 O O   . ASP A 1 138 ? 3.574   3.704   14.486  1.00 9.00  ? 179 ASP X O   1 
ATOM   1032 C CB  . ASP A 1 138 ? 1.834   6.140   15.896  1.00 8.89  ? 179 ASP X CB  1 
ATOM   1033 C CG  . ASP A 1 138 ? 0.382   5.648   15.941  1.00 10.68 ? 179 ASP X CG  1 
ATOM   1034 O OD1 . ASP A 1 138 ? -0.362  5.931   14.987  1.00 10.67 ? 179 ASP X OD1 1 
ATOM   1035 O OD2 . ASP A 1 138 ? -0.019  5.011   16.954  1.00 12.12 ? 179 ASP X OD2 1 
ATOM   1036 N N   . VAL A 1 139 ? 1.522   3.865   13.632  1.00 7.81  ? 180 VAL X N   1 
ATOM   1037 C CA  . VAL A 1 139 ? 1.451   2.462   13.247  1.00 8.28  ? 180 VAL X CA  1 
ATOM   1038 C C   . VAL A 1 139 ? 2.464   2.178   12.135  1.00 7.49  ? 180 VAL X C   1 
ATOM   1039 O O   . VAL A 1 139 ? 3.152   1.156   12.163  1.00 8.38  ? 180 VAL X O   1 
ATOM   1040 C CB  . VAL A 1 139 ? 0.028   2.078   12.779  1.00 8.11  ? 180 VAL X CB  1 
ATOM   1041 C CG1 . VAL A 1 139 ? -0.028  0.618   12.385  1.00 8.99  ? 180 VAL X CG1 1 
ATOM   1042 C CG2 . VAL A 1 139 ? -0.993  2.367   13.873  1.00 9.49  ? 180 VAL X CG2 1 
ATOM   1043 N N   . VAL A 1 140 ? 2.524   3.079   11.151  1.00 7.02  ? 181 VAL X N   1 
ATOM   1044 C CA  . VAL A 1 140 ? 3.496   2.973   10.063  1.00 7.03  ? 181 VAL X CA  1 
ATOM   1045 C C   . VAL A 1 140 ? 4.935   2.953   10.612  1.00 7.39  ? 181 VAL X C   1 
ATOM   1046 O O   . VAL A 1 140 ? 5.761   2.168   10.166  1.00 7.93  ? 181 VAL X O   1 
ATOM   1047 C CB  . VAL A 1 140 ? 3.303   4.120   9.028   1.00 7.16  ? 181 VAL X CB  1 
ATOM   1048 C CG1 . VAL A 1 140 ? 4.436   4.109   7.958   1.00 6.60  ? 181 VAL X CG1 1 
ATOM   1049 C CG2 . VAL A 1 140 ? 1.939   3.987   8.348   1.00 6.68  ? 181 VAL X CG2 1 
ATOM   1050 N N   . LYS A 1 141 ? 5.226   3.812   11.583  1.00 8.25  ? 182 LYS X N   1 
ATOM   1051 C CA  . LYS A 1 141 ? 6.567   3.830   12.186  1.00 8.86  ? 182 LYS X CA  1 
ATOM   1052 C C   . LYS A 1 141 ? 6.869   2.547   12.970  1.00 9.19  ? 182 LYS X C   1 
ATOM   1053 O O   . LYS A 1 141 ? 8.021   2.105   13.014  1.00 9.48  ? 182 LYS X O   1 
ATOM   1054 C CB  . LYS A 1 141 ? 6.758   5.048   13.096  1.00 9.85  ? 182 LYS X CB  1 
ATOM   1055 C CG  . LYS A 1 141 ? 6.593   6.402   12.450  1.00 11.00 ? 182 LYS X CG  1 
ATOM   1056 C CD  . LYS A 1 141 ? 7.646   6.715   11.416  1.00 12.14 ? 182 LYS X CD  1 
ATOM   1057 C CE  . LYS A 1 141 ? 9.051   6.895   12.009  1.00 12.62 ? 182 LYS X CE  1 
ATOM   1058 N NZ  . LYS A 1 141 ? 10.071  7.151   10.951  1.00 11.00 ? 182 LYS X NZ  1 
ATOM   1059 N N   . LYS A 1 142 ? 5.852   1.957   13.595  1.00 9.95  ? 183 LYS X N   1 
ATOM   1060 C CA  . LYS A 1 142 ? 6.037   0.649   14.232  1.00 10.81 ? 183 LYS X CA  1 
ATOM   1061 C C   . LYS A 1 142 ? 6.365   -0.401  13.188  1.00 10.53 ? 183 LYS X C   1 
ATOM   1062 O O   . LYS A 1 142 ? 7.342   -1.141  13.333  1.00 10.60 ? 183 LYS X O   1 
ATOM   1063 C CB  A LYS A 1 142 ? 4.793   0.225   15.027  0.50 10.85 ? 183 LYS X CB  1 
ATOM   1064 C CB  B LYS A 1 142 ? 4.819   0.237   15.065  0.50 10.97 ? 183 LYS X CB  1 
ATOM   1065 C CG  A LYS A 1 142 ? 4.460   1.114   16.206  0.50 12.42 ? 183 LYS X CG  1 
ATOM   1066 C CG  B LYS A 1 142 ? 4.694   0.981   16.378  0.50 13.08 ? 183 LYS X CG  1 
ATOM   1067 C CD  A LYS A 1 142 ? 3.494   0.441   17.179  0.50 12.84 ? 183 LYS X CD  1 
ATOM   1068 C CD  B LYS A 1 142 ? 5.781   0.586   17.380  0.50 14.27 ? 183 LYS X CD  1 
ATOM   1069 C CE  A LYS A 1 142 ? 2.042   0.788   16.906  0.50 13.24 ? 183 LYS X CE  1 
ATOM   1070 C CE  B LYS A 1 142 ? 5.599   -0.836  17.873  0.50 15.41 ? 183 LYS X CE  1 
ATOM   1071 N NZ  A LYS A 1 142 ? 1.225   0.731   18.149  0.50 13.67 ? 183 LYS X NZ  1 
ATOM   1072 N NZ  B LYS A 1 142 ? 6.655   -1.219  18.843  0.50 15.57 ? 183 LYS X NZ  1 
ATOM   1073 N N   . ILE A 1 143 ? 5.578   -0.445  12.110  1.00 9.54  ? 184 ILE X N   1 
ATOM   1074 C CA  . ILE A 1 143 ? 5.868   -1.389  11.021  1.00 9.31  ? 184 ILE X CA  1 
ATOM   1075 C C   . ILE A 1 143 ? 7.312   -1.197  10.534  1.00 9.09  ? 184 ILE X C   1 
ATOM   1076 O O   . ILE A 1 143 ? 8.087   -2.158  10.409  1.00 9.27  ? 184 ILE X O   1 
ATOM   1077 C CB  . ILE A 1 143 ? 4.875   -1.240  9.835   1.00 8.83  ? 184 ILE X CB  1 
ATOM   1078 C CG1 . ILE A 1 143 ? 3.443   -1.571  10.284  1.00 8.98  ? 184 ILE X CG1 1 
ATOM   1079 C CG2 . ILE A 1 143 ? 5.287   -2.158  8.660   1.00 8.63  ? 184 ILE X CG2 1 
ATOM   1080 C CD1 . ILE A 1 143 ? 2.374   -1.220  9.233   1.00 9.17  ? 184 ILE X CD1 1 
ATOM   1081 N N   . GLU A 1 144 ? 7.675   0.061   10.292  1.00 8.58  ? 185 GLU X N   1 
ATOM   1082 C CA  . GLU A 1 144 ? 9.011   0.407   9.804   1.00 9.12  ? 185 GLU X CA  1 
ATOM   1083 C C   . GLU A 1 144 ? 10.109  -0.156  10.712  1.00 10.30 ? 185 GLU X C   1 
ATOM   1084 O O   . GLU A 1 144 ? 11.122  -0.671  10.229  1.00 10.61 ? 185 GLU X O   1 
ATOM   1085 C CB  . GLU A 1 144 ? 9.138   1.935   9.696   1.00 8.94  ? 185 GLU X CB  1 
ATOM   1086 C CG  . GLU A 1 144 ? 10.483  2.413   9.152   1.00 9.00  ? 185 GLU X CG  1 
ATOM   1087 C CD  . GLU A 1 144 ? 10.668  3.923   9.246   1.00 10.57 ? 185 GLU X CD  1 
ATOM   1088 O OE1 . GLU A 1 144 ? 10.074  4.549   10.152  1.00 10.99 ? 185 GLU X OE1 1 
ATOM   1089 O OE2 . GLU A 1 144 ? 11.396  4.468   8.378   1.00 10.25 ? 185 GLU X OE2 1 
ATOM   1090 N N   . SER A 1 145 ? 9.890   -0.055  12.021  1.00 10.98 ? 186 SER X N   1 
ATOM   1091 C CA  . SER A 1 145 ? 10.862  -0.517  13.019  1.00 12.14 ? 186 SER X CA  1 
ATOM   1092 C C   . SER A 1 145 ? 11.088  -2.035  12.987  1.00 12.67 ? 186 SER X C   1 
ATOM   1093 O O   . SER A 1 145 ? 12.083  -2.523  13.533  1.00 13.29 ? 186 SER X O   1 
ATOM   1094 C CB  . SER A 1 145 ? 10.429  -0.092  14.433  1.00 12.11 ? 186 SER X CB  1 
ATOM   1095 O OG  . SER A 1 145 ? 9.428   -0.951  14.951  1.00 13.73 ? 186 SER X OG  1 
ATOM   1096 N N   . PHE A 1 146 ? 10.172  -2.784  12.377  1.00 12.81 ? 187 PHE X N   1 
ATOM   1097 C CA  . PHE A 1 146 ? 10.337  -4.233  12.216  1.00 13.07 ? 187 PHE X CA  1 
ATOM   1098 C C   . PHE A 1 146 ? 10.910  -4.647  10.854  1.00 12.88 ? 187 PHE X C   1 
ATOM   1099 O O   . PHE A 1 146 ? 10.976  -5.838  10.544  1.00 12.78 ? 187 PHE X O   1 
ATOM   1100 C CB  . PHE A 1 146 ? 9.010   -4.960  12.446  1.00 13.15 ? 187 PHE X CB  1 
ATOM   1101 C CG  . PHE A 1 146 ? 8.309   -4.560  13.712  1.00 15.05 ? 187 PHE X CG  1 
ATOM   1102 C CD1 . PHE A 1 146 ? 9.015   -4.430  14.901  1.00 15.63 ? 187 PHE X CD1 1 
ATOM   1103 C CD2 . PHE A 1 146 ? 6.937   -4.293  13.714  1.00 15.06 ? 187 PHE X CD2 1 
ATOM   1104 C CE1 . PHE A 1 146 ? 8.363   -4.050  16.076  1.00 15.72 ? 187 PHE X CE1 1 
ATOM   1105 C CE2 . PHE A 1 146 ? 6.290   -3.912  14.886  1.00 16.16 ? 187 PHE X CE2 1 
ATOM   1106 C CZ  . PHE A 1 146 ? 7.005   -3.792  16.060  1.00 15.56 ? 187 PHE X CZ  1 
ATOM   1107 N N   . GLY A 1 147 ? 11.341  -3.676  10.058  1.00 12.62 ? 188 GLY X N   1 
ATOM   1108 C CA  . GLY A 1 147 ? 11.996  -3.970  8.802   1.00 13.09 ? 188 GLY X CA  1 
ATOM   1109 C C   . GLY A 1 147 ? 13.491  -4.119  8.992   1.00 13.36 ? 188 GLY X C   1 
ATOM   1110 O O   . GLY A 1 147 ? 13.994  -4.130  10.127  1.00 13.57 ? 188 GLY X O   1 
ATOM   1111 N N   . SER A 1 148 ? 14.198  -4.208  7.870   1.00 13.54 ? 189 SER X N   1 
ATOM   1112 C CA  . SER A 1 148 ? 15.660  -4.293  7.867   1.00 13.48 ? 189 SER X CA  1 
ATOM   1113 C C   . SER A 1 148 ? 16.159  -3.774  6.530   1.00 13.75 ? 189 SER X C   1 
ATOM   1114 O O   . SER A 1 148 ? 15.366  -3.523  5.623   1.00 13.33 ? 189 SER X O   1 
ATOM   1115 C CB  . SER A 1 148 ? 16.106  -5.739  8.058   1.00 13.42 ? 189 SER X CB  1 
ATOM   1116 O OG  . SER A 1 148 ? 15.650  -6.554  6.999   1.00 14.12 ? 189 SER X OG  1 
ATOM   1117 N N   . LYS A 1 149 ? 17.473  -3.647  6.402   1.00 14.09 ? 190 LYS X N   1 
ATOM   1118 C CA  . LYS A 1 149 ? 18.066  -3.153  5.163   1.00 14.65 ? 190 LYS X CA  1 
ATOM   1119 C C   . LYS A 1 149 ? 17.709  -4.035  3.962   1.00 14.80 ? 190 LYS X C   1 
ATOM   1120 O O   . LYS A 1 149 ? 17.496  -3.533  2.861   1.00 15.72 ? 190 LYS X O   1 
ATOM   1121 C CB  . LYS A 1 149 ? 19.591  -3.024  5.317   1.00 15.04 ? 190 LYS X CB  1 
ATOM   1122 C CG  . LYS A 1 149 ? 20.022  -2.014  6.365   0.50 14.76 ? 190 LYS X CG  1 
ATOM   1123 N N   . SER A 1 150 ? 17.643  -5.352  4.178   1.00 15.16 ? 191 SER X N   1 
ATOM   1124 C CA  . SER A 1 150 ? 17.260  -6.306  3.136   1.00 15.50 ? 191 SER X CA  1 
ATOM   1125 C C   . SER A 1 150 ? 15.774  -6.286  2.756   1.00 14.97 ? 191 SER X C   1 
ATOM   1126 O O   . SER A 1 150 ? 15.389  -6.889  1.753   1.00 15.88 ? 191 SER X O   1 
ATOM   1127 C CB  . SER A 1 150 ? 17.566  -7.727  3.602   1.00 15.82 ? 191 SER X CB  1 
ATOM   1128 O OG  . SER A 1 150 ? 16.715  -8.096  4.677   1.00 17.59 ? 191 SER X OG  1 
ATOM   1129 N N   . GLY A 1 151 ? 14.945  -5.645  3.582   1.00 14.27 ? 192 GLY X N   1 
ATOM   1130 C CA  . GLY A 1 151 ? 13.495  -5.709  3.413   1.00 13.94 ? 192 GLY X CA  1 
ATOM   1131 C C   . GLY A 1 151 ? 12.816  -6.767  4.272   1.00 13.85 ? 192 GLY X C   1 
ATOM   1132 O O   . GLY A 1 151 ? 11.607  -6.689  4.526   1.00 13.08 ? 192 GLY X O   1 
ATOM   1133 N N   . ARG A 1 152 ? 13.574  -7.769  4.730   1.00 13.81 ? 193 ARG X N   1 
ATOM   1134 C CA  . ARG A 1 152 ? 12.975  -8.850  5.516   1.00 13.77 ? 193 ARG X CA  1 
ATOM   1135 C C   . ARG A 1 152 ? 12.483  -8.309  6.851   1.00 13.41 ? 193 ARG X C   1 
ATOM   1136 O O   . ARG A 1 152 ? 13.166  -7.512  7.506   1.00 13.41 ? 193 ARG X O   1 
ATOM   1137 C CB  . ARG A 1 152 ? 13.977  -10.000 5.732   1.00 14.62 ? 193 ARG X CB  1 
ATOM   1138 C CG  . ARG A 1 152 ? 13.358  -11.270 6.322   0.60 14.57 ? 193 ARG X CG  1 
ATOM   1139 N N   . THR A 1 153 ? 11.273  -8.712  7.228   1.00 13.24 ? 194 THR X N   1 
ATOM   1140 C CA  . THR A 1 153 ? 10.679  -8.255  8.477   1.00 13.40 ? 194 THR X CA  1 
ATOM   1141 C C   . THR A 1 153 ? 11.054  -9.198  9.628   1.00 13.77 ? 194 THR X C   1 
ATOM   1142 O O   . THR A 1 153 ? 11.167  -10.408 9.429   1.00 14.76 ? 194 THR X O   1 
ATOM   1143 C CB  . THR A 1 153 ? 9.146   -8.146  8.379   1.00 13.73 ? 194 THR X CB  1 
ATOM   1144 O OG1 . THR A 1 153 ? 8.597   -9.405  7.993   1.00 13.62 ? 194 THR X OG1 1 
ATOM   1145 C CG2 . THR A 1 153 ? 8.737   -7.077  7.355   1.00 13.18 ? 194 THR X CG2 1 
ATOM   1146 N N   . SER A 1 154 ? 11.246  -8.624  10.811  1.00 13.94 ? 195 SER X N   1 
ATOM   1147 C CA  . SER A 1 154 ? 11.606  -9.387  12.013  1.00 14.77 ? 195 SER X CA  1 
ATOM   1148 C C   . SER A 1 154 ? 10.379  -9.895  12.784  1.00 15.20 ? 195 SER X C   1 
ATOM   1149 O O   . SER A 1 154 ? 10.506  -10.735 13.690  1.00 16.03 ? 195 SER X O   1 
ATOM   1150 C CB  . SER A 1 154 ? 12.481  -8.531  12.928  1.00 14.89 ? 195 SER X CB  1 
ATOM   1151 O OG  . SER A 1 154 ? 11.807  -7.373  13.373  1.00 15.71 ? 195 SER X OG  1 
ATOM   1152 N N   . LYS A 1 155 ? 9.203   -9.366  12.427  1.00 14.58 ? 196 LYS X N   1 
ATOM   1153 C CA  . LYS A 1 155 ? 7.907   -9.825  12.927  1.00 14.14 ? 196 LYS X CA  1 
ATOM   1154 C C   . LYS A 1 155 ? 6.991   -10.072 11.718  1.00 13.90 ? 196 LYS X C   1 
ATOM   1155 O O   . LYS A 1 155 ? 7.204   -9.476  10.657  1.00 13.52 ? 196 LYS X O   1 
ATOM   1156 C CB  . LYS A 1 155 ? 7.287   -8.780  13.869  1.00 13.83 ? 196 LYS X CB  1 
ATOM   1157 C CG  . LYS A 1 155 ? 8.155   -8.425  15.103  1.00 13.98 ? 196 LYS X CG  1 
ATOM   1158 C CD  . LYS A 1 155 ? 7.396   -7.588  16.129  0.90 16.05 ? 196 LYS X CD  1 
ATOM   1159 C CE  . LYS A 1 155 ? 8.179   -7.444  17.430  0.70 17.53 ? 196 LYS X CE  1 
ATOM   1160 N NZ  . LYS A 1 155 ? 7.330   -6.906  18.534  0.50 18.45 ? 196 LYS X NZ  1 
ATOM   1161 N N   . LYS A 1 156 ? 5.993   -10.948 11.860  1.00 13.02 ? 197 LYS X N   1 
ATOM   1162 C CA  . LYS A 1 156 ? 5.013   -11.164 10.793  1.00 12.82 ? 197 LYS X CA  1 
ATOM   1163 C C   . LYS A 1 156 ? 3.965   -10.053 10.880  1.00 11.66 ? 197 LYS X C   1 
ATOM   1164 O O   . LYS A 1 156 ? 3.215   -9.967  11.859  1.00 10.84 ? 197 LYS X O   1 
ATOM   1165 C CB  . LYS A 1 156 ? 4.357   -12.543 10.919  1.00 13.27 ? 197 LYS X CB  1 
ATOM   1166 C CG  . LYS A 1 156 ? 3.462   -12.921 9.752   0.90 13.99 ? 197 LYS X CG  1 
ATOM   1167 C CD  . LYS A 1 156 ? 2.697   -14.215 10.011  0.60 15.10 ? 197 LYS X CD  1 
ATOM   1168 C CE  . LYS A 1 156 ? 1.785   -14.576 8.851   0.50 14.74 ? 197 LYS X CE  1 
ATOM   1169 N NZ  . LYS A 1 156 ? 0.861   -15.686 9.204   0.40 15.65 ? 197 LYS X NZ  1 
ATOM   1170 N N   . ILE A 1 157 ? 3.915   -9.212  9.847   1.00 9.80  ? 198 ILE X N   1 
ATOM   1171 C CA  . ILE A 1 157 ? 3.096   -7.991  9.864   1.00 8.98  ? 198 ILE X CA  1 
ATOM   1172 C C   . ILE A 1 157 ? 1.878   -8.239  8.976   1.00 8.43  ? 198 ILE X C   1 
ATOM   1173 O O   . ILE A 1 157 ? 2.017   -8.326  7.751   1.00 7.73  ? 198 ILE X O   1 
ATOM   1174 C CB  . ILE A 1 157 ? 3.876   -6.763  9.349   1.00 8.65  ? 198 ILE X CB  1 
ATOM   1175 C CG1 A ILE A 1 157 ? 5.166   -6.580  10.167  0.50 9.22  ? 198 ILE X CG1 1 
ATOM   1176 C CG1 B ILE A 1 157 ? 5.195   -6.582  10.109  0.50 8.91  ? 198 ILE X CG1 1 
ATOM   1177 C CG2 . ILE A 1 157 ? 2.988   -5.504  9.428   1.00 8.23  ? 198 ILE X CG2 1 
ATOM   1178 C CD1 A ILE A 1 157 ? 6.184   -5.659  9.534   0.50 9.14  ? 198 ILE X CD1 1 
ATOM   1179 C CD1 B ILE A 1 157 ? 5.022   -6.427  11.580  0.50 7.85  ? 198 ILE X CD1 1 
ATOM   1180 N N   . VAL A 1 158 ? 0.701   -8.342  9.596   1.00 7.74  ? 199 VAL X N   1 
ATOM   1181 C CA  . VAL A 1 158 ? -0.500  -8.798  8.906   1.00 7.91  ? 199 VAL X CA  1 
ATOM   1182 C C   . VAL A 1 158 ? -1.579  -7.722  8.906   1.00 7.33  ? 199 VAL X C   1 
ATOM   1183 O O   . VAL A 1 158 ? -1.841  -7.080  9.912   1.00 8.07  ? 199 VAL X O   1 
ATOM   1184 C CB  . VAL A 1 158 ? -1.051  -10.074 9.578   1.00 7.58  ? 199 VAL X CB  1 
ATOM   1185 C CG1 . VAL A 1 158 ? -2.373  -10.508 8.962   1.00 9.27  ? 199 VAL X CG1 1 
ATOM   1186 C CG2 . VAL A 1 158 ? -0.023  -11.192 9.501   1.00 8.93  ? 199 VAL X CG2 1 
ATOM   1187 N N   . ILE A 1 159 ? -2.207  -7.538  7.746   1.00 7.38  ? 200 ILE X N   1 
ATOM   1188 C CA  . ILE A 1 159 ? -3.382  -6.697  7.639   1.00 7.34  ? 200 ILE X CA  1 
ATOM   1189 C C   . ILE A 1 159 ? -4.554  -7.577  8.064   1.00 7.78  ? 200 ILE X C   1 
ATOM   1190 O O   . ILE A 1 159 ? -5.064  -8.383  7.278   1.00 8.40  ? 200 ILE X O   1 
ATOM   1191 C CB  . ILE A 1 159 ? -3.581  -6.160  6.200   1.00 7.59  ? 200 ILE X CB  1 
ATOM   1192 C CG1 . ILE A 1 159 ? -2.421  -5.239  5.832   1.00 7.39  ? 200 ILE X CG1 1 
ATOM   1193 C CG2 . ILE A 1 159 ? -4.931  -5.421  6.065   1.00 6.77  ? 200 ILE X CG2 1 
ATOM   1194 C CD1 . ILE A 1 159 ? -2.324  -4.915  4.335   1.00 7.43  ? 200 ILE X CD1 1 
ATOM   1195 N N   . THR A 1 160 ? -4.955  -7.458  9.329   1.00 8.02  ? 201 THR X N   1 
ATOM   1196 C CA  . THR A 1 160 ? -5.955  -8.346  9.877   1.00 8.83  ? 201 THR X CA  1 
ATOM   1197 C C   . THR A 1 160 ? -7.350  -7.978  9.428   1.00 9.14  ? 201 THR X C   1 
ATOM   1198 O O   . THR A 1 160 ? -8.231  -8.841  9.341   1.00 9.97  ? 201 THR X O   1 
ATOM   1199 C CB  . THR A 1 160 ? -5.925  -8.346  11.414  1.00 9.56  ? 201 THR X CB  1 
ATOM   1200 O OG1 . THR A 1 160 ? -6.181  -7.022  11.898  1.00 11.88 ? 201 THR X OG1 1 
ATOM   1201 C CG2 . THR A 1 160 ? -4.582  -8.873  11.931  1.00 10.13 ? 201 THR X CG2 1 
ATOM   1202 N N   . ASP A 1 161 ? -7.563  -6.686  9.180   1.00 8.17  ? 202 ASP X N   1 
ATOM   1203 C CA  . ASP A 1 161 ? -8.824  -6.223  8.628   1.00 7.98  ? 202 ASP X CA  1 
ATOM   1204 C C   . ASP A 1 161 ? -8.554  -4.999  7.759   1.00 7.46  ? 202 ASP X C   1 
ATOM   1205 O O   . ASP A 1 161 ? -7.526  -4.329  7.904   1.00 6.61  ? 202 ASP X O   1 
ATOM   1206 C CB  . ASP A 1 161 ? -9.844  -5.886  9.720   1.00 8.31  ? 202 ASP X CB  1 
ATOM   1207 C CG  . ASP A 1 161 ? -11.266 -5.768  9.168   0.80 10.04 ? 202 ASP X CG  1 
ATOM   1208 O OD1 . ASP A 1 161 ? -11.580 -6.452  8.158   0.80 12.11 ? 202 ASP X OD1 1 
ATOM   1209 O OD2 . ASP A 1 161 ? -12.069 -4.969  9.727   0.80 17.55 ? 202 ASP X OD2 1 
ATOM   1210 N N   . CYS A 1 162 ? -9.482  -4.725  6.860   1.00 7.08  ? 203 CYS X N   1 
ATOM   1211 C CA  . CYS A 1 162 ? -9.407  -3.537  6.034   1.00 6.36  ? 203 CYS X CA  1 
ATOM   1212 C C   . CYS A 1 162 ? -10.779 -3.263  5.480   1.00 6.26  ? 203 CYS X C   1 
ATOM   1213 O O   . CYS A 1 162 ? -11.655 -4.130  5.490   1.00 6.64  ? 203 CYS X O   1 
ATOM   1214 C CB  . CYS A 1 162 ? -8.367  -3.706  4.912   1.00 6.17  ? 203 CYS X CB  1 
ATOM   1215 S SG  . CYS A 1 162 ? -8.459  -5.305  4.034   1.00 7.38  ? 203 CYS X SG  1 
ATOM   1216 N N   . GLY A 1 163 ? -10.962 -2.040  4.984   1.00 6.23  ? 204 GLY X N   1 
ATOM   1217 C CA  . GLY A 1 163 ? -12.274 -1.641  4.520   1.00 5.54  ? 204 GLY X CA  1 
ATOM   1218 C C   . GLY A 1 163 ? -12.377 -0.189  4.141   1.00 5.70  ? 204 GLY X C   1 
ATOM   1219 O O   . GLY A 1 163 ? -11.371 0.513   4.085   1.00 5.80  ? 204 GLY X O   1 
ATOM   1220 N N   . GLN A 1 164 ? -13.606 0.244   3.886   1.00 5.60  ? 205 GLN X N   1 
ATOM   1221 C CA  . GLN A 1 164 ? -13.855 1.613   3.496   1.00 5.40  ? 205 GLN X CA  1 
ATOM   1222 C C   . GLN A 1 164 ? -14.622 2.327   4.593   1.00 5.70  ? 205 GLN X C   1 
ATOM   1223 O O   . GLN A 1 164 ? -15.610 1.806   5.112   1.00 5.75  ? 205 GLN X O   1 
ATOM   1224 C CB  . GLN A 1 164 ? -14.663 1.674   2.198   1.00 5.47  ? 205 GLN X CB  1 
ATOM   1225 C CG  . GLN A 1 164 ? -14.899 3.095   1.700   1.00 4.94  ? 205 GLN X CG  1 
ATOM   1226 C CD  . GLN A 1 164 ? -15.387 3.152   0.268   1.00 6.09  ? 205 GLN X CD  1 
ATOM   1227 O OE1 . GLN A 1 164 ? -15.769 2.125   -0.307  1.00 5.99  ? 205 GLN X OE1 1 
ATOM   1228 N NE2 . GLN A 1 164 ? -15.433 4.364   -0.297  1.00 6.45  ? 205 GLN X NE2 1 
ATOM   1229 N N   . LEU A 1 165 ? -14.145 3.522   4.944   1.00 5.00  ? 206 LEU X N   1 
ATOM   1230 C CA  . LEU A 1 165 ? -14.801 4.372   5.933   1.00 4.98  ? 206 LEU X CA  1 
ATOM   1231 C C   . LEU A 1 165 ? -15.796 5.369   5.341   1.00 4.97  ? 206 LEU X C   1 
ATOM   1232 O O   . LEU A 1 165 ? -16.791 5.688   5.976   1.00 5.35  ? 206 LEU X O   1 
ATOM   1233 C CB  . LEU A 1 165 ? -13.746 5.158   6.722   1.00 5.60  ? 206 LEU X CB  1 
ATOM   1234 C CG  . LEU A 1 165 ? -12.768 4.296   7.519   1.00 6.40  ? 206 LEU X CG  1 
ATOM   1235 C CD1 . LEU A 1 165 ? -11.692 5.186   8.149   1.00 8.02  ? 206 LEU X CD1 1 
ATOM   1236 C CD2 . LEU A 1 165 ? -13.488 3.463   8.589   1.00 6.07  ? 206 LEU X CD2 1 
ATOM   1237 N N   . SER A 1 166 ? -15.488 5.893   4.164   1.00 5.22  ? 207 SER X N   1 
ATOM   1238 C CA  . SER A 1 166 ? -16.350 6.836   3.466   1.00 5.67  ? 207 SER X CA  1 
ATOM   1239 C C   . SER A 1 166 ? -15.896 6.933   2.012   1.00 5.99  ? 207 SER X C   1 
ATOM   1240 O O   . SER A 1 166 ? -16.605 7.586   1.224   1.00 8.23  ? 207 SER X O   1 
ATOM   1241 C CB  . SER A 1 166 ? -16.327 8.219   4.116   1.00 6.47  ? 207 SER X CB  1 
ATOM   1242 O OG  . SER A 1 166 ? -15.034 8.805   4.052   1.00 6.54  ? 207 SER X OG  1 
ATOM   1243 O OXT . SER A 1 166 ? -14.836 6.369   1.666   1.00 6.06  ? 207 SER X OXT 1 
HETATM 1244 C CAA . M3I B 2 .   ? 9.087   0.446   -3.285  0.90 9.38  ? 1   M3I X CAA 1 
HETATM 1245 N NAB . M3I B 2 .   ? 9.966   -1.690  -7.619  0.90 11.52 ? 1   M3I X NAB 1 
HETATM 1246 C CAC . M3I B 2 .   ? 9.937   -0.581  -5.501  0.90 8.71  ? 1   M3I X CAC 1 
HETATM 1247 N NAD . M3I B 2 .   ? 8.041   -1.405  -6.323  0.90 6.92  ? 1   M3I X NAD 1 
HETATM 1248 O OAE . M3I B 2 .   ? 7.794   -0.761  -5.085  0.90 9.60  ? 1   M3I X OAE 1 
HETATM 1249 C CAF . M3I B 2 .   ? 9.339   -1.235  -6.524  0.90 9.34  ? 1   M3I X CAF 1 
HETATM 1250 C CAG . M3I B 2 .   ? 8.969   -0.288  -4.624  0.90 9.23  ? 1   M3I X CAG 1 
HETATM 1251 C CAA . M3I C 2 .   ? 10.617  -4.580  -5.421  0.75 10.68 ? 208 M3I X CAA 1 
HETATM 1252 N NAB . M3I C 2 .   ? 10.775  -8.805  -2.997  0.75 10.09 ? 208 M3I X NAB 1 
HETATM 1253 C CAC . M3I C 2 .   ? 11.042  -6.813  -4.238  0.75 9.96  ? 208 M3I X CAC 1 
HETATM 1254 N NAD . M3I C 2 .   ? 9.063   -7.212  -3.335  0.75 7.57  ? 208 M3I X NAD 1 
HETATM 1255 O OAE . M3I C 2 .   ? 9.006   -5.992  -4.068  0.75 12.25 ? 208 M3I X OAE 1 
HETATM 1256 C CAF . M3I C 2 .   ? 10.306  -7.667  -3.514  0.75 11.27 ? 208 M3I X CAF 1 
HETATM 1257 C CAG . M3I C 2 .   ? 10.242  -5.795  -4.578  0.75 11.22 ? 208 M3I X CAG 1 
HETATM 1258 C CAA A M3I D 2 .   ? 7.134   -5.659  -6.924  0.40 7.07  ? 209 M3I X CAA 1 
HETATM 1259 C CAA B M3I D 2 .   ? 6.870   -5.191  -6.538  0.40 9.98  ? 209 M3I X CAA 1 
HETATM 1260 N NAB A M3I D 2 .   ? 3.826   -6.221  -10.423 0.40 8.77  ? 209 M3I X NAB 1 
HETATM 1261 N NAB B M3I D 2 .   ? 2.840   -5.309  -9.244  0.40 11.27 ? 209 M3I X NAB 1 
HETATM 1262 C CAC A M3I D 2 .   ? 5.607   -6.151  -8.891  0.40 7.38  ? 209 M3I X CAC 1 
HETATM 1263 C CAC B M3I D 2 .   ? 4.630   -4.982  -7.732  0.40 10.35 ? 209 M3I X CAC 1 
HETATM 1264 N NAD A M3I D 2 .   ? 3.831   -4.934  -8.437  0.40 5.37  ? 209 M3I X NAD 1 
HETATM 1265 N NAD B M3I D 2 .   ? 4.844   -6.500  -9.315  0.40 11.43 ? 209 M3I X NAD 1 
HETATM 1266 O OAE A M3I D 2 .   ? 4.776   -4.750  -7.402  0.40 6.34  ? 209 M3I X OAE 1 
HETATM 1267 O OAE B M3I D 2 .   ? 6.014   -6.490  -8.550  0.40 11.87 ? 209 M3I X OAE 1 
HETATM 1268 C CAF A M3I D 2 .   ? 4.397   -5.781  -9.303  0.40 8.00  ? 209 M3I X CAF 1 
HETATM 1269 C CAF B M3I D 2 .   ? 4.051   -5.576  -8.776  0.40 12.02 ? 209 M3I X CAF 1 
HETATM 1270 C CAG A M3I D 2 .   ? 5.845   -5.530  -7.742  0.40 7.00  ? 209 M3I X CAG 1 
HETATM 1271 C CAG B M3I D 2 .   ? 5.830   -5.544  -7.598  0.40 10.81 ? 209 M3I X CAG 1 
HETATM 1272 C CAA A M3I E 2 .   ? 0.757   13.842  1.005   0.80 17.25 ? 210 M3I X CAA 1 
HETATM 1273 N NAB A M3I E 2 .   ? 4.532   14.212  4.084   0.80 16.36 ? 210 M3I X NAB 1 
HETATM 1274 C CAC A M3I E 2 .   ? 2.737   13.644  2.611   0.80 18.10 ? 210 M3I X CAC 1 
HETATM 1275 N NAD A M3I E 2 .   ? 3.144   15.771  3.044   0.80 18.44 ? 210 M3I X NAD 1 
HETATM 1276 O OAE A M3I E 2 .   ? 2.045   15.709  2.161   0.80 17.45 ? 210 M3I X OAE 1 
HETATM 1277 C CAF A M3I E 2 .   ? 3.514   14.510  3.279   0.80 16.81 ? 210 M3I X CAF 1 
HETATM 1278 C CAG A M3I E 2 .   ? 1.851   14.374  1.926   0.80 17.90 ? 210 M3I X CAG 1 
HETATM 1279 O O   . HOH F 3 .   ? -5.832  -8.103  16.088  0.99 33.01 ? 2   HOH X O   1 
HETATM 1280 O O   . HOH F 3 .   ? -15.698 -1.838  6.869   1.00 22.08 ? 3   HOH X O   1 
HETATM 1281 O O   . HOH F 3 .   ? 1.722   -1.469  19.373  0.60 25.82 ? 4   HOH X O   1 
HETATM 1282 O O   . HOH F 3 .   ? -3.792  -3.782  22.421  0.99 16.78 ? 5   HOH X O   1 
HETATM 1283 O O   . HOH F 3 .   ? -5.234  -1.498  18.585  0.94 21.72 ? 6   HOH X O   1 
HETATM 1284 O O   . HOH F 3 .   ? -11.320 -4.375  12.190  0.60 21.20 ? 7   HOH X O   1 
HETATM 1285 O O   . HOH F 3 .   ? -6.640  -2.586  16.103  1.00 33.86 ? 8   HOH X O   1 
HETATM 1286 O O   . HOH F 3 .   ? -7.122  1.447   16.019  0.89 23.79 ? 9   HOH X O   1 
HETATM 1287 O O   . HOH F 3 .   ? 11.588  1.075   -18.480 0.75 28.37 ? 10  HOH X O   1 
HETATM 1288 O O   . HOH F 3 .   ? -5.052  -5.837  14.057  0.90 16.59 ? 11  HOH X O   1 
HETATM 1289 O O   . HOH F 3 .   ? -1.771  -11.657 12.863  1.00 22.95 ? 12  HOH X O   1 
HETATM 1290 O O   . HOH F 3 .   ? -13.847 9.819   -11.285 0.89 19.95 ? 13  HOH X O   1 
HETATM 1291 O O   . HOH F 3 .   ? 7.858   -13.712 13.510  0.85 26.54 ? 14  HOH X O   1 
HETATM 1292 O O   . HOH F 3 .   ? -13.976 8.312   -8.913  1.00 16.07 ? 16  HOH X O   1 
HETATM 1293 O O   . HOH F 3 .   ? -13.870 4.779   -10.395 0.97 32.72 ? 17  HOH X O   1 
HETATM 1294 O O   . HOH F 3 .   ? -18.765 9.259   1.701   1.00 21.25 ? 18  HOH X O   1 
HETATM 1295 O O   . HOH F 3 .   ? -15.175 6.044   -5.016  1.00 14.09 ? 20  HOH X O   1 
HETATM 1296 O O   . HOH F 3 .   ? -15.961 2.824   -10.370 1.00 30.09 ? 21  HOH X O   1 
HETATM 1297 O O   . HOH F 3 .   ? -16.935 5.501   -6.982  0.94 19.30 ? 22  HOH X O   1 
HETATM 1298 O O   . HOH F 3 .   ? 6.823   12.103  -14.903 0.92 26.93 ? 23  HOH X O   1 
HETATM 1299 O O   . HOH F 3 .   ? -3.024  -1.780  20.087  1.00 24.30 ? 24  HOH X O   1 
HETATM 1300 O O   . HOH F 3 .   ? -4.616  -3.358  14.735  0.95 10.89 ? 25  HOH X O   1 
HETATM 1301 O O   . HOH F 3 .   ? -11.284 4.747   11.786  0.94 9.56  ? 27  HOH X O   1 
HETATM 1302 O O   . HOH F 3 .   ? -4.672  3.096   15.753  1.00 13.05 ? 28  HOH X O   1 
HETATM 1303 O O   A HOH F 3 .   ? 13.522  -10.024 1.995   0.50 23.34 ? 29  HOH X O   1 
HETATM 1304 O O   B HOH F 3 .   ? 12.445  -11.178 2.757   0.50 15.20 ? 29  HOH X O   1 
HETATM 1305 O O   . HOH F 3 .   ? -1.508  -14.683 10.051  1.00 40.42 ? 30  HOH X O   1 
HETATM 1306 O O   . HOH F 3 .   ? -9.885  16.858  -10.313 1.00 35.73 ? 31  HOH X O   1 
HETATM 1307 O O   . HOH F 3 .   ? 6.905   -16.145 -8.262  1.00 34.26 ? 32  HOH X O   1 
HETATM 1308 O O   . HOH F 3 .   ? -5.900  13.477  -13.240 0.93 7.75  ? 33  HOH X O   1 
HETATM 1309 O O   . HOH F 3 .   ? 10.594  -17.394 -3.400  0.96 8.16  ? 34  HOH X O   1 
HETATM 1310 O O   . HOH F 3 .   ? 9.570   -15.641 1.148   0.76 18.28 ? 35  HOH X O   1 
HETATM 1311 O O   . HOH F 3 .   ? -12.295 6.233   -8.395  0.95 7.95  ? 36  HOH X O   1 
HETATM 1312 O O   . HOH F 3 .   ? -11.769 6.281   -14.547 1.00 16.23 ? 37  HOH X O   1 
HETATM 1313 O O   . HOH F 3 .   ? -4.327  0.663   -6.865  1.00 7.15  ? 38  HOH X O   1 
HETATM 1314 O O   . HOH F 3 .   ? -1.716  3.541   -12.145 1.00 5.58  ? 39  HOH X O   1 
HETATM 1315 O O   . HOH F 3 .   ? -16.556 2.908   -6.858  1.00 21.34 ? 40  HOH X O   1 
HETATM 1316 O O   . HOH F 3 .   ? -12.921 4.947   -6.054  0.97 7.64  ? 41  HOH X O   1 
HETATM 1317 O O   . HOH F 3 .   ? 9.773   -5.063  -9.009  0.82 13.98 ? 211 HOH X O   1 
HETATM 1318 O O   . HOH F 3 .   ? -17.982 2.382   -4.073  1.00 35.40 ? 212 HOH X O   1 
HETATM 1319 O O   . HOH F 3 .   ? 12.039  8.210   12.482  0.97 20.25 ? 213 HOH X O   1 
HETATM 1320 O O   . HOH F 3 .   ? -18.983 -6.668  -5.947  1.00 40.60 ? 214 HOH X O   1 
HETATM 1321 O O   . HOH F 3 .   ? -13.165 -7.250  -10.709 0.91 24.03 ? 215 HOH X O   1 
HETATM 1322 O O   . HOH F 3 .   ? 14.262  8.143   8.472   0.86 21.95 ? 216 HOH X O   1 
HETATM 1323 O O   . HOH F 3 .   ? -9.317  -12.036 -10.716 1.00 27.87 ? 217 HOH X O   1 
HETATM 1324 O O   . HOH F 3 .   ? -0.570  -8.346  -17.461 0.84 23.90 ? 218 HOH X O   1 
HETATM 1325 O O   . HOH F 3 .   ? 11.419  9.299   -13.231 0.84 21.40 ? 219 HOH X O   1 
HETATM 1326 O O   . HOH F 3 .   ? 13.841  3.140   -8.712  0.60 21.08 ? 220 HOH X O   1 
HETATM 1327 O O   . HOH F 3 .   ? -2.482  9.277   14.004  1.00 13.74 ? 221 HOH X O   1 
HETATM 1328 O O   . HOH F 3 .   ? 0.282   9.165   14.457  1.00 30.13 ? 222 HOH X O   1 
HETATM 1329 O O   . HOH F 3 .   ? -0.718  10.233  11.229  1.00 16.19 ? 223 HOH X O   1 
HETATM 1330 O O   . HOH F 3 .   ? 11.282  -2.644  16.750  1.00 34.12 ? 224 HOH X O   1 
HETATM 1331 O O   . HOH F 3 .   ? 18.093  -0.802  8.282   1.00 31.79 ? 225 HOH X O   1 
HETATM 1332 O O   . HOH F 3 .   ? 5.297   -9.721  -10.587 0.80 23.33 ? 226 HOH X O   1 
HETATM 1333 O O   . HOH F 3 .   ? 4.106   14.604  -14.275 1.00 32.84 ? 227 HOH X O   1 
HETATM 1334 O O   . HOH F 3 .   ? 12.938  -1.749  -7.308  0.60 17.04 ? 228 HOH X O   1 
HETATM 1335 O O   . HOH F 3 .   ? 12.048  7.020   -16.026 1.00 36.86 ? 229 HOH X O   1 
HETATM 1336 O O   . HOH F 3 .   ? 12.580  9.652   -10.777 0.53 21.45 ? 230 HOH X O   1 
HETATM 1337 O O   . HOH F 3 .   ? 18.550  0.688   3.519   0.60 22.78 ? 231 HOH X O   1 
HETATM 1338 O O   . HOH F 3 .   ? 17.360  6.861   1.050   0.70 27.29 ? 232 HOH X O   1 
HETATM 1339 O O   . HOH F 3 .   ? -2.642  -17.025 0.558   0.81 20.89 ? 233 HOH X O   1 
HETATM 1340 O O   . HOH F 3 .   ? -2.384  -17.264 -2.118  0.84 28.25 ? 234 HOH X O   1 
HETATM 1341 O O   . HOH F 3 .   ? -12.068 -14.788 -7.678  1.00 39.76 ? 235 HOH X O   1 
HETATM 1342 O O   . HOH F 3 .   ? -9.704  -15.504 -9.239  1.00 29.99 ? 236 HOH X O   1 
HETATM 1343 O O   . HOH F 3 .   ? -0.668  -13.604 -15.006 1.00 34.56 ? 237 HOH X O   1 
HETATM 1344 O O   . HOH F 3 .   ? -0.288  6.326   -18.705 0.78 15.11 ? 238 HOH X O   1 
HETATM 1345 O O   . HOH F 3 .   ? 0.759   11.755  5.611   0.47 17.77 ? 239 HOH X O   1 
HETATM 1346 O O   . HOH F 3 .   ? -14.231 -4.889  6.407   0.55 18.26 ? 240 HOH X O   1 
HETATM 1347 O O   . HOH F 3 .   ? -10.262 7.219   -18.988 0.90 21.87 ? 241 HOH X O   1 
HETATM 1348 O O   . HOH F 3 .   ? 6.543   10.011  12.702  1.00 33.93 ? 242 HOH X O   1 
HETATM 1349 O O   A HOH F 3 .   ? -8.484  -14.470 -5.975  0.50 13.29 ? 243 HOH X O   1 
HETATM 1350 O O   B HOH F 3 .   ? -6.917  -14.213 -5.041  0.50 23.20 ? 243 HOH X O   1 
HETATM 1351 O O   . HOH F 3 .   ? -13.864 -2.889  -12.579 1.00 40.88 ? 244 HOH X O   1 
HETATM 1352 O O   . HOH F 3 .   ? -13.270 15.697  -4.349  1.00 35.38 ? 245 HOH X O   1 
HETATM 1353 O O   . HOH F 3 .   ? -17.300 -12.878 -4.265  0.84 25.26 ? 246 HOH X O   1 
HETATM 1354 O O   . HOH F 3 .   ? -14.777 0.787   11.073  1.00 36.06 ? 247 HOH X O   1 
HETATM 1355 O O   . HOH F 3 .   ? -11.802 -8.228  -14.564 1.00 33.25 ? 248 HOH X O   1 
HETATM 1356 O O   . HOH F 3 .   ? 1.974   5.396   -21.699 0.94 30.19 ? 249 HOH X O   1 
HETATM 1357 O O   . HOH F 3 .   ? -15.030 8.938   -4.779  1.00 21.89 ? 250 HOH X O   1 
HETATM 1358 O O   . HOH F 3 .   ? -1.889  12.429  10.736  1.00 42.66 ? 251 HOH X O   1 
HETATM 1359 O O   . HOH F 3 .   ? 8.791   -16.936 -1.024  1.00 26.84 ? 252 HOH X O   1 
HETATM 1360 O O   . HOH F 3 .   ? -19.874 12.079  -1.116  0.94 33.74 ? 253 HOH X O   1 
HETATM 1361 O O   . HOH F 3 .   ? -1.154  -0.873  21.651  0.40 16.77 ? 254 HOH X O   1 
HETATM 1362 O O   . HOH F 3 .   ? -12.219 -10.618 -10.948 0.30 12.78 ? 255 HOH X O   1 
HETATM 1363 O O   . HOH F 3 .   ? 12.901  13.008  -9.074  1.00 38.92 ? 256 HOH X O   1 
HETATM 1364 O O   . HOH F 3 .   ? 8.346   -4.536  -16.784 0.40 14.21 ? 257 HOH X O   1 
HETATM 1365 O O   . HOH F 3 .   ? -15.208 -1.323  -9.401  0.95 15.84 ? 258 HOH X O   1 
HETATM 1366 O O   . HOH F 3 .   ? -14.315 -0.011  -11.986 0.60 23.66 ? 259 HOH X O   1 
HETATM 1367 O O   . HOH F 3 .   ? 4.854   12.171  8.958   1.00 38.60 ? 260 HOH X O   1 
HETATM 1368 O O   . HOH F 3 .   ? 2.308   6.883   -18.410 1.00 26.22 ? 261 HOH X O   1 
HETATM 1369 O O   . HOH F 3 .   ? 11.830  16.427  3.134   0.40 13.66 ? 262 HOH X O   1 
HETATM 1370 O O   . HOH F 3 .   ? 14.567  1.525   12.653  0.30 15.95 ? 263 HOH X O   1 
HETATM 1371 O O   . HOH F 3 .   ? 2.910   9.622   -18.167 0.50 18.88 ? 264 HOH X O   1 
HETATM 1372 O O   . HOH F 3 .   ? -5.775  7.333   -17.491 0.91 10.93 ? 265 HOH X O   1 
HETATM 1373 O O   . HOH F 3 .   ? 4.302   17.988  -5.408  0.92 13.50 ? 266 HOH X O   1 
HETATM 1374 O O   . HOH F 3 .   ? -2.704  16.740  2.883   1.00 33.44 ? 267 HOH X O   1 
HETATM 1375 O O   . HOH F 3 .   ? 4.669   9.577   14.091  1.00 26.90 ? 268 HOH X O   1 
HETATM 1376 O O   . HOH F 3 .   ? -7.135  17.831  -6.307  0.30 9.78  ? 269 HOH X O   1 
HETATM 1377 O O   . HOH F 3 .   ? -18.934 5.670   0.203   0.89 31.15 ? 270 HOH X O   1 
HETATM 1378 O O   . HOH F 3 .   ? 11.857  -2.181  -15.562 0.50 24.54 ? 271 HOH X O   1 
HETATM 1379 O O   . HOH F 3 .   ? 9.237   12.937  -13.951 1.00 33.90 ? 272 HOH X O   1 
HETATM 1380 O O   . HOH F 3 .   ? 4.969   -18.493 -5.504  1.00 33.68 ? 273 HOH X O   1 
HETATM 1381 O O   . HOH F 3 .   ? -10.063 -7.418  1.733   1.00 13.21 ? 274 HOH X O   1 
HETATM 1382 O O   . HOH F 3 .   ? -12.073 -6.778  3.754   1.00 15.21 ? 275 HOH X O   1 
HETATM 1383 O O   . HOH F 3 .   ? 11.759  -4.241  -11.097 0.82 19.25 ? 276 HOH X O   1 
HETATM 1384 O O   . HOH F 3 .   ? -8.751  -13.329 6.992   0.30 20.59 ? 277 HOH X O   1 
HETATM 1385 O O   . HOH F 3 .   ? -17.185 -6.536  0.527   0.98 19.55 ? 278 HOH X O   1 
HETATM 1386 O O   . HOH F 3 .   ? 12.139  -4.053  -8.491  0.30 14.48 ? 279 HOH X O   1 
HETATM 1387 O O   . HOH F 3 .   ? 0.760   -11.960 -10.101 0.50 21.03 ? 280 HOH X O   1 
HETATM 1388 O O   . HOH F 3 .   ? -12.915 8.973   -14.514 0.97 43.24 ? 281 HOH X O   1 
HETATM 1389 O O   . HOH F 3 .   ? -12.225 -9.061  2.502   1.00 39.71 ? 282 HOH X O   1 
HETATM 1390 O O   . HOH F 3 .   ? 3.749   -3.017  19.495  0.30 15.86 ? 283 HOH X O   1 
HETATM 1391 O O   . HOH F 3 .   ? -13.350 3.594   14.733  0.89 32.68 ? 284 HOH X O   1 
HETATM 1392 O O   . HOH F 3 .   ? 13.618  16.747  -3.646  0.30 11.31 ? 285 HOH X O   1 
HETATM 1393 O O   . HOH F 3 .   ? -13.161 -11.088 -0.248  0.97 33.25 ? 286 HOH X O   1 
HETATM 1394 O O   . HOH F 3 .   ? -10.894 17.697  -6.703  0.30 15.29 ? 287 HOH X O   1 
HETATM 1395 O O   . HOH F 3 .   ? -17.366 -9.149  0.066   0.93 25.56 ? 288 HOH X O   1 
HETATM 1396 O O   . HOH F 3 .   ? -2.818  8.071   -20.415 0.30 14.06 ? 289 HOH X O   1 
HETATM 1397 O O   . HOH F 3 .   ? 17.446  1.149   10.976  0.30 13.74 ? 290 HOH X O   1 
HETATM 1398 O O   . HOH F 3 .   ? -18.855 -0.463  -4.745  0.91 20.22 ? 291 HOH X O   1 
HETATM 1399 O O   A HOH F 3 .   ? 4.687   -7.698  -13.272 0.60 12.19 ? 292 HOH X O   1 
HETATM 1400 O O   . HOH F 3 .   ? -8.823  -6.938  12.487  0.40 16.93 ? 293 HOH X O   1 
HETATM 1401 O O   . HOH F 3 .   ? -21.385 6.170   1.338   0.40 14.55 ? 294 HOH X O   1 
HETATM 1402 O O   . HOH F 3 .   ? 16.570  0.333   -0.406  0.80 26.34 ? 295 HOH X O   1 
HETATM 1403 O O   . HOH F 3 .   ? 15.995  1.858   -2.923  0.60 23.66 ? 296 HOH X O   1 
HETATM 1404 O O   . HOH F 3 .   ? 16.283  4.451   0.653   0.80 27.25 ? 297 HOH X O   1 
HETATM 1405 O O   . HOH F 3 .   ? -1.428  -14.669 16.115  0.80 25.88 ? 298 HOH X O   1 
HETATM 1406 O O   . HOH F 3 .   ? 21.397  -0.960  2.453   0.80 30.81 ? 299 HOH X O   1 
HETATM 1407 O O   B HOH F 3 .   ? 0.214   14.664  0.806   0.20 7.26  ? 300 HOH X O   1 
HETATM 1408 O O   B HOH F 3 .   ? 1.746   12.386  3.707   0.20 7.38  ? 301 HOH X O   1 
HETATM 1409 O O   . HOH F 3 .   ? 5.663   14.936  7.252   0.30 12.34 ? 302 HOH X O   1 
HETATM 1410 O O   . HOH F 3 .   ? 6.530   19.383  -1.441  0.40 19.95 ? 303 HOH X O   1 
HETATM 1411 O O   . HOH F 3 .   ? -18.131 -4.077  -6.808  0.98 18.52 ? 304 HOH X O   1 
HETATM 1412 O O   . HOH F 3 .   ? 7.030   10.810  9.825   0.96 24.33 ? 305 HOH X O   1 
HETATM 1413 O O   . HOH F 3 .   ? -12.217 -6.741  -4.127  0.96 6.67  ? 306 HOH X O   1 
HETATM 1414 O O   . HOH F 3 .   ? 10.531  -10.440 17.297  1.00 28.39 ? 307 HOH X O   1 
HETATM 1415 O O   . HOH F 3 .   ? -7.936  -12.389 -1.223  1.00 18.38 ? 308 HOH X O   1 
HETATM 1416 O O   . HOH F 3 .   ? -10.472 -9.940  0.746   1.00 27.73 ? 309 HOH X O   1 
HETATM 1417 O O   . HOH F 3 .   ? 10.363  5.119   -16.353 1.00 26.56 ? 310 HOH X O   1 
HETATM 1418 O O   . HOH F 3 .   ? -8.715  -11.725 1.593   0.86 28.06 ? 311 HOH X O   1 
HETATM 1419 O O   . HOH F 3 .   ? -12.693 -10.474 10.633  0.30 11.25 ? 312 HOH X O   1 
HETATM 1420 O O   . HOH F 3 .   ? -1.803  15.824  -2.126  1.00 18.51 ? 313 HOH X O   1 
HETATM 1421 O O   . HOH F 3 .   ? -0.624  -7.064  1.927   1.00 13.22 ? 314 HOH X O   1 
HETATM 1422 O O   . HOH F 3 .   ? -9.172  3.455   15.437  1.00 33.11 ? 315 HOH X O   1 
HETATM 1423 O O   . HOH F 3 .   ? 1.177   -11.033 1.842   1.00 9.18  ? 316 HOH X O   1 
HETATM 1424 O O   . HOH F 3 .   ? 5.069   -12.052 3.728   0.88 18.93 ? 317 HOH X O   1 
HETATM 1425 O O   . HOH F 3 .   ? 2.462   -8.507  0.534   1.00 7.83  ? 318 HOH X O   1 
HETATM 1426 O O   . HOH F 3 .   ? 4.172   4.502   18.966  0.91 10.78 ? 319 HOH X O   1 
HETATM 1427 O O   . HOH F 3 .   ? 5.799   -9.566  7.523   0.96 10.13 ? 320 HOH X O   1 
HETATM 1428 O O   . HOH F 3 .   ? 9.523   -10.235 5.280   1.00 18.47 ? 321 HOH X O   1 
HETATM 1429 O O   . HOH F 3 .   ? 11.187  -9.098  1.496   0.93 19.34 ? 322 HOH X O   1 
HETATM 1430 O O   . HOH F 3 .   ? 12.814  2.629   11.747  0.60 18.92 ? 323 HOH X O   1 
HETATM 1431 O O   . HOH F 3 .   ? 11.592  -7.793  16.088  0.60 24.87 ? 324 HOH X O   1 
HETATM 1432 O O   . HOH F 3 .   ? 7.415   17.995  -5.612  1.00 31.86 ? 325 HOH X O   1 
HETATM 1433 O O   . HOH F 3 .   ? 8.929   16.893  -3.716  0.86 33.75 ? 326 HOH X O   1 
HETATM 1434 O O   . HOH F 3 .   ? 17.505  0.847   5.874   0.80 27.04 ? 327 HOH X O   1 
HETATM 1435 O O   . HOH F 3 .   ? 13.919  4.951   10.863  1.00 31.12 ? 328 HOH X O   1 
HETATM 1436 O O   . HOH F 3 .   ? -5.377  -12.446 10.062  1.00 29.36 ? 329 HOH X O   1 
HETATM 1437 O O   . HOH F 3 .   ? -18.323 3.995   2.473   1.00 25.82 ? 330 HOH X O   1 
HETATM 1438 O O   . HOH F 3 .   ? -4.041  -15.518 2.347   1.00 41.02 ? 331 HOH X O   1 
HETATM 1439 O O   . HOH F 3 .   ? -0.026  -14.719 -8.281  0.95 26.22 ? 332 HOH X O   1 
HETATM 1440 O O   . HOH F 3 .   ? -0.200  -18.276 -5.886  1.00 41.73 ? 333 HOH X O   1 
HETATM 1441 O O   . HOH F 3 .   ? 3.137   -17.391 -8.927  0.86 26.16 ? 334 HOH X O   1 
HETATM 1442 O O   . HOH F 3 .   ? 8.082   -12.937 2.029   1.00 32.92 ? 335 HOH X O   1 
HETATM 1443 O O   . HOH F 3 .   ? 10.001  -11.424 0.059   1.00 23.37 ? 336 HOH X O   1 
HETATM 1444 O O   . HOH F 3 .   ? 10.145  -12.534 -3.767  1.00 8.30  ? 337 HOH X O   1 
HETATM 1445 O O   . HOH F 3 .   ? 6.902   -16.897 -5.776  0.97 24.90 ? 338 HOH X O   1 
HETATM 1446 O O   . HOH F 3 .   ? 0.915   -6.643  -7.791  0.99 8.83  ? 339 HOH X O   1 
HETATM 1447 O O   A HOH F 3 .   ? 0.773   -10.134 -15.931 0.50 15.42 ? 340 HOH X O   1 
HETATM 1448 O O   B HOH F 3 .   ? 0.227   -11.262 -15.682 0.50 11.65 ? 340 HOH X O   1 
HETATM 1449 O O   . HOH F 3 .   ? -5.632  -11.545 -12.985 0.92 17.73 ? 341 HOH X O   1 
HETATM 1450 O O   . HOH F 3 .   ? 1.397   -10.651 -13.291 0.70 26.67 ? 342 HOH X O   1 
HETATM 1451 O O   . HOH F 3 .   ? -4.431  3.344   -14.888 0.94 4.60  ? 343 HOH X O   1 
HETATM 1452 O O   . HOH F 3 .   ? 4.296   4.703   -17.775 0.97 10.44 ? 344 HOH X O   1 
HETATM 1453 O O   . HOH F 3 .   ? -2.518  5.967   -18.734 0.97 16.35 ? 345 HOH X O   1 
HETATM 1454 O O   . HOH F 3 .   ? 3.963   0.320   -13.264 1.00 6.25  ? 346 HOH X O   1 
HETATM 1455 O O   . HOH F 3 .   ? -7.668  8.043   -15.484 0.96 9.17  ? 347 HOH X O   1 
HETATM 1456 O O   . HOH F 3 .   ? -4.017  9.138   -17.913 0.80 26.83 ? 348 HOH X O   1 
HETATM 1457 O O   . HOH F 3 .   ? -4.543  11.074  -16.012 1.00 26.02 ? 349 HOH X O   1 
HETATM 1458 O O   . HOH F 3 .   ? -0.557  10.602  -9.444  0.91 2.49  ? 350 HOH X O   1 
HETATM 1459 O O   . HOH F 3 .   ? 1.694   11.722  -15.966 0.98 23.81 ? 351 HOH X O   1 
HETATM 1460 O O   . HOH F 3 .   ? 1.048   13.833  -14.707 0.76 18.89 ? 352 HOH X O   1 
HETATM 1461 O O   . HOH F 3 .   ? -3.501  14.787  -13.556 1.00 10.80 ? 353 HOH X O   1 
HETATM 1462 O O   . HOH F 3 .   ? 2.163   9.806   -9.336  1.00 4.15  ? 354 HOH X O   1 
HETATM 1463 O O   . HOH F 3 .   ? 1.637   13.296  -2.937  1.00 9.28  ? 355 HOH X O   1 
HETATM 1464 O O   . HOH F 3 .   ? 8.232   14.226  -11.588 0.98 23.82 ? 356 HOH X O   1 
HETATM 1465 O O   . HOH F 3 .   ? 2.285   16.080  -5.306  0.92 5.62  ? 357 HOH X O   1 
HETATM 1466 O O   . HOH F 3 .   ? 8.528   17.587  -0.561  0.94 29.10 ? 358 HOH X O   1 
HETATM 1467 O O   . HOH F 3 .   ? 9.337   15.880  3.167   1.00 33.59 ? 359 HOH X O   1 
HETATM 1468 O O   . HOH F 3 .   ? -2.345  13.160  -1.380  1.00 13.62 ? 360 HOH X O   1 
HETATM 1469 O O   . HOH F 3 .   ? 1.457   -3.257  -7.939  1.00 8.09  ? 361 HOH X O   1 
HETATM 1470 O O   . HOH F 3 .   ? 9.736   0.983   -11.440 0.83 22.06 ? 362 HOH X O   1 
HETATM 1471 O O   . HOH F 3 .   ? 11.747  -1.854  -12.516 1.00 29.89 ? 363 HOH X O   1 
HETATM 1472 O O   . HOH F 3 .   ? 0.325   4.133   -19.661 0.95 13.38 ? 364 HOH X O   1 
HETATM 1473 O O   . HOH F 3 .   ? 3.931   4.154   -20.602 0.88 15.26 ? 365 HOH X O   1 
HETATM 1474 O O   . HOH F 3 .   ? 3.291   2.626   -10.569 1.00 8.86  ? 366 HOH X O   1 
HETATM 1475 O O   . HOH F 3 .   ? 8.628   8.791   8.965   1.00 16.50 ? 367 HOH X O   1 
HETATM 1476 O O   . HOH F 3 .   ? 7.545   10.082  -0.492  1.00 9.87  ? 368 HOH X O   1 
HETATM 1477 O O   . HOH F 3 .   ? 9.444   -12.116 15.771  1.00 17.60 ? 369 HOH X O   1 
HETATM 1478 O O   . HOH F 3 .   ? 12.657  -12.160 14.310  0.93 25.93 ? 370 HOH X O   1 
HETATM 1479 O O   . HOH F 3 .   ? 14.213  2.397   -4.941  0.94 22.26 ? 371 HOH X O   1 
HETATM 1480 O O   . HOH F 3 .   ? 9.091   14.428  -4.606  0.97 8.61  ? 372 HOH X O   1 
HETATM 1481 O O   . HOH F 3 .   ? 7.834   5.396   -15.721 0.92 10.28 ? 373 HOH X O   1 
HETATM 1482 O O   . HOH F 3 .   ? 7.752   9.495   -16.285 0.96 16.18 ? 374 HOH X O   1 
HETATM 1483 O O   . HOH F 3 .   ? 6.516   3.358   -14.267 0.96 8.70  ? 375 HOH X O   1 
HETATM 1484 O O   . HOH F 3 .   ? 11.484  1.812   -9.367  0.89 18.33 ? 376 HOH X O   1 
HETATM 1485 O O   . HOH F 3 .   ? 5.320   9.829   -9.464  0.98 5.72  ? 377 HOH X O   1 
HETATM 1486 O O   . HOH F 3 .   ? -11.144 -4.962  -16.664 0.85 14.24 ? 378 HOH X O   1 
HETATM 1487 O O   . HOH F 3 .   ? -5.763  12.283  11.834  1.00 9.95  ? 379 HOH X O   1 
HETATM 1488 O O   . HOH F 3 .   ? -9.952  8.624   14.634  1.00 8.92  ? 380 HOH X O   1 
HETATM 1489 O O   . HOH F 3 .   ? -8.298  11.126  12.141  0.99 7.05  ? 381 HOH X O   1 
HETATM 1490 O O   . HOH F 3 .   ? -4.796  5.220   14.022  0.91 7.22  ? 382 HOH X O   1 
HETATM 1491 O O   . HOH F 3 .   ? -7.049  6.234   16.539  0.79 15.42 ? 383 HOH X O   1 
HETATM 1492 O O   . HOH F 3 .   ? -9.425  5.360   13.653  0.95 12.64 ? 384 HOH X O   1 
HETATM 1493 O O   . HOH F 3 .   ? 5.289   4.333   16.564  0.89 14.91 ? 385 HOH X O   1 
HETATM 1494 O O   . HOH F 3 .   ? 1.620   3.466   18.450  0.89 20.95 ? 386 HOH X O   1 
HETATM 1495 O O   . HOH F 3 .   ? 7.864   3.161   16.539  0.94 22.09 ? 387 HOH X O   1 
HETATM 1496 O O   . HOH F 3 .   ? 10.401  3.523   12.697  0.97 14.83 ? 388 HOH X O   1 
HETATM 1497 O O   . HOH F 3 .   ? 16.974  -4.034  0.139   0.87 25.06 ? 389 HOH X O   1 
HETATM 1498 O O   . HOH F 3 .   ? 18.984  -6.809  6.433   0.95 19.17 ? 390 HOH X O   1 
HETATM 1499 O O   . HOH F 3 .   ? 14.591  -8.828  9.747   1.00 33.86 ? 391 HOH X O   1 
HETATM 1500 O O   . HOH F 3 .   ? 8.160   -12.210 8.794   1.00 27.57 ? 392 HOH X O   1 
HETATM 1501 O O   . HOH F 3 .   ? 8.765   -12.836 11.201  1.00 32.09 ? 393 HOH X O   1 
HETATM 1502 O O   . HOH F 3 .   ? 13.838  -5.429  12.572  0.91 22.71 ? 394 HOH X O   1 
HETATM 1503 O O   . HOH F 3 .   ? 4.792   -5.232  18.602  0.40 18.05 ? 395 HOH X O   1 
HETATM 1504 O O   . HOH F 3 .   ? 6.392   -9.667  19.011  0.97 13.81 ? 396 HOH X O   1 
HETATM 1505 O O   . HOH F 3 .   ? -7.690  -11.674 8.902   0.90 21.70 ? 397 HOH X O   1 
HETATM 1506 O O   . HOH F 3 .   ? -16.568 0.485   7.275   1.00 36.68 ? 398 HOH X O   1 
HETATM 1507 O O   . HOH F 3 .   ? -18.161 2.517   4.643   0.80 20.72 ? 399 HOH X O   1 
HETATM 1508 O O   . HOH F 3 .   ? -17.780 0.390   0.277   0.93 12.80 ? 400 HOH X O   1 
HETATM 1509 O O   . HOH F 3 .   ? -15.693 -1.794  4.045   0.96 7.82  ? 401 HOH X O   1 
HETATM 1510 O O   . HOH F 3 .   ? -19.226 4.611   6.101   0.85 29.30 ? 402 HOH X O   1 
HETATM 1511 O O   . HOH F 3 .   ? -16.092 8.277   -1.260  1.00 12.91 ? 403 HOH X O   1 
HETATM 1512 O O   . HOH F 3 .   ? -14.286 10.200  -7.129  1.00 20.29 ? 404 HOH X O   1 
HETATM 1513 O O   A HOH F 3 .   ? -15.650 12.989  -5.382  0.50 11.51 ? 405 HOH X O   1 
HETATM 1514 O O   B HOH F 3 .   ? -15.085 13.965  -5.020  0.50 17.35 ? 405 HOH X O   1 
HETATM 1515 O O   . HOH F 3 .   ? -8.504  -1.069  14.949  0.90 25.36 ? 406 HOH X O   1 
HETATM 1516 O O   . HOH F 3 .   ? 10.341  10.012  -16.239 1.00 31.02 ? 407 HOH X O   1 
HETATM 1517 O O   . HOH F 3 .   ? 8.631   16.277  -8.976  0.30 19.62 ? 408 HOH X O   1 
HETATM 1518 O O   . HOH F 3 .   ? 11.273  2.687   -15.033 1.00 29.97 ? 409 HOH X O   1 
HETATM 1519 O O   . HOH F 3 .   ? 2.750   12.232  7.491   1.00 27.64 ? 410 HOH X O   1 
HETATM 1520 O O   . HOH F 3 .   ? 19.199  -3.979  8.868   1.00 30.66 ? 411 HOH X O   1 
HETATM 1521 O O   A HOH F 3 .   ? 14.513  -5.895  -0.568  0.50 19.80 ? 412 HOH X O   1 
HETATM 1522 O O   B HOH F 3 .   ? 15.519  -4.593  -1.406  0.50 16.43 ? 412 HOH X O   1 
HETATM 1523 O O   . HOH F 3 .   ? -14.696 10.522  2.001   1.00 15.77 ? 413 HOH X O   1 
HETATM 1524 O O   . HOH F 3 .   ? -16.642 7.406   -8.821  0.50 16.60 ? 414 HOH X O   1 
HETATM 1525 O O   . HOH F 3 .   ? 18.162  -1.187  1.695   0.87 24.24 ? 415 HOH X O   1 
HETATM 1526 O O   . HOH F 3 .   ? 0.571   6.930   19.194  0.40 14.03 ? 416 HOH X O   1 
HETATM 1527 O O   . HOH F 3 .   ? 11.294  12.722  6.167   1.00 40.80 ? 417 HOH X O   1 
HETATM 1528 O O   . HOH F 3 .   ? 12.400  12.823  3.981   1.00 19.33 ? 418 HOH X O   1 
HETATM 1529 O O   A HOH F 3 .   ? -0.670  11.772  -2.495  0.50 7.99  ? 419 HOH X O   1 
HETATM 1530 O O   B HOH F 3 .   ? 0.121   11.806  -1.517  0.50 6.50  ? 419 HOH X O   1 
HETATM 1531 O O   . HOH F 3 .   ? -7.659  -9.865  -11.822 1.00 16.25 ? 420 HOH X O   1 
HETATM 1532 O O   . HOH F 3 .   ? -2.939  6.480   15.421  0.99 16.23 ? 421 HOH X O   1 
HETATM 1533 O O   . HOH F 3 .   ? 0.854   -11.116 12.840  1.00 17.62 ? 422 HOH X O   1 
HETATM 1534 O O   . HOH F 3 .   ? -11.822 11.637  -10.718 0.99 16.53 ? 423 HOH X O   1 
HETATM 1535 O O   . HOH F 3 .   ? -12.141 2.224   -12.378 0.95 21.18 ? 424 HOH X O   1 
HETATM 1536 O O   . HOH F 3 .   ? -3.899  -13.375 1.151   0.84 17.81 ? 425 HOH X O   1 
HETATM 1537 O O   . HOH F 3 .   ? -5.082  16.468  0.414   0.98 19.74 ? 426 HOH X O   1 
HETATM 1538 O O   . HOH F 3 .   ? 9.121   2.059   -13.854 1.00 20.13 ? 427 HOH X O   1 
HETATM 1539 O O   . HOH F 3 .   ? -10.914 1.857   -16.060 1.00 21.36 ? 428 HOH X O   1 
HETATM 1540 O O   . HOH F 3 .   ? -13.021 12.304  -5.816  1.00 12.60 ? 429 HOH X O   1 
HETATM 1541 O O   . HOH F 3 .   ? 11.803  7.269   8.477   0.96 12.68 ? 430 HOH X O   1 
HETATM 1542 O O   . HOH F 3 .   ? 7.316   -2.637  -18.220 0.98 14.70 ? 431 HOH X O   1 
HETATM 1543 O O   A HOH F 3 .   ? -16.306 5.753   -2.672  0.50 8.54  ? 432 HOH X O   1 
HETATM 1544 O O   B HOH F 3 .   ? -16.809 4.564   -2.970  0.50 11.96 ? 432 HOH X O   1 
HETATM 1545 O O   . HOH F 3 .   ? -15.369 -4.531  3.641   0.95 20.69 ? 433 HOH X O   1 
HETATM 1546 O O   . HOH F 3 .   ? -18.609 -4.100  -0.300  1.00 29.88 ? 434 HOH X O   1 
HETATM 1547 O O   . HOH F 3 .   ? -2.058  2.893   17.255  0.97 23.15 ? 435 HOH X O   1 
HETATM 1548 O O   . HOH F 3 .   ? -12.244 4.864   -12.401 0.98 25.40 ? 436 HOH X O   1 
HETATM 1549 O O   . HOH F 3 .   ? 13.211  -0.406  -4.191  1.00 14.19 ? 437 HOH X O   1 
HETATM 1550 O O   . HOH F 3 .   ? -5.770  -11.556 1.212   0.86 15.28 ? 438 HOH X O   1 
HETATM 1551 O O   . HOH F 3 .   ? 2.426   -17.288 11.064  0.30 14.07 ? 439 HOH X O   1 
HETATM 1552 O O   . HOH F 3 .   ? 14.841  11.736  0.852   0.94 29.02 ? 440 HOH X O   1 
HETATM 1553 O O   . HOH F 3 .   ? -1.441  -13.809 7.289   0.40 15.49 ? 441 HOH X O   1 
HETATM 1554 O O   . HOH F 3 .   ? -18.479 -1.760  -1.224  0.98 25.02 ? 442 HOH X O   1 
HETATM 1555 O O   . HOH F 3 .   ? 4.205   -17.982 -2.521  0.93 27.90 ? 443 HOH X O   1 
HETATM 1556 O O   A HOH F 3 .   ? -16.674 11.931  1.061   0.60 15.06 ? 444 HOH X O   1 
HETATM 1557 O O   . HOH F 3 .   ? -2.750  -6.761  22.609  1.00 37.19 ? 445 HOH X O   1 
HETATM 1558 O O   . HOH F 3 .   ? 11.142  14.734  -8.439  0.91 31.54 ? 446 HOH X O   1 
HETATM 1559 O O   . HOH F 3 .   ? -0.662  -14.753 4.981   1.00 39.27 ? 447 HOH X O   1 
HETATM 1560 O O   . HOH F 3 .   ? -9.396  12.356  3.154   0.79 18.28 ? 448 HOH X O   1 
HETATM 1561 O O   . HOH F 3 .   ? 7.445   -9.061  -9.169  1.00 12.68 ? 449 HOH X O   1 
HETATM 1562 O O   . HOH F 3 .   ? 6.893   -9.390  -12.880 1.00 26.32 ? 450 HOH X O   1 
HETATM 1563 O O   . HOH F 3 .   ? 9.926   -6.598  -14.547 1.00 16.35 ? 451 HOH X O   1 
HETATM 1564 O O   . HOH F 3 .   ? -8.959  10.494  -15.230 0.81 18.20 ? 452 HOH X O   1 
# 
loop_
_pdbx_poly_seq_scheme.asym_id 
_pdbx_poly_seq_scheme.entity_id 
_pdbx_poly_seq_scheme.seq_id 
_pdbx_poly_seq_scheme.mon_id 
_pdbx_poly_seq_scheme.ndb_seq_num 
_pdbx_poly_seq_scheme.pdb_seq_num 
_pdbx_poly_seq_scheme.auth_seq_num 
_pdbx_poly_seq_scheme.pdb_mon_id 
_pdbx_poly_seq_scheme.auth_mon_id 
_pdbx_poly_seq_scheme.pdb_strand_id 
_pdbx_poly_seq_scheme.pdb_ins_code 
_pdbx_poly_seq_scheme.hetero 
A 1 1   MET 1   42  ?   ?   ?   X . n 
A 1 2   SER 2   43  ?   ?   ?   X . n 
A 1 3   GLY 3   44  44  GLY GLY X . n 
A 1 4   ASN 4   45  45  ASN ASN X . n 
A 1 5   PRO 5   46  46  PRO PRO X . n 
A 1 6   LEU 6   47  47  LEU LEU X . n 
A 1 7   VAL 7   48  48  VAL VAL X . n 
A 1 8   TYR 8   49  49  TYR TYR X . n 
A 1 9   LEU 9   50  50  LEU LEU X . n 
A 1 10  ASP 10  51  51  ASP ASP X . n 
A 1 11  VAL 11  52  52  VAL VAL X . n 
A 1 12  ASP 12  53  53  ASP ASP X . n 
A 1 13  ALA 13  54  54  ALA ALA X . n 
A 1 14  ASN 14  55  55  ASN ASN X . n 
A 1 15  GLY 15  56  56  GLY GLY X . n 
A 1 16  LYS 16  57  57  LYS LYS X . n 
A 1 17  PRO 17  58  58  PRO PRO X . n 
A 1 18  LEU 18  59  59  LEU LEU X . n 
A 1 19  GLY 19  60  60  GLY GLY X . n 
A 1 20  ARG 20  61  61  ARG ARG X . n 
A 1 21  VAL 21  62  62  VAL VAL X . n 
A 1 22  VAL 22  63  63  VAL VAL X . n 
A 1 23  LEU 23  64  64  LEU LEU X . n 
A 1 24  GLU 24  65  65  GLU GLU X . n 
A 1 25  LEU 25  66  66  LEU LEU X . n 
A 1 26  LYS 26  67  67  LYS LYS X . n 
A 1 27  ALA 27  68  68  ALA ALA X . n 
A 1 28  ASP 28  69  69  ASP ASP X . n 
A 1 29  VAL 29  70  70  VAL VAL X . n 
A 1 30  VAL 30  71  71  VAL VAL X . n 
A 1 31  PRO 31  72  72  PRO PRO X . n 
A 1 32  LYS 32  73  73  LYS LYS X . n 
A 1 33  THR 33  74  74  THR THR X . n 
A 1 34  ALA 34  75  75  ALA ALA X . n 
A 1 35  GLU 35  76  76  GLU GLU X . n 
A 1 36  ASN 36  77  77  ASN ASN X . n 
A 1 37  PHE 37  78  78  PHE PHE X . n 
A 1 38  ARG 38  79  79  ARG ARG X . n 
A 1 39  ALA 39  80  80  ALA ALA X . n 
A 1 40  LEU 40  81  81  LEU LEU X . n 
A 1 41  CYS 41  82  82  CYS CYS X . n 
A 1 42  THR 42  83  83  THR THR X . n 
A 1 43  GLY 43  84  84  GLY GLY X . n 
A 1 44  GLU 44  85  85  GLU GLU X . n 
A 1 45  LYS 45  86  86  LYS LYS X . n 
A 1 46  GLY 46  87  87  GLY GLY X . n 
A 1 47  PHE 47  88  88  PHE PHE X . n 
A 1 48  GLY 48  89  89  GLY GLY X . n 
A 1 49  TYR 49  90  90  TYR TYR X . n 
A 1 50  LYS 50  91  91  LYS LYS X . n 
A 1 51  GLY 51  92  92  GLY GLY X . n 
A 1 52  SER 52  93  93  SER SER X . n 
A 1 53  THR 53  94  94  THR THR X . n 
A 1 54  PHE 54  95  95  PHE PHE X . n 
A 1 55  HIS 55  96  96  HIS HIS X . n 
A 1 56  ARG 56  97  97  ARG ARG X . n 
A 1 57  VAL 57  98  98  VAL VAL X . n 
A 1 58  ILE 58  99  99  ILE ILE X . n 
A 1 59  PRO 59  100 100 PRO PRO X . n 
A 1 60  SER 60  101 101 SER SER X . n 
A 1 61  PHE 61  102 102 PHE PHE X . n 
A 1 62  MET 62  103 103 MET MET X . n 
A 1 63  CYS 63  104 104 CYS CYS X . n 
A 1 64  GLN 64  105 105 GLN GLN X . n 
A 1 65  ALA 65  106 106 ALA ALA X . n 
A 1 66  GLY 66  107 107 GLY GLY X . n 
A 1 67  ASP 67  108 108 ASP ASP X . n 
A 1 68  PHE 68  109 109 PHE PHE X . n 
A 1 69  THR 69  110 110 THR THR X . n 
A 1 70  ASN 70  111 111 ASN ASN X . n 
A 1 71  HIS 71  112 112 HIS HIS X . n 
A 1 72  ASN 72  113 113 ASN ASN X . n 
A 1 73  GLY 73  114 114 GLY GLY X . n 
A 1 74  THR 74  115 115 THR THR X . n 
A 1 75  GLY 75  116 116 GLY GLY X . n 
A 1 76  GLY 76  117 117 GLY GLY X . n 
A 1 77  LYS 77  118 118 LYS LYS X . n 
A 1 78  SER 78  119 119 SER SER X . n 
A 1 79  ILE 79  120 120 ILE ILE X . n 
A 1 80  TYR 80  121 121 TYR TYR X . n 
A 1 81  GLY 81  122 122 GLY GLY X . n 
A 1 82  SER 82  123 123 SER SER X . n 
A 1 83  ARG 83  124 124 ARG ARG X . n 
A 1 84  PHE 84  125 125 PHE PHE X . n 
A 1 85  PRO 85  126 126 PRO PRO X . n 
A 1 86  ASP 86  127 127 ASP ASP X . n 
A 1 87  GLU 87  128 128 GLU GLU X . n 
A 1 88  ASN 88  129 129 ASN ASN X . n 
A 1 89  PHE 89  130 130 PHE PHE X . n 
A 1 90  THR 90  131 131 THR THR X . n 
A 1 91  LEU 91  132 132 LEU LEU X . n 
A 1 92  LYS 92  133 133 LYS LYS X . n 
A 1 93  HIS 93  134 134 HIS HIS X . n 
A 1 94  VAL 94  135 135 VAL VAL X . n 
A 1 95  GLY 95  136 136 GLY GLY X . n 
A 1 96  PRO 96  137 137 PRO PRO X . n 
A 1 97  GLY 97  138 138 GLY GLY X . n 
A 1 98  VAL 98  139 139 VAL VAL X . n 
A 1 99  LEU 99  140 140 LEU LEU X . n 
A 1 100 SER 100 141 141 SER SER X . n 
A 1 101 MET 101 142 142 MET MET X . n 
A 1 102 ALA 102 143 143 ALA ALA X . n 
A 1 103 ASN 103 144 144 ASN ASN X . n 
A 1 104 ALA 104 145 145 ALA ALA X . n 
A 1 105 GLY 105 146 146 GLY GLY X . n 
A 1 106 PRO 106 147 147 PRO PRO X . n 
A 1 107 ASN 107 148 148 ASN ASN X . n 
A 1 108 THR 108 149 149 THR THR X . n 
A 1 109 ASN 109 150 150 ASN ASN X . n 
A 1 110 GLY 110 151 151 GLY GLY X . n 
A 1 111 SER 111 152 152 SER SER X . n 
A 1 112 GLN 112 153 153 GLN GLN X . n 
A 1 113 PHE 113 154 154 PHE PHE X . n 
A 1 114 PHE 114 155 155 PHE PHE X . n 
A 1 115 ILE 115 156 156 ILE ILE X . n 
A 1 116 CYS 116 157 157 CYS CYS X . n 
A 1 117 THR 117 158 158 THR THR X . n 
A 1 118 ILE 118 159 159 ILE ILE X . n 
A 1 119 LYS 119 160 160 LYS LYS X . n 
A 1 120 THR 120 161 161 THR THR X . n 
A 1 121 ASP 121 162 162 ASP ASP X . n 
A 1 122 TRP 122 163 163 TRP TRP X . n 
A 1 123 LEU 123 164 164 LEU LEU X . n 
A 1 124 ASP 124 165 165 ASP ASP X . n 
A 1 125 GLY 125 166 166 GLY GLY X . n 
A 1 126 LYS 126 167 167 LYS LYS X . n 
A 1 127 HIS 127 168 168 HIS HIS X . n 
A 1 128 VAL 128 169 169 VAL VAL X . n 
A 1 129 VAL 129 170 170 VAL VAL X . n 
A 1 130 PHE 130 171 171 PHE PHE X . n 
A 1 131 GLY 131 172 172 GLY GLY X . n 
A 1 132 HIS 132 173 173 HIS HIS X . n 
A 1 133 VAL 133 174 174 VAL VAL X . n 
A 1 134 ILE 134 175 175 ILE ILE X . n 
A 1 135 GLU 135 176 176 GLU GLU X . n 
A 1 136 GLY 136 177 177 GLY GLY X . n 
A 1 137 MET 137 178 178 MET MET X . n 
A 1 138 ASP 138 179 179 ASP ASP X . n 
A 1 139 VAL 139 180 180 VAL VAL X . n 
A 1 140 VAL 140 181 181 VAL VAL X . n 
A 1 141 LYS 141 182 182 LYS LYS X . n 
A 1 142 LYS 142 183 183 LYS LYS X . n 
A 1 143 ILE 143 184 184 ILE ILE X . n 
A 1 144 GLU 144 185 185 GLU GLU X . n 
A 1 145 SER 145 186 186 SER SER X . n 
A 1 146 PHE 146 187 187 PHE PHE X . n 
A 1 147 GLY 147 188 188 GLY GLY X . n 
A 1 148 SER 148 189 189 SER SER X . n 
A 1 149 LYS 149 190 190 LYS LYS X . n 
A 1 150 SER 150 191 191 SER SER X . n 
A 1 151 GLY 151 192 192 GLY GLY X . n 
A 1 152 ARG 152 193 193 ARG ARG X . n 
A 1 153 THR 153 194 194 THR THR X . n 
A 1 154 SER 154 195 195 SER SER X . n 
A 1 155 LYS 155 196 196 LYS LYS X . n 
A 1 156 LYS 156 197 197 LYS LYS X . n 
A 1 157 ILE 157 198 198 ILE ILE X . n 
A 1 158 VAL 158 199 199 VAL VAL X . n 
A 1 159 ILE 159 200 200 ILE ILE X . n 
A 1 160 THR 160 201 201 THR THR X . n 
A 1 161 ASP 161 202 202 ASP ASP X . n 
A 1 162 CYS 162 203 203 CYS CYS X . n 
A 1 163 GLY 163 204 204 GLY GLY X . n 
A 1 164 GLN 164 205 205 GLN GLN X . n 
A 1 165 LEU 165 206 206 LEU LEU X . n 
A 1 166 SER 166 207 207 SER SER X . n 
# 
loop_
_pdbx_nonpoly_scheme.asym_id 
_pdbx_nonpoly_scheme.entity_id 
_pdbx_nonpoly_scheme.mon_id 
_pdbx_nonpoly_scheme.ndb_seq_num 
_pdbx_nonpoly_scheme.pdb_seq_num 
_pdbx_nonpoly_scheme.auth_seq_num 
_pdbx_nonpoly_scheme.pdb_mon_id 
_pdbx_nonpoly_scheme.auth_mon_id 
_pdbx_nonpoly_scheme.pdb_strand_id 
_pdbx_nonpoly_scheme.pdb_ins_code 
B 2 M3I 1   1   1   M3I M3I X . 
C 2 M3I 1   208 1   M3I M3I X . 
D 2 M3I 1   209 1   M3I M3I X . 
E 2 M3I 1   210 1   M3I M3I X . 
F 3 HOH 1   2   2   HOH HOH X . 
F 3 HOH 2   3   3   HOH HOH X . 
F 3 HOH 3   4   4   HOH HOH X . 
F 3 HOH 4   5   5   HOH HOH X . 
F 3 HOH 5   6   6   HOH HOH X . 
F 3 HOH 6   7   7   HOH HOH X . 
F 3 HOH 7   8   8   HOH HOH X . 
F 3 HOH 8   9   9   HOH HOH X . 
F 3 HOH 9   10  10  HOH HOH X . 
F 3 HOH 10  11  11  HOH HOH X . 
F 3 HOH 11  12  12  HOH HOH X . 
F 3 HOH 12  13  13  HOH HOH X . 
F 3 HOH 13  14  14  HOH HOH X . 
F 3 HOH 14  16  16  HOH HOH X . 
F 3 HOH 15  17  17  HOH HOH X . 
F 3 HOH 16  18  18  HOH HOH X . 
F 3 HOH 17  20  20  HOH HOH X . 
F 3 HOH 18  21  21  HOH HOH X . 
F 3 HOH 19  22  22  HOH HOH X . 
F 3 HOH 20  23  23  HOH HOH X . 
F 3 HOH 21  24  24  HOH HOH X . 
F 3 HOH 22  25  25  HOH HOH X . 
F 3 HOH 23  27  27  HOH HOH X . 
F 3 HOH 24  28  28  HOH HOH X . 
F 3 HOH 25  29  29  HOH HOH X . 
F 3 HOH 26  30  30  HOH HOH X . 
F 3 HOH 27  31  31  HOH HOH X . 
F 3 HOH 28  32  32  HOH HOH X . 
F 3 HOH 29  33  33  HOH HOH X . 
F 3 HOH 30  34  34  HOH HOH X . 
F 3 HOH 31  35  35  HOH HOH X . 
F 3 HOH 32  36  36  HOH HOH X . 
F 3 HOH 33  37  37  HOH HOH X . 
F 3 HOH 34  38  38  HOH HOH X . 
F 3 HOH 35  39  39  HOH HOH X . 
F 3 HOH 36  40  40  HOH HOH X . 
F 3 HOH 37  41  41  HOH HOH X . 
F 3 HOH 38  211 211 HOH HOH X . 
F 3 HOH 39  212 212 HOH HOH X . 
F 3 HOH 40  213 213 HOH HOH X . 
F 3 HOH 41  214 214 HOH HOH X . 
F 3 HOH 42  215 215 HOH HOH X . 
F 3 HOH 43  216 216 HOH HOH X . 
F 3 HOH 44  217 217 HOH HOH X . 
F 3 HOH 45  218 218 HOH HOH X . 
F 3 HOH 46  219 219 HOH HOH X . 
F 3 HOH 47  220 220 HOH HOH X . 
F 3 HOH 48  221 221 HOH HOH X . 
F 3 HOH 49  222 222 HOH HOH X . 
F 3 HOH 50  223 223 HOH HOH X . 
F 3 HOH 51  224 224 HOH HOH X . 
F 3 HOH 52  225 225 HOH HOH X . 
F 3 HOH 53  226 226 HOH HOH X . 
F 3 HOH 54  227 227 HOH HOH X . 
F 3 HOH 55  228 228 HOH HOH X . 
F 3 HOH 56  229 229 HOH HOH X . 
F 3 HOH 57  230 230 HOH HOH X . 
F 3 HOH 58  231 231 HOH HOH X . 
F 3 HOH 59  232 232 HOH HOH X . 
F 3 HOH 60  233 233 HOH HOH X . 
F 3 HOH 61  234 234 HOH HOH X . 
F 3 HOH 62  235 235 HOH HOH X . 
F 3 HOH 63  236 236 HOH HOH X . 
F 3 HOH 64  237 237 HOH HOH X . 
F 3 HOH 65  238 238 HOH HOH X . 
F 3 HOH 66  239 239 HOH HOH X . 
F 3 HOH 67  240 240 HOH HOH X . 
F 3 HOH 68  241 241 HOH HOH X . 
F 3 HOH 69  242 242 HOH HOH X . 
F 3 HOH 70  243 243 HOH HOH X . 
F 3 HOH 71  244 244 HOH HOH X . 
F 3 HOH 72  245 245 HOH HOH X . 
F 3 HOH 73  246 246 HOH HOH X . 
F 3 HOH 74  247 247 HOH HOH X . 
F 3 HOH 75  248 248 HOH HOH X . 
F 3 HOH 76  249 249 HOH HOH X . 
F 3 HOH 77  250 1   HOH HOH X . 
F 3 HOH 78  251 251 HOH HOH X . 
F 3 HOH 79  252 252 HOH HOH X . 
F 3 HOH 80  253 253 HOH HOH X . 
F 3 HOH 81  254 254 HOH HOH X . 
F 3 HOH 82  255 255 HOH HOH X . 
F 3 HOH 83  256 256 HOH HOH X . 
F 3 HOH 84  257 257 HOH HOH X . 
F 3 HOH 85  258 42  HOH HOH X . 
F 3 HOH 86  259 259 HOH HOH X . 
F 3 HOH 87  260 260 HOH HOH X . 
F 3 HOH 88  261 43  HOH HOH X . 
F 3 HOH 89  262 262 HOH HOH X . 
F 3 HOH 90  263 263 HOH HOH X . 
F 3 HOH 91  264 264 HOH HOH X . 
F 3 HOH 92  265 44  HOH HOH X . 
F 3 HOH 93  266 45  HOH HOH X . 
F 3 HOH 94  267 267 HOH HOH X . 
F 3 HOH 95  268 268 HOH HOH X . 
F 3 HOH 96  269 269 HOH HOH X . 
F 3 HOH 97  270 270 HOH HOH X . 
F 3 HOH 98  271 271 HOH HOH X . 
F 3 HOH 99  272 46  HOH HOH X . 
F 3 HOH 100 273 273 HOH HOH X . 
F 3 HOH 101 274 47  HOH HOH X . 
F 3 HOH 102 275 48  HOH HOH X . 
F 3 HOH 103 276 49  HOH HOH X . 
F 3 HOH 104 277 277 HOH HOH X . 
F 3 HOH 105 278 50  HOH HOH X . 
F 3 HOH 106 279 279 HOH HOH X . 
F 3 HOH 107 280 280 HOH HOH X . 
F 3 HOH 108 281 281 HOH HOH X . 
F 3 HOH 109 282 51  HOH HOH X . 
F 3 HOH 110 283 283 HOH HOH X . 
F 3 HOH 111 284 284 HOH HOH X . 
F 3 HOH 112 285 285 HOH HOH X . 
F 3 HOH 113 286 52  HOH HOH X . 
F 3 HOH 114 287 287 HOH HOH X . 
F 3 HOH 115 288 53  HOH HOH X . 
F 3 HOH 116 289 289 HOH HOH X . 
F 3 HOH 117 290 290 HOH HOH X . 
F 3 HOH 118 291 54  HOH HOH X . 
F 3 HOH 119 292 292 HOH HOH X . 
F 3 HOH 120 293 293 HOH HOH X . 
F 3 HOH 121 294 294 HOH HOH X . 
F 3 HOH 122 295 295 HOH HOH X . 
F 3 HOH 123 296 296 HOH HOH X . 
F 3 HOH 124 297 297 HOH HOH X . 
F 3 HOH 125 298 298 HOH HOH X . 
F 3 HOH 126 299 299 HOH HOH X . 
F 3 HOH 127 300 300 HOH HOH X . 
F 3 HOH 128 301 301 HOH HOH X . 
F 3 HOH 129 302 302 HOH HOH X . 
F 3 HOH 130 303 303 HOH HOH X . 
F 3 HOH 131 304 55  HOH HOH X . 
F 3 HOH 132 305 56  HOH HOH X . 
F 3 HOH 133 306 57  HOH HOH X . 
F 3 HOH 134 307 58  HOH HOH X . 
F 3 HOH 135 308 59  HOH HOH X . 
F 3 HOH 136 309 60  HOH HOH X . 
F 3 HOH 137 310 61  HOH HOH X . 
F 3 HOH 138 311 62  HOH HOH X . 
F 3 HOH 139 312 63  HOH HOH X . 
F 3 HOH 140 313 64  HOH HOH X . 
F 3 HOH 141 314 65  HOH HOH X . 
F 3 HOH 142 315 66  HOH HOH X . 
F 3 HOH 143 316 67  HOH HOH X . 
F 3 HOH 144 317 68  HOH HOH X . 
F 3 HOH 145 318 69  HOH HOH X . 
F 3 HOH 146 319 70  HOH HOH X . 
F 3 HOH 147 320 71  HOH HOH X . 
F 3 HOH 148 321 72  HOH HOH X . 
F 3 HOH 149 322 73  HOH HOH X . 
F 3 HOH 150 323 74  HOH HOH X . 
F 3 HOH 151 324 75  HOH HOH X . 
F 3 HOH 152 325 76  HOH HOH X . 
F 3 HOH 153 326 77  HOH HOH X . 
F 3 HOH 154 327 78  HOH HOH X . 
F 3 HOH 155 328 79  HOH HOH X . 
F 3 HOH 156 329 80  HOH HOH X . 
F 3 HOH 157 330 81  HOH HOH X . 
F 3 HOH 158 331 82  HOH HOH X . 
F 3 HOH 159 332 83  HOH HOH X . 
F 3 HOH 160 333 84  HOH HOH X . 
F 3 HOH 161 334 85  HOH HOH X . 
F 3 HOH 162 335 86  HOH HOH X . 
F 3 HOH 163 336 87  HOH HOH X . 
F 3 HOH 164 337 88  HOH HOH X . 
F 3 HOH 165 338 89  HOH HOH X . 
F 3 HOH 166 339 90  HOH HOH X . 
F 3 HOH 167 340 91  HOH HOH X . 
F 3 HOH 168 341 92  HOH HOH X . 
F 3 HOH 169 342 93  HOH HOH X . 
F 3 HOH 170 343 94  HOH HOH X . 
F 3 HOH 171 344 95  HOH HOH X . 
F 3 HOH 172 345 97  HOH HOH X . 
F 3 HOH 173 346 98  HOH HOH X . 
F 3 HOH 174 347 99  HOH HOH X . 
F 3 HOH 175 348 100 HOH HOH X . 
F 3 HOH 176 349 101 HOH HOH X . 
F 3 HOH 177 350 102 HOH HOH X . 
F 3 HOH 178 351 103 HOH HOH X . 
F 3 HOH 179 352 104 HOH HOH X . 
F 3 HOH 180 353 105 HOH HOH X . 
F 3 HOH 181 354 106 HOH HOH X . 
F 3 HOH 182 355 107 HOH HOH X . 
F 3 HOH 183 356 108 HOH HOH X . 
F 3 HOH 184 357 109 HOH HOH X . 
F 3 HOH 185 358 110 HOH HOH X . 
F 3 HOH 186 359 111 HOH HOH X . 
F 3 HOH 187 360 112 HOH HOH X . 
F 3 HOH 188 361 113 HOH HOH X . 
F 3 HOH 189 362 114 HOH HOH X . 
F 3 HOH 190 363 115 HOH HOH X . 
F 3 HOH 191 364 116 HOH HOH X . 
F 3 HOH 192 365 117 HOH HOH X . 
F 3 HOH 193 366 118 HOH HOH X . 
F 3 HOH 194 367 119 HOH HOH X . 
F 3 HOH 195 368 120 HOH HOH X . 
F 3 HOH 196 369 121 HOH HOH X . 
F 3 HOH 197 370 122 HOH HOH X . 
F 3 HOH 198 371 123 HOH HOH X . 
F 3 HOH 199 372 124 HOH HOH X . 
F 3 HOH 200 373 125 HOH HOH X . 
F 3 HOH 201 374 126 HOH HOH X . 
F 3 HOH 202 375 127 HOH HOH X . 
F 3 HOH 203 376 128 HOH HOH X . 
F 3 HOH 204 377 129 HOH HOH X . 
F 3 HOH 205 378 130 HOH HOH X . 
F 3 HOH 206 379 131 HOH HOH X . 
F 3 HOH 207 380 132 HOH HOH X . 
F 3 HOH 208 381 133 HOH HOH X . 
F 3 HOH 209 382 134 HOH HOH X . 
F 3 HOH 210 383 135 HOH HOH X . 
F 3 HOH 211 384 136 HOH HOH X . 
F 3 HOH 212 385 137 HOH HOH X . 
F 3 HOH 213 386 138 HOH HOH X . 
F 3 HOH 214 387 139 HOH HOH X . 
F 3 HOH 215 388 140 HOH HOH X . 
F 3 HOH 216 389 142 HOH HOH X . 
F 3 HOH 217 390 143 HOH HOH X . 
F 3 HOH 218 391 144 HOH HOH X . 
F 3 HOH 219 392 145 HOH HOH X . 
F 3 HOH 220 393 146 HOH HOH X . 
F 3 HOH 221 394 147 HOH HOH X . 
F 3 HOH 222 395 148 HOH HOH X . 
F 3 HOH 223 396 149 HOH HOH X . 
F 3 HOH 224 397 150 HOH HOH X . 
F 3 HOH 225 398 151 HOH HOH X . 
F 3 HOH 226 399 152 HOH HOH X . 
F 3 HOH 227 400 153 HOH HOH X . 
F 3 HOH 228 401 154 HOH HOH X . 
F 3 HOH 229 402 155 HOH HOH X . 
F 3 HOH 230 403 156 HOH HOH X . 
F 3 HOH 231 404 157 HOH HOH X . 
F 3 HOH 232 405 158 HOH HOH X . 
F 3 HOH 233 406 159 HOH HOH X . 
F 3 HOH 234 407 160 HOH HOH X . 
F 3 HOH 235 408 161 HOH HOH X . 
F 3 HOH 236 409 162 HOH HOH X . 
F 3 HOH 237 410 163 HOH HOH X . 
F 3 HOH 238 411 164 HOH HOH X . 
F 3 HOH 239 412 165 HOH HOH X . 
F 3 HOH 240 413 166 HOH HOH X . 
F 3 HOH 241 414 167 HOH HOH X . 
F 3 HOH 242 415 169 HOH HOH X . 
F 3 HOH 243 416 170 HOH HOH X . 
F 3 HOH 244 417 171 HOH HOH X . 
F 3 HOH 245 418 172 HOH HOH X . 
F 3 HOH 246 419 173 HOH HOH X . 
F 3 HOH 247 420 174 HOH HOH X . 
F 3 HOH 248 421 175 HOH HOH X . 
F 3 HOH 249 422 176 HOH HOH X . 
F 3 HOH 250 423 177 HOH HOH X . 
F 3 HOH 251 424 178 HOH HOH X . 
F 3 HOH 252 425 179 HOH HOH X . 
F 3 HOH 253 426 180 HOH HOH X . 
F 3 HOH 254 427 181 HOH HOH X . 
F 3 HOH 255 428 182 HOH HOH X . 
F 3 HOH 256 429 183 HOH HOH X . 
F 3 HOH 257 430 184 HOH HOH X . 
F 3 HOH 258 431 185 HOH HOH X . 
F 3 HOH 259 432 186 HOH HOH X . 
F 3 HOH 260 433 187 HOH HOH X . 
F 3 HOH 261 434 188 HOH HOH X . 
F 3 HOH 262 435 189 HOH HOH X . 
F 3 HOH 263 436 190 HOH HOH X . 
F 3 HOH 264 437 191 HOH HOH X . 
F 3 HOH 265 438 192 HOH HOH X . 
F 3 HOH 266 439 195 HOH HOH X . 
F 3 HOH 267 440 196 HOH HOH X . 
F 3 HOH 268 441 197 HOH HOH X . 
F 3 HOH 269 442 198 HOH HOH X . 
F 3 HOH 270 443 199 HOH HOH X . 
F 3 HOH 271 444 201 HOH HOH X . 
F 3 HOH 272 445 202 HOH HOH X . 
F 3 HOH 273 446 203 HOH HOH X . 
F 3 HOH 274 447 204 HOH HOH X . 
F 3 HOH 275 448 206 HOH HOH X . 
F 3 HOH 276 449 207 HOH HOH X . 
F 3 HOH 277 450 208 HOH HOH X . 
F 3 HOH 278 451 209 HOH HOH X . 
F 3 HOH 279 452 210 HOH HOH X . 
# 
_pdbx_struct_assembly.id                   1 
_pdbx_struct_assembly.details              author_and_software_defined_assembly 
_pdbx_struct_assembly.method_details       PISA 
_pdbx_struct_assembly.oligomeric_details   monomeric 
_pdbx_struct_assembly.oligomeric_count     1 
# 
_pdbx_struct_assembly_gen.assembly_id       1 
_pdbx_struct_assembly_gen.oper_expression   1 
_pdbx_struct_assembly_gen.asym_id_list      A,B,C,D,E,F 
# 
_pdbx_struct_oper_list.id                   1 
_pdbx_struct_oper_list.type                 'identity operation' 
_pdbx_struct_oper_list.name                 1_555 
_pdbx_struct_oper_list.symmetry_operation   x,y,z 
_pdbx_struct_oper_list.matrix[1][1]         1.0000000000 
_pdbx_struct_oper_list.matrix[1][2]         0.0000000000 
_pdbx_struct_oper_list.matrix[1][3]         0.0000000000 
_pdbx_struct_oper_list.vector[1]            0.0000000000 
_pdbx_struct_oper_list.matrix[2][1]         0.0000000000 
_pdbx_struct_oper_list.matrix[2][2]         1.0000000000 
_pdbx_struct_oper_list.matrix[2][3]         0.0000000000 
_pdbx_struct_oper_list.vector[2]            0.0000000000 
_pdbx_struct_oper_list.matrix[3][1]         0.0000000000 
_pdbx_struct_oper_list.matrix[3][2]         0.0000000000 
_pdbx_struct_oper_list.matrix[3][3]         1.0000000000 
_pdbx_struct_oper_list.vector[3]            0.0000000000 
# 
_pdbx_struct_special_symmetry.id              1 
_pdbx_struct_special_symmetry.PDB_model_num   1 
_pdbx_struct_special_symmetry.auth_asym_id    X 
_pdbx_struct_special_symmetry.auth_comp_id    HOH 
_pdbx_struct_special_symmetry.auth_seq_id     414 
_pdbx_struct_special_symmetry.PDB_ins_code    ? 
_pdbx_struct_special_symmetry.label_asym_id   F 
_pdbx_struct_special_symmetry.label_comp_id   HOH 
_pdbx_struct_special_symmetry.label_seq_id    . 
# 
loop_
_pdbx_audit_revision_history.ordinal 
_pdbx_audit_revision_history.data_content_type 
_pdbx_audit_revision_history.major_revision 
_pdbx_audit_revision_history.minor_revision 
_pdbx_audit_revision_history.revision_date 
1 'Structure model' 1 0 2012-03-21 
2 'Structure model' 1 1 2012-12-05 
3 'Structure model' 1 2 2016-10-19 
4 'Structure model' 1 3 2023-09-13 
# 
_pdbx_audit_revision_details.ordinal             1 
_pdbx_audit_revision_details.revision_ordinal    1 
_pdbx_audit_revision_details.data_content_type   'Structure model' 
_pdbx_audit_revision_details.provider            repository 
_pdbx_audit_revision_details.type                'Initial release' 
_pdbx_audit_revision_details.description         ? 
_pdbx_audit_revision_details.details             ? 
# 
loop_
_pdbx_audit_revision_group.ordinal 
_pdbx_audit_revision_group.revision_ordinal 
_pdbx_audit_revision_group.data_content_type 
_pdbx_audit_revision_group.group 
1 2 'Structure model' 'Structure summary'      
2 3 'Structure model' 'Database references'    
3 4 'Structure model' 'Data collection'        
4 4 'Structure model' 'Database references'    
5 4 'Structure model' 'Derived calculations'   
6 4 'Structure model' 'Refinement description' 
# 
loop_
_pdbx_audit_revision_category.ordinal 
_pdbx_audit_revision_category.revision_ordinal 
_pdbx_audit_revision_category.data_content_type 
_pdbx_audit_revision_category.category 
1 4 'Structure model' chem_comp_atom                
2 4 'Structure model' chem_comp_bond                
3 4 'Structure model' database_2                    
4 4 'Structure model' pdbx_initial_refinement_model 
5 4 'Structure model' struct_ref_seq_dif            
6 4 'Structure model' struct_site                   
# 
loop_
_pdbx_audit_revision_item.ordinal 
_pdbx_audit_revision_item.revision_ordinal 
_pdbx_audit_revision_item.data_content_type 
_pdbx_audit_revision_item.item 
1 4 'Structure model' '_database_2.pdbx_DOI'                
2 4 'Structure model' '_database_2.pdbx_database_accession' 
3 4 'Structure model' '_struct_ref_seq_dif.details'         
4 4 'Structure model' '_struct_site.pdbx_auth_asym_id'      
5 4 'Structure model' '_struct_site.pdbx_auth_comp_id'      
6 4 'Structure model' '_struct_site.pdbx_auth_seq_id'       
# 
loop_
_software.name 
_software.classification 
_software.version 
_software.citation_id 
_software.pdbx_ordinal 
DNA    'data collection' .        ? 1 
X-PLOR 'model building'  .        ? 2 
REFMAC refinement        5.4.0062 ? 3 
MOSFLM 'data reduction'  .        ? 4 
SCALA  'data scaling'    .        ? 5 
X-PLOR phasing           .        ? 6 
# 
loop_
_pdbx_validate_torsion.id 
_pdbx_validate_torsion.PDB_model_num 
_pdbx_validate_torsion.auth_comp_id 
_pdbx_validate_torsion.auth_asym_id 
_pdbx_validate_torsion.auth_seq_id 
_pdbx_validate_torsion.PDB_ins_code 
_pdbx_validate_torsion.label_alt_id 
_pdbx_validate_torsion.phi 
_pdbx_validate_torsion.psi 
1 1 PHE X 102 ? ? -142.33 -79.72 
2 1 THR X 161 ? ? -104.46 62.47  
# 
loop_
_pdbx_unobs_or_zero_occ_atoms.id 
_pdbx_unobs_or_zero_occ_atoms.PDB_model_num 
_pdbx_unobs_or_zero_occ_atoms.polymer_flag 
_pdbx_unobs_or_zero_occ_atoms.occupancy_flag 
_pdbx_unobs_or_zero_occ_atoms.auth_asym_id 
_pdbx_unobs_or_zero_occ_atoms.auth_comp_id 
_pdbx_unobs_or_zero_occ_atoms.auth_seq_id 
_pdbx_unobs_or_zero_occ_atoms.PDB_ins_code 
_pdbx_unobs_or_zero_occ_atoms.auth_atom_id 
_pdbx_unobs_or_zero_occ_atoms.label_alt_id 
_pdbx_unobs_or_zero_occ_atoms.label_asym_id 
_pdbx_unobs_or_zero_occ_atoms.label_comp_id 
_pdbx_unobs_or_zero_occ_atoms.label_seq_id 
_pdbx_unobs_or_zero_occ_atoms.label_atom_id 
1  1 Y 1 X LYS 57  ? CG  ? A LYS 16  CG  
2  1 Y 1 X LYS 57  ? CD  ? A LYS 16  CD  
3  1 Y 1 X LYS 57  ? CE  ? A LYS 16  CE  
4  1 Y 1 X LYS 57  ? NZ  ? A LYS 16  NZ  
5  1 Y 1 X LYS 160 ? NZ  ? A LYS 119 NZ  
6  1 Y 1 X LYS 167 ? NZ  ? A LYS 126 NZ  
7  1 Y 1 X LYS 190 ? CD  ? A LYS 149 CD  
8  1 Y 1 X LYS 190 ? CE  ? A LYS 149 CE  
9  1 Y 1 X LYS 190 ? NZ  ? A LYS 149 NZ  
10 1 Y 1 X ARG 193 ? CD  ? A ARG 152 CD  
11 1 Y 1 X ARG 193 ? NE  ? A ARG 152 NE  
12 1 Y 1 X ARG 193 ? CZ  ? A ARG 152 CZ  
13 1 Y 1 X ARG 193 ? NH1 ? A ARG 152 NH1 
14 1 Y 1 X ARG 193 ? NH2 ? A ARG 152 NH2 
# 
loop_
_pdbx_unobs_or_zero_occ_residues.id 
_pdbx_unobs_or_zero_occ_residues.PDB_model_num 
_pdbx_unobs_or_zero_occ_residues.polymer_flag 
_pdbx_unobs_or_zero_occ_residues.occupancy_flag 
_pdbx_unobs_or_zero_occ_residues.auth_asym_id 
_pdbx_unobs_or_zero_occ_residues.auth_comp_id 
_pdbx_unobs_or_zero_occ_residues.auth_seq_id 
_pdbx_unobs_or_zero_occ_residues.PDB_ins_code 
_pdbx_unobs_or_zero_occ_residues.label_asym_id 
_pdbx_unobs_or_zero_occ_residues.label_comp_id 
_pdbx_unobs_or_zero_occ_residues.label_seq_id 
1 1 Y 1 X MET 42 ? A MET 1 
2 1 Y 1 X SER 43 ? A SER 2 
# 
loop_
_chem_comp_atom.comp_id 
_chem_comp_atom.atom_id 
_chem_comp_atom.type_symbol 
_chem_comp_atom.pdbx_aromatic_flag 
_chem_comp_atom.pdbx_stereo_config 
_chem_comp_atom.pdbx_ordinal 
ALA N    N N N 1   
ALA CA   C N S 2   
ALA C    C N N 3   
ALA O    O N N 4   
ALA CB   C N N 5   
ALA OXT  O N N 6   
ALA H    H N N 7   
ALA H2   H N N 8   
ALA HA   H N N 9   
ALA HB1  H N N 10  
ALA HB2  H N N 11  
ALA HB3  H N N 12  
ALA HXT  H N N 13  
ARG N    N N N 14  
ARG CA   C N S 15  
ARG C    C N N 16  
ARG O    O N N 17  
ARG CB   C N N 18  
ARG CG   C N N 19  
ARG CD   C N N 20  
ARG NE   N N N 21  
ARG CZ   C N N 22  
ARG NH1  N N N 23  
ARG NH2  N N N 24  
ARG OXT  O N N 25  
ARG H    H N N 26  
ARG H2   H N N 27  
ARG HA   H N N 28  
ARG HB2  H N N 29  
ARG HB3  H N N 30  
ARG HG2  H N N 31  
ARG HG3  H N N 32  
ARG HD2  H N N 33  
ARG HD3  H N N 34  
ARG HE   H N N 35  
ARG HH11 H N N 36  
ARG HH12 H N N 37  
ARG HH21 H N N 38  
ARG HH22 H N N 39  
ARG HXT  H N N 40  
ASN N    N N N 41  
ASN CA   C N S 42  
ASN C    C N N 43  
ASN O    O N N 44  
ASN CB   C N N 45  
ASN CG   C N N 46  
ASN OD1  O N N 47  
ASN ND2  N N N 48  
ASN OXT  O N N 49  
ASN H    H N N 50  
ASN H2   H N N 51  
ASN HA   H N N 52  
ASN HB2  H N N 53  
ASN HB3  H N N 54  
ASN HD21 H N N 55  
ASN HD22 H N N 56  
ASN HXT  H N N 57  
ASP N    N N N 58  
ASP CA   C N S 59  
ASP C    C N N 60  
ASP O    O N N 61  
ASP CB   C N N 62  
ASP CG   C N N 63  
ASP OD1  O N N 64  
ASP OD2  O N N 65  
ASP OXT  O N N 66  
ASP H    H N N 67  
ASP H2   H N N 68  
ASP HA   H N N 69  
ASP HB2  H N N 70  
ASP HB3  H N N 71  
ASP HD2  H N N 72  
ASP HXT  H N N 73  
CYS N    N N N 74  
CYS CA   C N R 75  
CYS C    C N N 76  
CYS O    O N N 77  
CYS CB   C N N 78  
CYS SG   S N N 79  
CYS OXT  O N N 80  
CYS H    H N N 81  
CYS H2   H N N 82  
CYS HA   H N N 83  
CYS HB2  H N N 84  
CYS HB3  H N N 85  
CYS HG   H N N 86  
CYS HXT  H N N 87  
GLN N    N N N 88  
GLN CA   C N S 89  
GLN C    C N N 90  
GLN O    O N N 91  
GLN CB   C N N 92  
GLN CG   C N N 93  
GLN CD   C N N 94  
GLN OE1  O N N 95  
GLN NE2  N N N 96  
GLN OXT  O N N 97  
GLN H    H N N 98  
GLN H2   H N N 99  
GLN HA   H N N 100 
GLN HB2  H N N 101 
GLN HB3  H N N 102 
GLN HG2  H N N 103 
GLN HG3  H N N 104 
GLN HE21 H N N 105 
GLN HE22 H N N 106 
GLN HXT  H N N 107 
GLU N    N N N 108 
GLU CA   C N S 109 
GLU C    C N N 110 
GLU O    O N N 111 
GLU CB   C N N 112 
GLU CG   C N N 113 
GLU CD   C N N 114 
GLU OE1  O N N 115 
GLU OE2  O N N 116 
GLU OXT  O N N 117 
GLU H    H N N 118 
GLU H2   H N N 119 
GLU HA   H N N 120 
GLU HB2  H N N 121 
GLU HB3  H N N 122 
GLU HG2  H N N 123 
GLU HG3  H N N 124 
GLU HE2  H N N 125 
GLU HXT  H N N 126 
GLY N    N N N 127 
GLY CA   C N N 128 
GLY C    C N N 129 
GLY O    O N N 130 
GLY OXT  O N N 131 
GLY H    H N N 132 
GLY H2   H N N 133 
GLY HA2  H N N 134 
GLY HA3  H N N 135 
GLY HXT  H N N 136 
HIS N    N N N 137 
HIS CA   C N S 138 
HIS C    C N N 139 
HIS O    O N N 140 
HIS CB   C N N 141 
HIS CG   C Y N 142 
HIS ND1  N Y N 143 
HIS CD2  C Y N 144 
HIS CE1  C Y N 145 
HIS NE2  N Y N 146 
HIS OXT  O N N 147 
HIS H    H N N 148 
HIS H2   H N N 149 
HIS HA   H N N 150 
HIS HB2  H N N 151 
HIS HB3  H N N 152 
HIS HD1  H N N 153 
HIS HD2  H N N 154 
HIS HE1  H N N 155 
HIS HE2  H N N 156 
HIS HXT  H N N 157 
HOH O    O N N 158 
HOH H1   H N N 159 
HOH H2   H N N 160 
ILE N    N N N 161 
ILE CA   C N S 162 
ILE C    C N N 163 
ILE O    O N N 164 
ILE CB   C N S 165 
ILE CG1  C N N 166 
ILE CG2  C N N 167 
ILE CD1  C N N 168 
ILE OXT  O N N 169 
ILE H    H N N 170 
ILE H2   H N N 171 
ILE HA   H N N 172 
ILE HB   H N N 173 
ILE HG12 H N N 174 
ILE HG13 H N N 175 
ILE HG21 H N N 176 
ILE HG22 H N N 177 
ILE HG23 H N N 178 
ILE HD11 H N N 179 
ILE HD12 H N N 180 
ILE HD13 H N N 181 
ILE HXT  H N N 182 
LEU N    N N N 183 
LEU CA   C N S 184 
LEU C    C N N 185 
LEU O    O N N 186 
LEU CB   C N N 187 
LEU CG   C N N 188 
LEU CD1  C N N 189 
LEU CD2  C N N 190 
LEU OXT  O N N 191 
LEU H    H N N 192 
LEU H2   H N N 193 
LEU HA   H N N 194 
LEU HB2  H N N 195 
LEU HB3  H N N 196 
LEU HG   H N N 197 
LEU HD11 H N N 198 
LEU HD12 H N N 199 
LEU HD13 H N N 200 
LEU HD21 H N N 201 
LEU HD22 H N N 202 
LEU HD23 H N N 203 
LEU HXT  H N N 204 
LYS N    N N N 205 
LYS CA   C N S 206 
LYS C    C N N 207 
LYS O    O N N 208 
LYS CB   C N N 209 
LYS CG   C N N 210 
LYS CD   C N N 211 
LYS CE   C N N 212 
LYS NZ   N N N 213 
LYS OXT  O N N 214 
LYS H    H N N 215 
LYS H2   H N N 216 
LYS HA   H N N 217 
LYS HB2  H N N 218 
LYS HB3  H N N 219 
LYS HG2  H N N 220 
LYS HG3  H N N 221 
LYS HD2  H N N 222 
LYS HD3  H N N 223 
LYS HE2  H N N 224 
LYS HE3  H N N 225 
LYS HZ1  H N N 226 
LYS HZ2  H N N 227 
LYS HZ3  H N N 228 
LYS HXT  H N N 229 
M3I CAA  C N N 230 
M3I NAB  N N N 231 
M3I CAC  C Y N 232 
M3I NAD  N Y N 233 
M3I OAE  O Y N 234 
M3I CAF  C Y N 235 
M3I CAG  C Y N 236 
M3I HAA  H N N 237 
M3I HAAA H N N 238 
M3I HAAB H N N 239 
M3I HNAB H N N 240 
M3I HNAA H N N 241 
M3I HAC  H N N 242 
MET N    N N N 243 
MET CA   C N S 244 
MET C    C N N 245 
MET O    O N N 246 
MET CB   C N N 247 
MET CG   C N N 248 
MET SD   S N N 249 
MET CE   C N N 250 
MET OXT  O N N 251 
MET H    H N N 252 
MET H2   H N N 253 
MET HA   H N N 254 
MET HB2  H N N 255 
MET HB3  H N N 256 
MET HG2  H N N 257 
MET HG3  H N N 258 
MET HE1  H N N 259 
MET HE2  H N N 260 
MET HE3  H N N 261 
MET HXT  H N N 262 
PHE N    N N N 263 
PHE CA   C N S 264 
PHE C    C N N 265 
PHE O    O N N 266 
PHE CB   C N N 267 
PHE CG   C Y N 268 
PHE CD1  C Y N 269 
PHE CD2  C Y N 270 
PHE CE1  C Y N 271 
PHE CE2  C Y N 272 
PHE CZ   C Y N 273 
PHE OXT  O N N 274 
PHE H    H N N 275 
PHE H2   H N N 276 
PHE HA   H N N 277 
PHE HB2  H N N 278 
PHE HB3  H N N 279 
PHE HD1  H N N 280 
PHE HD2  H N N 281 
PHE HE1  H N N 282 
PHE HE2  H N N 283 
PHE HZ   H N N 284 
PHE HXT  H N N 285 
PRO N    N N N 286 
PRO CA   C N S 287 
PRO C    C N N 288 
PRO O    O N N 289 
PRO CB   C N N 290 
PRO CG   C N N 291 
PRO CD   C N N 292 
PRO OXT  O N N 293 
PRO H    H N N 294 
PRO HA   H N N 295 
PRO HB2  H N N 296 
PRO HB3  H N N 297 
PRO HG2  H N N 298 
PRO HG3  H N N 299 
PRO HD2  H N N 300 
PRO HD3  H N N 301 
PRO HXT  H N N 302 
SER N    N N N 303 
SER CA   C N S 304 
SER C    C N N 305 
SER O    O N N 306 
SER CB   C N N 307 
SER OG   O N N 308 
SER OXT  O N N 309 
SER H    H N N 310 
SER H2   H N N 311 
SER HA   H N N 312 
SER HB2  H N N 313 
SER HB3  H N N 314 
SER HG   H N N 315 
SER HXT  H N N 316 
THR N    N N N 317 
THR CA   C N S 318 
THR C    C N N 319 
THR O    O N N 320 
THR CB   C N R 321 
THR OG1  O N N 322 
THR CG2  C N N 323 
THR OXT  O N N 324 
THR H    H N N 325 
THR H2   H N N 326 
THR HA   H N N 327 
THR HB   H N N 328 
THR HG1  H N N 329 
THR HG21 H N N 330 
THR HG22 H N N 331 
THR HG23 H N N 332 
THR HXT  H N N 333 
TRP N    N N N 334 
TRP CA   C N S 335 
TRP C    C N N 336 
TRP O    O N N 337 
TRP CB   C N N 338 
TRP CG   C Y N 339 
TRP CD1  C Y N 340 
TRP CD2  C Y N 341 
TRP NE1  N Y N 342 
TRP CE2  C Y N 343 
TRP CE3  C Y N 344 
TRP CZ2  C Y N 345 
TRP CZ3  C Y N 346 
TRP CH2  C Y N 347 
TRP OXT  O N N 348 
TRP H    H N N 349 
TRP H2   H N N 350 
TRP HA   H N N 351 
TRP HB2  H N N 352 
TRP HB3  H N N 353 
TRP HD1  H N N 354 
TRP HE1  H N N 355 
TRP HE3  H N N 356 
TRP HZ2  H N N 357 
TRP HZ3  H N N 358 
TRP HH2  H N N 359 
TRP HXT  H N N 360 
TYR N    N N N 361 
TYR CA   C N S 362 
TYR C    C N N 363 
TYR O    O N N 364 
TYR CB   C N N 365 
TYR CG   C Y N 366 
TYR CD1  C Y N 367 
TYR CD2  C Y N 368 
TYR CE1  C Y N 369 
TYR CE2  C Y N 370 
TYR CZ   C Y N 371 
TYR OH   O N N 372 
TYR OXT  O N N 373 
TYR H    H N N 374 
TYR H2   H N N 375 
TYR HA   H N N 376 
TYR HB2  H N N 377 
TYR HB3  H N N 378 
TYR HD1  H N N 379 
TYR HD2  H N N 380 
TYR HE1  H N N 381 
TYR HE2  H N N 382 
TYR HH   H N N 383 
TYR HXT  H N N 384 
VAL N    N N N 385 
VAL CA   C N S 386 
VAL C    C N N 387 
VAL O    O N N 388 
VAL CB   C N N 389 
VAL CG1  C N N 390 
VAL CG2  C N N 391 
VAL OXT  O N N 392 
VAL H    H N N 393 
VAL H2   H N N 394 
VAL HA   H N N 395 
VAL HB   H N N 396 
VAL HG11 H N N 397 
VAL HG12 H N N 398 
VAL HG13 H N N 399 
VAL HG21 H N N 400 
VAL HG22 H N N 401 
VAL HG23 H N N 402 
VAL HXT  H N N 403 
# 
loop_
_chem_comp_bond.comp_id 
_chem_comp_bond.atom_id_1 
_chem_comp_bond.atom_id_2 
_chem_comp_bond.value_order 
_chem_comp_bond.pdbx_aromatic_flag 
_chem_comp_bond.pdbx_stereo_config 
_chem_comp_bond.pdbx_ordinal 
ALA N   CA   sing N N 1   
ALA N   H    sing N N 2   
ALA N   H2   sing N N 3   
ALA CA  C    sing N N 4   
ALA CA  CB   sing N N 5   
ALA CA  HA   sing N N 6   
ALA C   O    doub N N 7   
ALA C   OXT  sing N N 8   
ALA CB  HB1  sing N N 9   
ALA CB  HB2  sing N N 10  
ALA CB  HB3  sing N N 11  
ALA OXT HXT  sing N N 12  
ARG N   CA   sing N N 13  
ARG N   H    sing N N 14  
ARG N   H2   sing N N 15  
ARG CA  C    sing N N 16  
ARG CA  CB   sing N N 17  
ARG CA  HA   sing N N 18  
ARG C   O    doub N N 19  
ARG C   OXT  sing N N 20  
ARG CB  CG   sing N N 21  
ARG CB  HB2  sing N N 22  
ARG CB  HB3  sing N N 23  
ARG CG  CD   sing N N 24  
ARG CG  HG2  sing N N 25  
ARG CG  HG3  sing N N 26  
ARG CD  NE   sing N N 27  
ARG CD  HD2  sing N N 28  
ARG CD  HD3  sing N N 29  
ARG NE  CZ   sing N N 30  
ARG NE  HE   sing N N 31  
ARG CZ  NH1  sing N N 32  
ARG CZ  NH2  doub N N 33  
ARG NH1 HH11 sing N N 34  
ARG NH1 HH12 sing N N 35  
ARG NH2 HH21 sing N N 36  
ARG NH2 HH22 sing N N 37  
ARG OXT HXT  sing N N 38  
ASN N   CA   sing N N 39  
ASN N   H    sing N N 40  
ASN N   H2   sing N N 41  
ASN CA  C    sing N N 42  
ASN CA  CB   sing N N 43  
ASN CA  HA   sing N N 44  
ASN C   O    doub N N 45  
ASN C   OXT  sing N N 46  
ASN CB  CG   sing N N 47  
ASN CB  HB2  sing N N 48  
ASN CB  HB3  sing N N 49  
ASN CG  OD1  doub N N 50  
ASN CG  ND2  sing N N 51  
ASN ND2 HD21 sing N N 52  
ASN ND2 HD22 sing N N 53  
ASN OXT HXT  sing N N 54  
ASP N   CA   sing N N 55  
ASP N   H    sing N N 56  
ASP N   H2   sing N N 57  
ASP CA  C    sing N N 58  
ASP CA  CB   sing N N 59  
ASP CA  HA   sing N N 60  
ASP C   O    doub N N 61  
ASP C   OXT  sing N N 62  
ASP CB  CG   sing N N 63  
ASP CB  HB2  sing N N 64  
ASP CB  HB3  sing N N 65  
ASP CG  OD1  doub N N 66  
ASP CG  OD2  sing N N 67  
ASP OD2 HD2  sing N N 68  
ASP OXT HXT  sing N N 69  
CYS N   CA   sing N N 70  
CYS N   H    sing N N 71  
CYS N   H2   sing N N 72  
CYS CA  C    sing N N 73  
CYS CA  CB   sing N N 74  
CYS CA  HA   sing N N 75  
CYS C   O    doub N N 76  
CYS C   OXT  sing N N 77  
CYS CB  SG   sing N N 78  
CYS CB  HB2  sing N N 79  
CYS CB  HB3  sing N N 80  
CYS SG  HG   sing N N 81  
CYS OXT HXT  sing N N 82  
GLN N   CA   sing N N 83  
GLN N   H    sing N N 84  
GLN N   H2   sing N N 85  
GLN CA  C    sing N N 86  
GLN CA  CB   sing N N 87  
GLN CA  HA   sing N N 88  
GLN C   O    doub N N 89  
GLN C   OXT  sing N N 90  
GLN CB  CG   sing N N 91  
GLN CB  HB2  sing N N 92  
GLN CB  HB3  sing N N 93  
GLN CG  CD   sing N N 94  
GLN CG  HG2  sing N N 95  
GLN CG  HG3  sing N N 96  
GLN CD  OE1  doub N N 97  
GLN CD  NE2  sing N N 98  
GLN NE2 HE21 sing N N 99  
GLN NE2 HE22 sing N N 100 
GLN OXT HXT  sing N N 101 
GLU N   CA   sing N N 102 
GLU N   H    sing N N 103 
GLU N   H2   sing N N 104 
GLU CA  C    sing N N 105 
GLU CA  CB   sing N N 106 
GLU CA  HA   sing N N 107 
GLU C   O    doub N N 108 
GLU C   OXT  sing N N 109 
GLU CB  CG   sing N N 110 
GLU CB  HB2  sing N N 111 
GLU CB  HB3  sing N N 112 
GLU CG  CD   sing N N 113 
GLU CG  HG2  sing N N 114 
GLU CG  HG3  sing N N 115 
GLU CD  OE1  doub N N 116 
GLU CD  OE2  sing N N 117 
GLU OE2 HE2  sing N N 118 
GLU OXT HXT  sing N N 119 
GLY N   CA   sing N N 120 
GLY N   H    sing N N 121 
GLY N   H2   sing N N 122 
GLY CA  C    sing N N 123 
GLY CA  HA2  sing N N 124 
GLY CA  HA3  sing N N 125 
GLY C   O    doub N N 126 
GLY C   OXT  sing N N 127 
GLY OXT HXT  sing N N 128 
HIS N   CA   sing N N 129 
HIS N   H    sing N N 130 
HIS N   H2   sing N N 131 
HIS CA  C    sing N N 132 
HIS CA  CB   sing N N 133 
HIS CA  HA   sing N N 134 
HIS C   O    doub N N 135 
HIS C   OXT  sing N N 136 
HIS CB  CG   sing N N 137 
HIS CB  HB2  sing N N 138 
HIS CB  HB3  sing N N 139 
HIS CG  ND1  sing Y N 140 
HIS CG  CD2  doub Y N 141 
HIS ND1 CE1  doub Y N 142 
HIS ND1 HD1  sing N N 143 
HIS CD2 NE2  sing Y N 144 
HIS CD2 HD2  sing N N 145 
HIS CE1 NE2  sing Y N 146 
HIS CE1 HE1  sing N N 147 
HIS NE2 HE2  sing N N 148 
HIS OXT HXT  sing N N 149 
HOH O   H1   sing N N 150 
HOH O   H2   sing N N 151 
ILE N   CA   sing N N 152 
ILE N   H    sing N N 153 
ILE N   H2   sing N N 154 
ILE CA  C    sing N N 155 
ILE CA  CB   sing N N 156 
ILE CA  HA   sing N N 157 
ILE C   O    doub N N 158 
ILE C   OXT  sing N N 159 
ILE CB  CG1  sing N N 160 
ILE CB  CG2  sing N N 161 
ILE CB  HB   sing N N 162 
ILE CG1 CD1  sing N N 163 
ILE CG1 HG12 sing N N 164 
ILE CG1 HG13 sing N N 165 
ILE CG2 HG21 sing N N 166 
ILE CG2 HG22 sing N N 167 
ILE CG2 HG23 sing N N 168 
ILE CD1 HD11 sing N N 169 
ILE CD1 HD12 sing N N 170 
ILE CD1 HD13 sing N N 171 
ILE OXT HXT  sing N N 172 
LEU N   CA   sing N N 173 
LEU N   H    sing N N 174 
LEU N   H2   sing N N 175 
LEU CA  C    sing N N 176 
LEU CA  CB   sing N N 177 
LEU CA  HA   sing N N 178 
LEU C   O    doub N N 179 
LEU C   OXT  sing N N 180 
LEU CB  CG   sing N N 181 
LEU CB  HB2  sing N N 182 
LEU CB  HB3  sing N N 183 
LEU CG  CD1  sing N N 184 
LEU CG  CD2  sing N N 185 
LEU CG  HG   sing N N 186 
LEU CD1 HD11 sing N N 187 
LEU CD1 HD12 sing N N 188 
LEU CD1 HD13 sing N N 189 
LEU CD2 HD21 sing N N 190 
LEU CD2 HD22 sing N N 191 
LEU CD2 HD23 sing N N 192 
LEU OXT HXT  sing N N 193 
LYS N   CA   sing N N 194 
LYS N   H    sing N N 195 
LYS N   H2   sing N N 196 
LYS CA  C    sing N N 197 
LYS CA  CB   sing N N 198 
LYS CA  HA   sing N N 199 
LYS C   O    doub N N 200 
LYS C   OXT  sing N N 201 
LYS CB  CG   sing N N 202 
LYS CB  HB2  sing N N 203 
LYS CB  HB3  sing N N 204 
LYS CG  CD   sing N N 205 
LYS CG  HG2  sing N N 206 
LYS CG  HG3  sing N N 207 
LYS CD  CE   sing N N 208 
LYS CD  HD2  sing N N 209 
LYS CD  HD3  sing N N 210 
LYS CE  NZ   sing N N 211 
LYS CE  HE2  sing N N 212 
LYS CE  HE3  sing N N 213 
LYS NZ  HZ1  sing N N 214 
LYS NZ  HZ2  sing N N 215 
LYS NZ  HZ3  sing N N 216 
LYS OXT HXT  sing N N 217 
M3I CAA CAG  sing N N 218 
M3I CAA HAA  sing N N 219 
M3I CAA HAAA sing N N 220 
M3I CAA HAAB sing N N 221 
M3I NAB CAF  sing N N 222 
M3I NAB HNAB sing N N 223 
M3I NAB HNAA sing N N 224 
M3I CAC CAG  doub Y N 225 
M3I CAC CAF  sing Y N 226 
M3I CAC HAC  sing N N 227 
M3I CAF NAD  doub Y N 228 
M3I OAE NAD  sing Y N 229 
M3I CAG OAE  sing Y N 230 
MET N   CA   sing N N 231 
MET N   H    sing N N 232 
MET N   H2   sing N N 233 
MET CA  C    sing N N 234 
MET CA  CB   sing N N 235 
MET CA  HA   sing N N 236 
MET C   O    doub N N 237 
MET C   OXT  sing N N 238 
MET CB  CG   sing N N 239 
MET CB  HB2  sing N N 240 
MET CB  HB3  sing N N 241 
MET CG  SD   sing N N 242 
MET CG  HG2  sing N N 243 
MET CG  HG3  sing N N 244 
MET SD  CE   sing N N 245 
MET CE  HE1  sing N N 246 
MET CE  HE2  sing N N 247 
MET CE  HE3  sing N N 248 
MET OXT HXT  sing N N 249 
PHE N   CA   sing N N 250 
PHE N   H    sing N N 251 
PHE N   H2   sing N N 252 
PHE CA  C    sing N N 253 
PHE CA  CB   sing N N 254 
PHE CA  HA   sing N N 255 
PHE C   O    doub N N 256 
PHE C   OXT  sing N N 257 
PHE CB  CG   sing N N 258 
PHE CB  HB2  sing N N 259 
PHE CB  HB3  sing N N 260 
PHE CG  CD1  doub Y N 261 
PHE CG  CD2  sing Y N 262 
PHE CD1 CE1  sing Y N 263 
PHE CD1 HD1  sing N N 264 
PHE CD2 CE2  doub Y N 265 
PHE CD2 HD2  sing N N 266 
PHE CE1 CZ   doub Y N 267 
PHE CE1 HE1  sing N N 268 
PHE CE2 CZ   sing Y N 269 
PHE CE2 HE2  sing N N 270 
PHE CZ  HZ   sing N N 271 
PHE OXT HXT  sing N N 272 
PRO N   CA   sing N N 273 
PRO N   CD   sing N N 274 
PRO N   H    sing N N 275 
PRO CA  C    sing N N 276 
PRO CA  CB   sing N N 277 
PRO CA  HA   sing N N 278 
PRO C   O    doub N N 279 
PRO C   OXT  sing N N 280 
PRO CB  CG   sing N N 281 
PRO CB  HB2  sing N N 282 
PRO CB  HB3  sing N N 283 
PRO CG  CD   sing N N 284 
PRO CG  HG2  sing N N 285 
PRO CG  HG3  sing N N 286 
PRO CD  HD2  sing N N 287 
PRO CD  HD3  sing N N 288 
PRO OXT HXT  sing N N 289 
SER N   CA   sing N N 290 
SER N   H    sing N N 291 
SER N   H2   sing N N 292 
SER CA  C    sing N N 293 
SER CA  CB   sing N N 294 
SER CA  HA   sing N N 295 
SER C   O    doub N N 296 
SER C   OXT  sing N N 297 
SER CB  OG   sing N N 298 
SER CB  HB2  sing N N 299 
SER CB  HB3  sing N N 300 
SER OG  HG   sing N N 301 
SER OXT HXT  sing N N 302 
THR N   CA   sing N N 303 
THR N   H    sing N N 304 
THR N   H2   sing N N 305 
THR CA  C    sing N N 306 
THR CA  CB   sing N N 307 
THR CA  HA   sing N N 308 
THR C   O    doub N N 309 
THR C   OXT  sing N N 310 
THR CB  OG1  sing N N 311 
THR CB  CG2  sing N N 312 
THR CB  HB   sing N N 313 
THR OG1 HG1  sing N N 314 
THR CG2 HG21 sing N N 315 
THR CG2 HG22 sing N N 316 
THR CG2 HG23 sing N N 317 
THR OXT HXT  sing N N 318 
TRP N   CA   sing N N 319 
TRP N   H    sing N N 320 
TRP N   H2   sing N N 321 
TRP CA  C    sing N N 322 
TRP CA  CB   sing N N 323 
TRP CA  HA   sing N N 324 
TRP C   O    doub N N 325 
TRP C   OXT  sing N N 326 
TRP CB  CG   sing N N 327 
TRP CB  HB2  sing N N 328 
TRP CB  HB3  sing N N 329 
TRP CG  CD1  doub Y N 330 
TRP CG  CD2  sing Y N 331 
TRP CD1 NE1  sing Y N 332 
TRP CD1 HD1  sing N N 333 
TRP CD2 CE2  doub Y N 334 
TRP CD2 CE3  sing Y N 335 
TRP NE1 CE2  sing Y N 336 
TRP NE1 HE1  sing N N 337 
TRP CE2 CZ2  sing Y N 338 
TRP CE3 CZ3  doub Y N 339 
TRP CE3 HE3  sing N N 340 
TRP CZ2 CH2  doub Y N 341 
TRP CZ2 HZ2  sing N N 342 
TRP CZ3 CH2  sing Y N 343 
TRP CZ3 HZ3  sing N N 344 
TRP CH2 HH2  sing N N 345 
TRP OXT HXT  sing N N 346 
TYR N   CA   sing N N 347 
TYR N   H    sing N N 348 
TYR N   H2   sing N N 349 
TYR CA  C    sing N N 350 
TYR CA  CB   sing N N 351 
TYR CA  HA   sing N N 352 
TYR C   O    doub N N 353 
TYR C   OXT  sing N N 354 
TYR CB  CG   sing N N 355 
TYR CB  HB2  sing N N 356 
TYR CB  HB3  sing N N 357 
TYR CG  CD1  doub Y N 358 
TYR CG  CD2  sing Y N 359 
TYR CD1 CE1  sing Y N 360 
TYR CD1 HD1  sing N N 361 
TYR CD2 CE2  doub Y N 362 
TYR CD2 HD2  sing N N 363 
TYR CE1 CZ   doub Y N 364 
TYR CE1 HE1  sing N N 365 
TYR CE2 CZ   sing Y N 366 
TYR CE2 HE2  sing N N 367 
TYR CZ  OH   sing N N 368 
TYR OH  HH   sing N N 369 
TYR OXT HXT  sing N N 370 
VAL N   CA   sing N N 371 
VAL N   H    sing N N 372 
VAL N   H2   sing N N 373 
VAL CA  C    sing N N 374 
VAL CA  CB   sing N N 375 
VAL CA  HA   sing N N 376 
VAL C   O    doub N N 377 
VAL C   OXT  sing N N 378 
VAL CB  CG1  sing N N 379 
VAL CB  CG2  sing N N 380 
VAL CB  HB   sing N N 381 
VAL CG1 HG11 sing N N 382 
VAL CG1 HG12 sing N N 383 
VAL CG1 HG13 sing N N 384 
VAL CG2 HG21 sing N N 385 
VAL CG2 HG22 sing N N 386 
VAL CG2 HG23 sing N N 387 
VAL OXT HXT  sing N N 388 
# 
loop_
_pdbx_entity_nonpoly.entity_id 
_pdbx_entity_nonpoly.name 
_pdbx_entity_nonpoly.comp_id 
2 5-methyl-1,2-oxazol-3-amine M3I 
3 water                       HOH 
# 
_pdbx_initial_refinement_model.id               1 
_pdbx_initial_refinement_model.entity_id_list   ? 
_pdbx_initial_refinement_model.type             'experimental model' 
_pdbx_initial_refinement_model.source_name      PDB 
_pdbx_initial_refinement_model.accession_code   2BIT 
_pdbx_initial_refinement_model.details          'PDB ENTRY 2BIT' 
# 
